data_7PG6
#
_entry.id   7PG6
#
_cell.length_a   104.87
_cell.length_b   105.19
_cell.length_c   135.74
_cell.angle_alpha   90.0
_cell.angle_beta   90.0
_cell.angle_gamma   90.0
#
_symmetry.space_group_name_H-M   'P 21 21 21'
#
loop_
_entity.id
_entity.type
_entity.pdbx_description
1 polymer 'Phosphatidylinositol 4,5-bisphosphate 3-kinase catalytic subunit alpha isoform'
2 polymer 'Phosphatidylinositol 3-kinase regulatory subunit alpha'
3 non-polymer (2S)-N~1~-{4-methyl-5-[2-(1,1,1-trifluoro-2-methylpropan-2-yl)pyridin-4-yl]-1,3-thiazol-2-yl}pyrrolidine-1,2-dicarboxamide
4 non-polymer 'SODIUM ION'
5 water water
#
loop_
_entity_poly.entity_id
_entity_poly.type
_entity_poly.pdbx_seq_one_letter_code
_entity_poly.pdbx_strand_id
1 'polypeptide(L)'
;MPPRPSSGELWGIHLMPPRILVECLLPNGMIVTLECLREATLITIKHELFKEARKYPLHQLLQDESSYIFVSVTQEAERE
EFFDETRRLCDLRLFQPFLKVIEPVGNREEKILNREIGFAIGMPVCEFDMVKDPEVQDFRRNILNVCKEAVDLRDLNSPH
SRAMYVYPPNVESSPELPKHIYNKLDKGQIIVVIWVIVSPNNDKQKYTLKINHDCVPEQVIAEAIRKKTRSKKLSSEQLK
LCVLEYQGKYILKVCGCDEYFLEKYPLSQYKYIRSCIMLGRMPNLMLMAKESLYSQLPMDCFTMPSYSRRISTATPYMNG
ETSTKSLWVINSALRIKILCATYVNVNIRDIDKIYVRTGIYHGGEPLCDNVNTQRVPCSNPRWNEWLNYDIYIPDLPRAA
RLCLSICSVKGRKGAKEEHCPLAWGNINLFDYTDTLVSGKMALNLWPVPHGLEDLLNPIGVTGSNPNKETPCLELEFDWF
SSVVKFPDMSVIEEHANWSVSREAGFSYSHAGLSNRLARDNELRENDKEQLKAISTRDPLSEITEQEKDFLWSHRHYCVT
IPEILPKLLLSVKWNSRDEVAQMYCLVKDWPPIKPEQAMELLDCNYPDPMVRGFAVRCLEKYLTDDKLSQYLIQLVQVLK
YEQYLDNLLVRFLLKKALTNQRIGHFFFWHLKSEMHNKTVSQRFGLLLESYCRACGMYLKHLNRQVEAMEKLINLTDILK
QEKKDETQKVQMKFLVEQMRRPDFMDALQGFLSPLNPAHQLGNLRLEECRIMSSAKRPLWLNWENPDIMSELLFQNNEII
FKNGDDLRQDMLTLQIIRIMENIWQNQGLDLRMLPYGCLSIGDCVGLIEVVRNSHTIMQIQCKGGLKGALQFNSHTLHQW
LKDKNKGEIYDAAIDLFTRSCAGYCVATFILGIGDRHNSNIMVKDDGQLFHIDFGHFLDHKKKKFGYKRERVPFVLTQDF
LIVISKGAQECTKTREFERFQEMCYKAYLAIRQHANLFINLFSMMLGSGMPELQSFDDIAYIRKTLALDKTEQEALEYFM
KQMNDAHHGGWTTKMDWIFHTIKQHALN
;
A
2 'polypeptide(L)'
;LPPKPPKPTTVANNGMNNNMSLQDAEWYWGDISREEVNEKLRDTADGTFLVRDASTKMHGDYTLTLRKGGNNKLIKIFHR
DGKYGFSDPLTFSSVVELINHYRNESLAQYNPKLDVKLLYPVSKYQQDQVVKEDNIEAVGKKLHEYNTQFQEKSREYDRL
YEEYTRTSQEIQMKRTAIEAFNETIKIFEEQCQTQERYSKEYIEKFKREGNEKEIQRIMHNYDKLKSRISEIIDSRRRLE
EDLKKQAAEYREIDKRMNSIKPDLIQLRKTRDQYLMWLTQKGVRQKK
;
B
#
# COMPACT_ATOMS: atom_id res chain seq x y z
N PRO A 3 -1.56 8.78 -29.30
CA PRO A 3 -1.53 8.37 -27.88
C PRO A 3 -0.22 8.70 -27.12
N ARG A 4 0.44 9.83 -27.39
CA ARG A 4 1.75 10.12 -26.77
C ARG A 4 2.00 11.54 -26.21
N PRO A 5 1.19 12.02 -25.23
CA PRO A 5 1.61 13.29 -24.62
C PRO A 5 2.86 13.14 -23.73
N SER A 6 3.70 14.18 -23.70
CA SER A 6 5.04 14.09 -23.10
C SER A 6 5.22 14.88 -21.78
N SER A 7 5.90 14.21 -20.84
CA SER A 7 6.01 14.61 -19.43
C SER A 7 7.28 15.41 -19.03
N GLY A 8 8.09 15.79 -20.01
CA GLY A 8 9.51 16.09 -19.83
C GLY A 8 9.99 17.47 -19.41
N GLU A 9 11.15 17.85 -19.92
CA GLU A 9 11.69 19.18 -19.75
C GLU A 9 10.76 20.35 -20.20
N LEU A 10 9.87 20.09 -21.15
CA LEU A 10 8.77 21.00 -21.49
C LEU A 10 7.48 20.20 -21.66
N TRP A 11 6.37 20.89 -21.92
CA TRP A 11 5.15 20.15 -22.22
C TRP A 11 5.14 19.66 -23.66
N GLY A 12 4.88 18.36 -23.84
CA GLY A 12 4.86 17.76 -25.16
C GLY A 12 6.23 17.41 -25.74
N ILE A 13 7.27 17.54 -24.93
CA ILE A 13 8.65 17.26 -25.32
C ILE A 13 9.35 16.60 -24.15
N HIS A 14 10.05 15.49 -24.40
CA HIS A 14 10.80 14.82 -23.34
C HIS A 14 12.13 15.51 -23.03
N LEU A 15 12.87 15.88 -24.05
CA LEU A 15 14.16 16.55 -23.82
C LEU A 15 14.30 17.78 -24.68
N MET A 16 14.61 18.91 -24.06
CA MET A 16 15.00 20.10 -24.80
C MET A 16 16.17 19.76 -25.73
N PRO A 17 16.13 20.29 -26.94
CA PRO A 17 17.24 20.25 -27.92
C PRO A 17 18.41 21.06 -27.37
N PRO A 18 19.64 20.81 -27.84
CA PRO A 18 20.85 21.39 -27.23
C PRO A 18 20.82 22.92 -27.15
N ARG A 19 20.22 23.57 -28.14
CA ARG A 19 19.89 25.00 -28.04
C ARG A 19 18.38 25.18 -28.21
N ILE A 20 17.82 26.14 -27.50
CA ILE A 20 16.38 26.38 -27.55
C ILE A 20 16.04 27.88 -27.48
N LEU A 21 15.12 28.33 -28.31
CA LEU A 21 14.70 29.72 -28.23
C LEU A 21 13.78 29.94 -27.04
N VAL A 22 14.07 30.97 -26.25
CA VAL A 22 13.32 31.30 -25.04
C VAL A 22 12.84 32.75 -25.04
N GLU A 23 11.52 32.93 -24.95
CA GLU A 23 10.91 34.27 -24.95
C GLU A 23 11.03 34.91 -23.56
N CYS A 24 11.62 36.10 -23.52
CA CYS A 24 11.79 36.80 -22.25
C CYS A 24 10.93 38.06 -22.15
N LEU A 25 10.07 38.10 -21.12
CA LEU A 25 9.26 39.27 -20.93
C LEU A 25 9.90 40.21 -19.91
N LEU A 26 10.35 41.36 -20.41
CA LEU A 26 10.94 42.43 -19.62
C LEU A 26 9.90 43.26 -18.83
N PRO A 27 10.34 43.96 -17.78
CA PRO A 27 9.45 44.73 -16.93
C PRO A 27 8.92 45.98 -17.63
N ASN A 28 9.55 46.34 -18.74
CA ASN A 28 9.16 47.52 -19.49
C ASN A 28 8.15 47.19 -20.60
N GLY A 29 7.78 45.92 -20.71
CA GLY A 29 6.81 45.51 -21.71
C GLY A 29 7.42 44.85 -22.93
N MET A 30 8.70 45.07 -23.18
CA MET A 30 9.35 44.51 -24.35
C MET A 30 9.45 42.98 -24.28
N ILE A 31 9.50 42.33 -25.44
CA ILE A 31 9.78 40.91 -25.51
C ILE A 31 11.09 40.67 -26.26
N VAL A 32 11.96 39.84 -25.70
CA VAL A 32 13.23 39.53 -26.31
C VAL A 32 13.34 38.02 -26.48
N THR A 33 13.69 37.58 -27.69
CA THR A 33 13.92 36.15 -27.90
C THR A 33 15.40 35.85 -27.79
N LEU A 34 15.72 35.00 -26.83
CA LEU A 34 17.08 34.65 -26.52
C LEU A 34 17.29 33.20 -26.88
N GLU A 35 18.40 32.89 -27.55
CA GLU A 35 18.76 31.49 -27.78
C GLU A 35 19.63 31.01 -26.62
N CYS A 36 19.17 29.98 -25.91
CA CYS A 36 19.89 29.46 -24.76
C CYS A 36 20.35 28.02 -24.88
N LEU A 37 21.45 27.72 -24.21
CA LEU A 37 21.84 26.33 -24.03
C LEU A 37 20.89 25.66 -23.04
N ARG A 38 20.37 24.50 -23.39
CA ARG A 38 19.45 23.79 -22.52
C ARG A 38 19.97 23.56 -21.09
N GLU A 39 21.28 23.50 -20.91
CA GLU A 39 21.82 23.29 -19.56
C GLU A 39 22.28 24.60 -18.90
N ALA A 40 22.11 25.73 -19.59
CA ALA A 40 22.49 27.03 -19.05
C ALA A 40 21.77 27.31 -17.74
N THR A 41 22.43 28.02 -16.81
CA THR A 41 21.74 28.38 -15.59
C THR A 41 20.99 29.72 -15.72
N LEU A 42 20.23 30.07 -14.69
CA LEU A 42 19.47 31.29 -14.76
C LEU A 42 20.36 32.51 -14.59
N ILE A 43 21.47 32.35 -13.85
CA ILE A 43 22.43 33.45 -13.70
C ILE A 43 22.95 33.83 -15.09
N THR A 44 23.30 32.82 -15.87
CA THR A 44 23.83 33.02 -17.20
C THR A 44 22.78 33.59 -18.14
N ILE A 45 21.59 32.99 -18.11
CA ILE A 45 20.51 33.43 -18.98
C ILE A 45 20.07 34.85 -18.65
N LYS A 46 19.98 35.18 -17.37
CA LYS A 46 19.62 36.53 -16.99
C LYS A 46 20.67 37.53 -17.46
N HIS A 47 21.94 37.16 -17.33
CA HIS A 47 23.03 38.06 -17.71
C HIS A 47 23.00 38.31 -19.22
N GLU A 48 22.84 37.25 -20.00
CA GLU A 48 22.74 37.38 -21.45
C GLU A 48 21.57 38.25 -21.85
N LEU A 49 20.45 38.06 -21.17
CA LEU A 49 19.23 38.80 -21.44
C LEU A 49 19.43 40.30 -21.24
N PHE A 50 19.96 40.68 -20.09
CA PHE A 50 20.14 42.11 -19.83
C PHE A 50 21.21 42.75 -20.71
N LYS A 51 22.20 41.97 -21.15
CA LYS A 51 23.15 42.47 -22.16
C LYS A 51 22.42 42.78 -23.46
N GLU A 52 21.57 41.84 -23.88
CA GLU A 52 20.83 41.98 -25.12
C GLU A 52 19.77 43.06 -25.04
N ALA A 53 19.21 43.26 -23.85
CA ALA A 53 18.10 44.20 -23.68
C ALA A 53 18.52 45.64 -23.90
N ARG A 54 19.84 45.88 -23.97
CA ARG A 54 20.38 47.21 -24.27
C ARG A 54 20.06 47.64 -25.68
N LYS A 55 19.74 46.66 -26.52
CA LYS A 55 19.50 46.92 -27.94
C LYS A 55 18.01 47.15 -28.21
N TYR A 56 17.20 47.15 -27.17
CA TYR A 56 15.75 47.22 -27.36
C TYR A 56 15.18 48.51 -26.78
N PRO A 57 14.02 48.95 -27.30
CA PRO A 57 13.40 50.20 -26.86
C PRO A 57 13.06 50.23 -25.37
N LEU A 58 13.04 51.44 -24.81
CA LEU A 58 12.73 51.68 -23.40
C LEU A 58 13.69 51.01 -22.43
N HIS A 59 14.91 50.75 -22.88
CA HIS A 59 15.92 50.12 -22.03
C HIS A 59 16.15 50.86 -20.70
N GLN A 60 16.00 52.19 -20.73
CA GLN A 60 16.39 53.02 -19.59
C GLN A 60 15.56 52.73 -18.34
N LEU A 61 14.34 52.23 -18.55
CA LEU A 61 13.44 51.93 -17.43
C LEU A 61 13.82 50.64 -16.70
N LEU A 62 14.80 49.90 -17.23
CA LEU A 62 15.31 48.69 -16.57
C LEU A 62 16.36 49.01 -15.48
N GLN A 63 16.23 48.37 -14.32
CA GLN A 63 17.17 48.46 -13.21
C GLN A 63 18.37 47.55 -13.41
N ASP A 64 19.19 47.43 -12.36
CA ASP A 64 20.30 46.47 -12.28
C ASP A 64 19.79 45.04 -12.41
N GLU A 65 20.50 44.18 -13.15
CA GLU A 65 19.97 42.85 -13.40
C GLU A 65 19.85 42.04 -12.12
N SER A 66 20.53 42.50 -11.08
CA SER A 66 20.46 41.87 -9.77
C SER A 66 19.26 42.38 -9.00
N SER A 67 18.49 43.28 -9.60
CA SER A 67 17.23 43.74 -9.01
C SER A 67 16.07 42.79 -9.30
N TYR A 68 16.30 41.85 -10.21
CA TYR A 68 15.21 41.00 -10.67
C TYR A 68 15.46 39.50 -10.53
N ILE A 69 14.37 38.74 -10.53
CA ILE A 69 14.43 37.30 -10.74
C ILE A 69 13.53 36.94 -11.90
N PHE A 70 13.47 35.64 -12.21
CA PHE A 70 12.55 35.15 -13.23
C PHE A 70 11.35 34.48 -12.59
N VAL A 71 10.21 34.66 -13.24
CA VAL A 71 8.98 33.95 -12.91
C VAL A 71 8.52 33.22 -14.18
N SER A 72 7.85 32.08 -14.04
CA SER A 72 7.21 31.45 -15.17
C SER A 72 6.17 30.41 -14.78
N VAL A 73 5.48 29.87 -15.78
CA VAL A 73 4.47 28.84 -15.56
C VAL A 73 5.10 27.45 -15.73
N THR A 74 4.90 26.59 -14.74
CA THR A 74 5.41 25.24 -14.76
C THR A 74 4.40 24.23 -15.26
N GLN A 75 4.82 22.99 -15.39
CA GLN A 75 3.96 21.97 -15.96
C GLN A 75 2.83 21.60 -15.01
N GLU A 76 2.95 22.03 -13.76
CA GLU A 76 1.89 21.82 -12.80
C GLU A 76 0.90 23.00 -12.82
N ALA A 77 1.13 23.93 -13.75
CA ALA A 77 0.33 25.15 -13.94
C ALA A 77 0.43 26.16 -12.79
N GLU A 78 1.53 26.10 -12.05
CA GLU A 78 1.83 27.09 -11.03
C GLU A 78 2.71 28.18 -11.60
N ARG A 79 2.44 29.40 -11.20
CA ARG A 79 3.31 30.47 -11.57
C ARG A 79 4.43 30.47 -10.51
N GLU A 80 5.66 30.21 -10.94
CA GLU A 80 6.76 29.95 -10.03
C GLU A 80 7.87 30.96 -10.16
N GLU A 81 8.33 31.46 -9.01
CA GLU A 81 9.35 32.48 -8.95
C GLU A 81 10.69 31.76 -8.76
N PHE A 82 11.71 32.10 -9.54
CA PHE A 82 12.92 31.33 -9.35
C PHE A 82 13.94 32.10 -8.55
N PHE A 83 14.00 31.75 -7.28
CA PHE A 83 14.88 32.40 -6.32
C PHE A 83 16.27 31.79 -6.40
N ASP A 84 16.33 30.49 -6.73
CA ASP A 84 17.62 29.81 -6.87
C ASP A 84 18.01 29.88 -8.34
N GLU A 85 19.00 30.73 -8.61
CA GLU A 85 19.34 31.06 -9.97
C GLU A 85 20.47 30.14 -10.44
N THR A 86 20.91 29.25 -9.56
CA THR A 86 21.90 28.26 -9.97
C THR A 86 21.24 27.11 -10.76
N ARG A 87 19.91 27.00 -10.68
CA ARG A 87 19.20 25.95 -11.41
C ARG A 87 19.30 26.10 -12.93
N ARG A 88 19.45 24.97 -13.61
CA ARG A 88 19.54 24.96 -15.07
C ARG A 88 18.15 25.02 -15.68
N LEU A 89 18.07 25.71 -16.82
CA LEU A 89 16.86 25.85 -17.56
C LEU A 89 16.12 24.52 -17.80
N CYS A 90 16.85 23.48 -18.14
CA CYS A 90 16.22 22.20 -18.47
C CYS A 90 15.62 21.52 -17.26
N ASP A 91 16.00 21.99 -16.07
CA ASP A 91 15.51 21.41 -14.82
C ASP A 91 14.31 22.15 -14.21
N LEU A 92 13.84 23.19 -14.89
CA LEU A 92 12.84 24.09 -14.32
C LEU A 92 11.41 23.55 -14.41
N ARG A 93 11.22 22.55 -15.25
CA ARG A 93 9.89 22.01 -15.54
C ARG A 93 8.96 23.04 -16.14
N LEU A 94 9.51 23.95 -16.95
CA LEU A 94 8.68 24.93 -17.65
C LEU A 94 7.62 24.24 -18.49
N PHE A 95 6.49 24.90 -18.60
CA PHE A 95 5.41 24.46 -19.50
C PHE A 95 5.75 24.82 -20.94
N GLN A 96 6.20 26.05 -21.14
CA GLN A 96 6.64 26.57 -22.44
C GLN A 96 7.93 27.36 -22.23
N PRO A 97 8.75 27.51 -23.27
CA PRO A 97 10.04 28.17 -23.07
C PRO A 97 9.96 29.68 -23.02
N PHE A 98 9.44 30.24 -21.94
CA PHE A 98 9.46 31.70 -21.75
C PHE A 98 9.76 32.03 -20.30
N LEU A 99 10.31 33.20 -20.07
CA LEU A 99 10.58 33.65 -18.71
C LEU A 99 10.16 35.11 -18.56
N LYS A 100 9.56 35.43 -17.41
CA LYS A 100 9.11 36.79 -17.13
C LYS A 100 9.95 37.42 -16.05
N VAL A 101 10.44 38.62 -16.32
CA VAL A 101 11.28 39.34 -15.38
C VAL A 101 10.43 40.11 -14.36
N ILE A 102 10.60 39.80 -13.07
CA ILE A 102 9.92 40.55 -12.02
C ILE A 102 10.82 40.96 -10.87
N GLU A 103 10.33 41.86 -10.04
CA GLU A 103 11.01 42.20 -8.81
C GLU A 103 10.47 41.33 -7.70
N PRO A 104 11.36 40.64 -7.01
CA PRO A 104 10.94 39.70 -5.99
C PRO A 104 10.22 40.39 -4.83
N VAL A 105 9.13 39.79 -4.39
CA VAL A 105 8.31 40.34 -3.32
C VAL A 105 7.84 39.23 -2.39
N GLY A 106 7.26 39.61 -1.27
CA GLY A 106 6.63 38.67 -0.36
C GLY A 106 7.62 37.98 0.54
N ASN A 107 7.20 36.85 1.10
CA ASN A 107 8.02 36.20 2.11
C ASN A 107 8.93 35.22 1.38
N ARG A 108 10.21 35.53 1.32
CA ARG A 108 11.11 34.85 0.41
C ARG A 108 11.41 33.46 0.94
N GLU A 109 11.74 33.38 2.23
CA GLU A 109 12.02 32.10 2.88
C GLU A 109 10.82 31.15 2.83
N GLU A 110 9.62 31.68 2.99
CA GLU A 110 8.46 30.81 2.98
C GLU A 110 8.18 30.33 1.56
N LYS A 111 8.38 31.21 0.57
CA LYS A 111 8.14 30.88 -0.82
C LYS A 111 9.06 29.80 -1.29
N ILE A 112 10.30 29.86 -0.79
CA ILE A 112 11.35 28.91 -1.11
C ILE A 112 11.09 27.58 -0.43
N LEU A 113 10.78 27.61 0.86
CA LEU A 113 10.37 26.38 1.55
C LEU A 113 9.18 25.70 0.86
N ASN A 114 8.13 26.46 0.53
CA ASN A 114 6.94 25.86 -0.07
C ASN A 114 7.24 25.19 -1.42
N ARG A 115 8.19 25.76 -2.18
CA ARG A 115 8.54 25.19 -3.48
C ARG A 115 9.25 23.83 -3.28
N GLU A 116 10.15 23.79 -2.31
CA GLU A 116 10.85 22.58 -1.93
C GLU A 116 9.87 21.53 -1.47
N ILE A 117 8.90 21.92 -0.65
CA ILE A 117 7.85 21.00 -0.22
C ILE A 117 7.03 20.48 -1.42
N GLY A 118 6.59 21.41 -2.27
CA GLY A 118 5.76 21.04 -3.40
C GLY A 118 6.48 20.17 -4.39
N PHE A 119 7.79 20.37 -4.50
CA PHE A 119 8.62 19.53 -5.33
C PHE A 119 8.67 18.12 -4.76
N ALA A 120 8.81 18.01 -3.44
CA ALA A 120 8.93 16.69 -2.85
C ALA A 120 7.66 15.89 -3.03
N ILE A 121 6.52 16.51 -2.80
CA ILE A 121 5.25 15.79 -2.72
C ILE A 121 4.52 15.70 -4.07
N GLY A 122 5.06 16.35 -5.08
CA GLY A 122 4.47 16.27 -6.43
C GLY A 122 3.21 17.09 -6.62
N MET A 123 3.17 18.28 -6.06
CA MET A 123 1.96 19.11 -6.10
C MET A 123 2.25 20.44 -5.44
N PRO A 124 1.79 21.52 -6.07
CA PRO A 124 2.05 22.86 -5.52
C PRO A 124 1.23 23.05 -4.26
N VAL A 125 1.80 23.56 -3.18
CA VAL A 125 1.04 23.62 -1.94
C VAL A 125 0.06 24.78 -1.96
N CYS A 126 0.14 25.65 -2.97
CA CYS A 126 -0.85 26.73 -3.07
C CYS A 126 -2.25 26.14 -3.25
N GLU A 127 -2.34 24.97 -3.88
CA GLU A 127 -3.63 24.30 -4.11
C GLU A 127 -4.42 24.08 -2.81
N PHE A 128 -3.70 23.82 -1.74
CA PHE A 128 -4.28 23.69 -0.41
C PHE A 128 -4.93 24.99 0.09
N ASP A 129 -4.29 26.12 -0.17
CA ASP A 129 -4.82 27.42 0.27
C ASP A 129 -6.16 27.68 -0.39
N MET A 130 -6.34 27.14 -1.60
CA MET A 130 -7.57 27.30 -2.37
C MET A 130 -8.75 26.61 -1.71
N VAL A 131 -8.58 25.35 -1.32
CA VAL A 131 -9.68 24.46 -0.96
C VAL A 131 -10.66 25.04 0.07
N LYS A 132 -11.94 24.93 -0.21
CA LYS A 132 -13.01 25.45 0.64
C LYS A 132 -13.40 24.61 1.86
N ASP A 133 -13.18 23.30 1.80
CA ASP A 133 -13.64 22.39 2.85
C ASP A 133 -13.04 22.76 4.21
N PRO A 134 -13.93 23.04 5.20
CA PRO A 134 -13.52 23.34 6.58
C PRO A 134 -12.61 22.27 7.15
N GLU A 135 -12.93 21.01 6.90
CA GLU A 135 -12.12 19.90 7.40
C GLU A 135 -10.64 19.99 6.95
N VAL A 136 -10.41 20.40 5.70
CA VAL A 136 -9.04 20.49 5.19
C VAL A 136 -8.23 21.55 5.94
N GLN A 137 -8.74 22.78 5.98
CA GLN A 137 -8.02 23.87 6.64
C GLN A 137 -7.80 23.59 8.10
N ASP A 138 -8.78 22.95 8.74
CA ASP A 138 -8.67 22.54 10.14
C ASP A 138 -7.52 21.56 10.30
N PHE A 139 -7.40 20.65 9.34
CA PHE A 139 -6.34 19.67 9.41
C PHE A 139 -4.98 20.35 9.34
N ARG A 140 -4.80 21.18 8.31
CA ARG A 140 -3.49 21.80 8.10
C ARG A 140 -3.10 22.56 9.32
N ARG A 141 -4.06 23.19 9.99
CA ARG A 141 -3.71 23.94 11.23
C ARG A 141 -3.41 23.06 12.42
N ASN A 142 -4.29 22.12 12.72
CA ASN A 142 -4.18 21.38 13.97
C ASN A 142 -2.99 20.42 13.96
N ILE A 143 -2.66 19.92 12.76
CA ILE A 143 -1.58 18.95 12.66
C ILE A 143 -0.24 19.61 13.04
N LEU A 144 -0.17 20.94 12.93
CA LEU A 144 1.01 21.69 13.33
C LEU A 144 1.37 21.45 14.81
N ASN A 145 0.38 21.13 15.63
CA ASN A 145 0.66 20.75 17.01
C ASN A 145 1.60 19.56 17.09
N VAL A 146 1.39 18.61 16.17
CA VAL A 146 2.12 17.36 16.19
C VAL A 146 3.52 17.68 15.70
N CYS A 147 3.61 18.60 14.75
CA CYS A 147 4.90 18.95 14.20
C CYS A 147 5.75 19.61 15.29
N LYS A 148 5.15 20.54 16.03
CA LYS A 148 5.88 21.27 17.06
C LYS A 148 6.24 20.36 18.20
N GLU A 149 5.31 19.50 18.58
CA GLU A 149 5.60 18.51 19.63
C GLU A 149 6.86 17.70 19.28
N ALA A 150 6.93 17.15 18.08
CA ALA A 150 8.07 16.32 17.68
C ALA A 150 9.39 17.09 17.57
N VAL A 151 9.34 18.26 16.97
CA VAL A 151 10.54 19.07 16.79
C VAL A 151 11.10 19.53 18.13
N ASP A 152 10.24 19.73 19.12
CA ASP A 152 10.75 20.10 20.44
C ASP A 152 11.40 18.89 21.09
N LEU A 153 10.77 17.74 20.89
CA LEU A 153 11.23 16.49 21.49
C LEU A 153 12.52 15.99 20.83
N ARG A 154 12.90 16.70 19.76
CA ARG A 154 14.07 16.38 18.98
C ARG A 154 15.26 17.19 19.54
N ASP A 155 15.17 18.52 19.54
CA ASP A 155 16.22 19.37 20.12
C ASP A 155 16.42 19.28 21.66
N LEU A 156 15.59 18.52 22.38
CA LEU A 156 15.61 18.51 23.86
C LEU A 156 17.03 18.28 24.40
N ASN A 157 17.61 17.16 23.97
CA ASN A 157 18.84 16.60 24.47
C ASN A 157 20.11 16.90 23.66
N SER A 158 20.04 17.86 22.73
CA SER A 158 21.03 18.04 21.65
C SER A 158 22.45 18.04 22.16
N PRO A 159 23.41 17.55 21.35
CA PRO A 159 23.26 16.95 20.02
C PRO A 159 22.68 15.53 20.01
N HIS A 160 22.87 14.77 21.08
CA HIS A 160 22.54 13.33 21.09
C HIS A 160 21.14 13.02 20.55
N SER A 161 20.14 13.75 21.03
CA SER A 161 18.77 13.50 20.60
C SER A 161 18.57 13.81 19.12
N ARG A 162 19.40 14.68 18.56
CA ARG A 162 19.29 14.99 17.15
C ARG A 162 19.93 13.88 16.33
N ALA A 163 21.02 13.32 16.84
CA ALA A 163 21.69 12.17 16.24
C ALA A 163 20.82 10.90 16.28
N MET A 164 20.11 10.74 17.40
CA MET A 164 19.18 9.61 17.52
C MET A 164 18.07 9.70 16.48
N TYR A 165 17.67 10.92 16.14
CA TYR A 165 16.65 11.17 15.12
C TYR A 165 17.18 10.82 13.73
N VAL A 166 18.36 11.33 13.39
CA VAL A 166 18.95 11.13 12.07
C VAL A 166 19.41 9.69 11.91
N TYR A 167 20.08 9.17 12.91
CA TYR A 167 20.67 7.84 12.85
C TYR A 167 20.18 6.98 14.00
N PRO A 168 18.92 6.51 13.92
CA PRO A 168 18.33 5.66 14.95
C PRO A 168 19.03 4.31 15.05
N PRO A 169 18.97 3.67 16.23
CA PRO A 169 19.52 2.32 16.38
C PRO A 169 18.76 1.33 15.53
N ASN A 170 19.43 0.55 14.71
CA ASN A 170 18.69 -0.45 14.00
C ASN A 170 18.79 -1.73 14.80
N VAL A 171 17.70 -2.09 15.47
CA VAL A 171 17.75 -3.18 16.46
C VAL A 171 16.51 -4.09 16.46
N GLU A 172 16.74 -5.31 16.92
CA GLU A 172 15.68 -6.29 17.13
C GLU A 172 14.76 -5.83 18.25
N SER A 173 13.56 -6.40 18.34
CA SER A 173 12.60 -5.91 19.34
C SER A 173 12.85 -6.49 20.74
N SER A 174 13.70 -7.51 20.85
CA SER A 174 14.09 -8.03 22.16
C SER A 174 15.56 -8.49 22.20
N PRO A 175 16.21 -8.35 23.37
CA PRO A 175 17.63 -8.76 23.51
C PRO A 175 17.85 -10.25 23.46
N GLU A 176 16.81 -11.00 23.82
CA GLU A 176 16.91 -12.43 24.03
C GLU A 176 17.39 -13.18 22.80
N LEU A 177 18.35 -14.08 22.98
CA LEU A 177 18.90 -14.83 21.84
C LEU A 177 18.36 -16.24 21.68
N PRO A 178 17.83 -16.52 20.50
CA PRO A 178 17.39 -17.88 20.21
C PRO A 178 18.60 -18.77 20.33
N LYS A 179 18.40 -20.03 20.68
CA LYS A 179 19.55 -20.83 21.03
C LYS A 179 20.36 -21.25 19.81
N HIS A 180 19.80 -21.18 18.61
CA HIS A 180 20.62 -21.51 17.44
C HIS A 180 21.60 -20.35 17.18
N ILE A 181 21.24 -19.17 17.67
CA ILE A 181 22.10 -17.98 17.58
C ILE A 181 23.15 -18.00 18.69
N TYR A 182 22.70 -18.35 19.88
CA TYR A 182 23.57 -18.37 21.04
C TYR A 182 24.68 -19.40 20.89
N ASN A 183 24.34 -20.57 20.36
CA ASN A 183 25.31 -21.65 20.20
C ASN A 183 26.39 -21.29 19.17
N LYS A 184 26.15 -20.25 18.38
CA LYS A 184 27.15 -19.78 17.41
C LYS A 184 28.21 -18.98 18.11
N LEU A 185 27.87 -18.45 19.28
CA LEU A 185 28.79 -17.68 20.08
C LEU A 185 29.83 -18.60 20.71
N ASP A 186 31.04 -18.09 20.88
CA ASP A 186 32.03 -18.88 21.58
C ASP A 186 32.00 -18.50 23.06
N LYS A 187 31.52 -19.43 23.88
CA LYS A 187 31.31 -19.19 25.31
C LYS A 187 30.54 -17.89 25.57
N GLY A 188 29.49 -17.65 24.79
CA GLY A 188 28.68 -16.45 24.94
C GLY A 188 29.43 -15.18 24.58
N GLN A 189 30.34 -15.26 23.63
CA GLN A 189 31.22 -14.13 23.30
C GLN A 189 31.41 -13.97 21.80
N ILE A 190 31.61 -12.73 21.36
CA ILE A 190 31.77 -12.51 19.94
C ILE A 190 33.05 -11.79 19.58
N ILE A 191 33.73 -12.30 18.56
CA ILE A 191 34.87 -11.61 17.97
C ILE A 191 34.36 -10.48 17.05
N VAL A 192 34.80 -9.26 17.34
CA VAL A 192 34.49 -8.12 16.50
C VAL A 192 35.77 -7.44 16.08
N VAL A 193 35.76 -6.84 14.91
CA VAL A 193 36.92 -6.10 14.47
C VAL A 193 36.57 -4.63 14.51
N ILE A 194 37.33 -3.85 15.26
CA ILE A 194 37.10 -2.42 15.33
C ILE A 194 38.16 -1.68 14.52
N TRP A 195 37.72 -0.82 13.62
CA TRP A 195 38.60 -0.03 12.76
C TRP A 195 38.66 1.43 13.19
N VAL A 196 39.84 2.02 13.05
CA VAL A 196 40.00 3.45 13.25
C VAL A 196 40.72 4.01 12.04
N ILE A 197 40.32 5.22 11.63
CA ILE A 197 41.03 5.96 10.60
C ILE A 197 41.95 6.92 11.34
N VAL A 198 43.26 6.73 11.21
CA VAL A 198 44.23 7.48 12.02
C VAL A 198 44.90 8.57 11.18
N SER A 199 45.12 9.72 11.81
CA SER A 199 45.70 10.88 11.15
C SER A 199 47.21 10.76 11.04
N PRO A 200 47.87 11.61 10.21
CA PRO A 200 47.41 12.55 9.17
C PRO A 200 46.92 11.83 7.92
N ASN A 201 47.45 10.63 7.70
CA ASN A 201 47.36 9.97 6.39
C ASN A 201 46.14 9.06 6.20
N ASN A 202 45.25 9.05 7.20
CA ASN A 202 44.04 8.23 7.16
C ASN A 202 44.36 6.75 7.00
N ASP A 203 45.29 6.23 7.79
CA ASP A 203 45.58 4.82 7.72
C ASP A 203 44.45 4.06 8.38
N LYS A 204 44.20 2.85 7.90
CA LYS A 204 43.17 2.02 8.50
C LYS A 204 43.80 0.98 9.42
N GLN A 205 43.57 1.12 10.73
CA GLN A 205 44.16 0.20 11.68
C GLN A 205 43.09 -0.70 12.29
N LYS A 206 43.47 -1.96 12.47
CA LYS A 206 42.55 -3.03 12.79
C LYS A 206 42.85 -3.58 14.18
N TYR A 207 41.89 -3.45 15.09
CA TYR A 207 41.98 -4.09 16.41
C TYR A 207 40.92 -5.17 16.51
N THR A 208 41.28 -6.34 17.01
CA THR A 208 40.30 -7.41 17.08
C THR A 208 39.97 -7.72 18.52
N LEU A 209 38.68 -7.76 18.84
CA LEU A 209 38.23 -7.91 20.23
C LEU A 209 37.33 -9.11 20.40
N LYS A 210 37.38 -9.72 21.59
CA LYS A 210 36.46 -10.78 21.95
C LYS A 210 35.70 -10.34 23.18
N ILE A 211 34.41 -10.10 23.03
CA ILE A 211 33.63 -9.50 24.10
C ILE A 211 32.31 -10.25 24.31
N ASN A 212 31.68 -10.00 25.45
CA ASN A 212 30.35 -10.55 25.71
C ASN A 212 29.35 -9.99 24.71
N HIS A 213 28.53 -10.88 24.16
CA HIS A 213 27.55 -10.50 23.15
C HIS A 213 26.64 -9.37 23.65
N ASP A 214 26.41 -9.31 24.96
CA ASP A 214 25.48 -8.33 25.49
C ASP A 214 26.16 -7.02 25.89
N CYS A 215 27.44 -6.89 25.56
CA CYS A 215 28.14 -5.63 25.80
C CYS A 215 27.42 -4.45 25.14
N VAL A 216 27.15 -3.44 25.96
CA VAL A 216 26.69 -2.13 25.50
C VAL A 216 27.80 -1.49 24.67
N PRO A 217 27.44 -0.71 23.64
CA PRO A 217 28.50 -0.18 22.77
C PRO A 217 29.55 0.67 23.51
N GLU A 218 29.17 1.27 24.63
CA GLU A 218 30.12 2.02 25.45
C GLU A 218 31.18 1.11 26.02
N GLN A 219 30.76 -0.09 26.38
CA GLN A 219 31.67 -1.10 26.89
C GLN A 219 32.60 -1.58 25.80
N VAL A 220 32.11 -1.63 24.58
CA VAL A 220 32.92 -2.10 23.46
C VAL A 220 34.04 -1.10 23.20
N ILE A 221 33.68 0.18 23.29
CA ILE A 221 34.65 1.26 23.15
C ILE A 221 35.71 1.20 24.28
N ALA A 222 35.28 0.92 25.50
CA ALA A 222 36.22 0.79 26.62
C ALA A 222 37.15 -0.41 26.42
N GLU A 223 36.62 -1.46 25.81
CA GLU A 223 37.46 -2.62 25.57
C GLU A 223 38.54 -2.29 24.56
N ALA A 224 38.17 -1.56 23.51
CA ALA A 224 39.15 -1.15 22.51
C ALA A 224 40.21 -0.25 23.14
N ILE A 225 39.77 0.66 24.00
CA ILE A 225 40.68 1.52 24.76
C ILE A 225 41.67 0.67 25.57
N ARG A 226 41.20 -0.46 26.08
CA ARG A 226 42.03 -1.34 26.88
C ARG A 226 43.12 -1.99 26.03
N LYS A 227 42.75 -2.58 24.89
CA LYS A 227 43.76 -3.20 24.04
C LYS A 227 44.73 -2.16 23.47
N LYS A 228 44.22 -0.96 23.19
CA LYS A 228 45.05 0.13 22.65
C LYS A 228 46.12 0.61 23.63
N THR A 229 45.73 0.83 24.88
CA THR A 229 46.69 1.38 25.82
C THR A 229 47.40 0.28 26.60
N ARG A 230 47.15 -0.97 26.23
CA ARG A 230 47.70 -2.13 26.96
C ARG A 230 49.21 -2.29 26.76
N SER A 231 49.72 -1.98 25.56
CA SER A 231 51.18 -2.06 25.33
C SER A 231 51.89 -1.13 26.31
N LYS A 232 51.40 0.10 26.38
CA LYS A 232 51.77 1.01 27.46
C LYS A 232 51.27 0.43 28.78
N LYS A 233 52.10 0.32 29.79
CA LYS A 233 51.58 -0.20 31.05
C LYS A 233 51.31 0.93 32.04
N LEU A 234 50.20 0.85 32.75
CA LEU A 234 49.83 1.89 33.71
C LEU A 234 48.96 1.34 34.83
N SER A 235 48.88 2.09 35.92
CA SER A 235 48.04 1.74 37.06
C SER A 235 46.61 1.51 36.58
N SER A 236 45.98 0.46 37.13
CA SER A 236 44.63 0.09 36.79
C SER A 236 43.62 1.15 37.26
N GLU A 237 44.06 2.03 38.16
CA GLU A 237 43.26 3.16 38.63
C GLU A 237 43.27 4.31 37.61
N GLN A 238 44.45 4.67 37.11
CA GLN A 238 44.53 5.67 36.05
C GLN A 238 43.90 5.13 34.79
N LEU A 239 44.04 3.82 34.59
CA LEU A 239 43.56 3.16 33.38
C LEU A 239 42.06 3.28 33.21
N LYS A 240 41.32 2.86 34.23
CA LYS A 240 39.89 2.80 34.08
C LYS A 240 39.27 4.14 34.46
N LEU A 241 40.08 5.04 35.02
CA LEU A 241 39.78 6.46 35.00
C LEU A 241 39.98 7.01 33.58
N CYS A 242 41.01 6.52 32.89
CA CYS A 242 41.22 6.87 31.48
C CYS A 242 40.10 6.29 30.60
N VAL A 243 39.71 5.05 30.89
CA VAL A 243 38.56 4.44 30.22
C VAL A 243 37.31 5.25 30.52
N LEU A 244 37.01 5.50 31.79
CA LEU A 244 35.81 6.24 32.17
C LEU A 244 35.73 7.58 31.45
N GLU A 245 36.76 8.40 31.61
CA GLU A 245 36.76 9.75 31.03
C GLU A 245 36.56 9.77 29.53
N TYR A 246 37.27 8.89 28.81
CA TYR A 246 37.21 8.87 27.34
C TYR A 246 36.25 7.83 26.72
N GLN A 247 35.57 7.06 27.56
CA GLN A 247 34.61 6.03 27.13
C GLN A 247 33.53 6.62 26.21
N GLY A 248 33.13 7.84 26.53
CA GLY A 248 32.05 8.54 25.85
C GLY A 248 32.53 9.65 24.93
N LYS A 249 33.79 9.59 24.56
CA LYS A 249 34.33 10.54 23.61
C LYS A 249 34.18 9.99 22.18
N TYR A 250 33.79 8.72 22.07
CA TYR A 250 33.68 8.06 20.78
C TYR A 250 32.30 7.44 20.51
N ILE A 251 32.00 7.20 19.24
CA ILE A 251 30.79 6.48 18.87
C ILE A 251 31.16 5.42 17.86
N LEU A 252 30.34 4.36 17.79
CA LEU A 252 30.57 3.27 16.84
C LEU A 252 29.63 3.28 15.64
N LYS A 253 30.19 2.92 14.48
CA LYS A 253 29.48 2.91 13.21
C LYS A 253 29.79 1.64 12.40
N VAL A 254 28.82 1.13 11.65
CA VAL A 254 29.09 0.01 10.74
C VAL A 254 29.98 0.43 9.57
N CYS A 255 30.97 -0.40 9.26
CA CYS A 255 31.84 -0.09 8.13
C CYS A 255 31.06 -0.25 6.86
N GLY A 256 31.05 0.79 6.02
CA GLY A 256 30.40 0.69 4.71
C GLY A 256 29.03 1.31 4.46
N CYS A 257 28.30 1.68 5.51
CA CYS A 257 26.97 2.30 5.35
C CYS A 257 26.70 3.19 6.54
N ASP A 258 25.76 4.14 6.46
CA ASP A 258 25.64 4.96 7.65
C ASP A 258 24.60 4.38 8.59
N GLU A 259 25.10 3.66 9.56
CA GLU A 259 24.32 2.91 10.52
C GLU A 259 25.11 3.05 11.79
N TYR A 260 24.50 3.51 12.89
CA TYR A 260 25.29 3.82 14.09
C TYR A 260 24.79 3.11 15.32
N PHE A 261 25.66 2.90 16.30
CA PHE A 261 25.10 2.41 17.56
C PHE A 261 25.21 3.59 18.50
N LEU A 262 24.12 4.33 18.67
CA LEU A 262 24.14 5.53 19.50
C LEU A 262 23.54 5.26 20.87
N GLU A 263 23.15 4.01 21.10
CA GLU A 263 22.27 3.69 22.21
C GLU A 263 22.69 2.41 22.92
N LYS A 264 22.31 2.28 24.18
CA LYS A 264 22.95 1.34 25.11
C LYS A 264 22.36 -0.05 25.03
N TYR A 265 21.60 -0.31 23.96
CA TYR A 265 21.23 -1.68 23.64
C TYR A 265 22.44 -2.63 23.61
N PRO A 266 22.23 -3.87 24.08
CA PRO A 266 23.21 -4.96 23.94
C PRO A 266 23.63 -5.12 22.48
N LEU A 267 24.90 -5.42 22.25
CA LEU A 267 25.45 -5.34 20.90
C LEU A 267 24.82 -6.36 19.95
N SER A 268 24.47 -7.52 20.50
CA SER A 268 23.89 -8.58 19.69
C SER A 268 22.44 -8.27 19.35
N GLN A 269 21.89 -7.22 19.99
CA GLN A 269 20.55 -6.74 19.68
C GLN A 269 20.51 -5.84 18.42
N TYR A 270 21.64 -5.27 18.04
CA TYR A 270 21.70 -4.53 16.79
C TYR A 270 21.67 -5.49 15.61
N LYS A 271 20.75 -5.23 14.70
CA LYS A 271 20.48 -6.12 13.57
C LYS A 271 21.73 -6.51 12.77
N TYR A 272 22.69 -5.59 12.68
CA TYR A 272 23.90 -5.91 11.93
C TYR A 272 24.70 -7.00 12.64
N ILE A 273 24.88 -6.84 13.95
CA ILE A 273 25.66 -7.78 14.75
C ILE A 273 24.96 -9.14 14.78
N ARG A 274 23.65 -9.11 15.06
CA ARG A 274 22.83 -10.33 15.07
C ARG A 274 22.91 -11.07 13.73
N SER A 275 22.97 -10.34 12.62
CA SER A 275 23.17 -10.99 11.33
C SER A 275 24.56 -11.58 11.24
N CYS A 276 25.54 -10.85 11.73
CA CYS A 276 26.92 -11.34 11.65
C CYS A 276 27.02 -12.68 12.40
N ILE A 277 26.46 -12.73 13.61
CA ILE A 277 26.50 -13.96 14.40
C ILE A 277 25.90 -15.17 13.68
N MET A 278 24.69 -15.00 13.17
CA MET A 278 23.95 -16.08 12.54
C MET A 278 24.64 -16.57 11.26
N LEU A 279 25.39 -15.67 10.64
CA LEU A 279 26.11 -16.00 9.41
C LEU A 279 27.56 -16.39 9.62
N GLY A 280 28.04 -16.32 10.86
CA GLY A 280 29.46 -16.47 11.10
C GLY A 280 30.25 -15.51 10.22
N ARG A 281 29.78 -14.26 10.19
CA ARG A 281 30.51 -13.21 9.54
C ARG A 281 31.16 -12.35 10.60
N MET A 282 32.32 -11.81 10.26
CA MET A 282 33.04 -10.90 11.11
C MET A 282 32.36 -9.54 11.12
N PRO A 283 31.88 -9.09 12.29
CA PRO A 283 31.40 -7.71 12.31
C PRO A 283 32.59 -6.79 12.13
N ASN A 284 32.44 -5.74 11.33
CA ASN A 284 33.46 -4.70 11.21
C ASN A 284 32.88 -3.35 11.53
N LEU A 285 33.37 -2.76 12.61
CA LEU A 285 32.84 -1.50 13.10
C LEU A 285 33.90 -0.44 12.94
N MET A 286 33.47 0.80 12.82
CA MET A 286 34.41 1.89 12.73
C MET A 286 34.22 2.77 13.94
N LEU A 287 35.33 3.03 14.64
CA LEU A 287 35.32 3.92 15.79
C LEU A 287 35.71 5.32 15.35
N MET A 288 35.00 6.31 15.88
CA MET A 288 35.27 7.69 15.54
C MET A 288 34.85 8.60 16.69
N ALA A 289 35.37 9.82 16.70
CA ALA A 289 35.09 10.74 17.79
C ALA A 289 33.64 11.20 17.70
N LYS A 290 33.02 11.32 18.86
CA LYS A 290 31.63 11.74 18.95
C LYS A 290 31.42 13.09 18.29
N GLU A 291 32.45 13.93 18.28
CA GLU A 291 32.30 15.27 17.76
C GLU A 291 32.26 15.29 16.24
N SER A 292 33.05 14.44 15.60
CA SER A 292 33.10 14.46 14.15
C SER A 292 31.75 14.04 13.53
N LEU A 293 30.95 13.31 14.29
CA LEU A 293 29.55 13.05 13.96
C LEU A 293 28.59 14.19 14.26
N TYR A 294 28.69 14.76 15.46
CA TYR A 294 27.73 15.77 15.89
C TYR A 294 27.92 17.08 15.12
N SER A 295 29.08 17.23 14.49
CA SER A 295 29.33 18.34 13.58
C SER A 295 28.62 18.11 12.25
N GLN A 296 28.52 16.85 11.83
CA GLN A 296 27.79 16.51 10.62
C GLN A 296 26.32 16.92 10.74
N LEU A 297 25.77 16.85 11.95
CA LEU A 297 24.34 17.04 12.17
C LEU A 297 23.83 18.41 11.76
N PRO A 298 22.87 18.44 10.84
CA PRO A 298 22.26 19.74 10.47
C PRO A 298 21.44 20.31 11.62
N MET A 299 21.29 21.62 11.62
CA MET A 299 20.35 22.25 12.54
C MET A 299 18.98 22.32 11.89
N ASP A 300 18.03 21.64 12.53
CA ASP A 300 16.66 21.59 12.04
C ASP A 300 15.87 22.67 12.75
N CYS A 301 15.22 23.53 12.00
CA CYS A 301 14.37 24.51 12.60
C CYS A 301 13.02 24.47 11.93
N PHE A 302 11.99 24.58 12.75
CA PHE A 302 10.63 24.49 12.29
C PHE A 302 9.92 25.85 12.43
N THR A 303 9.46 26.39 11.32
CA THR A 303 8.69 27.63 11.25
C THR A 303 7.21 27.35 11.25
N MET A 304 6.43 28.11 12.00
CA MET A 304 4.99 28.04 11.80
C MET A 304 4.70 28.64 10.44
N PRO A 305 3.88 27.96 9.64
CA PRO A 305 3.57 28.50 8.32
C PRO A 305 2.55 29.63 8.42
N SER A 306 2.51 30.50 7.43
CA SER A 306 1.58 31.61 7.39
C SER A 306 0.11 31.16 7.56
N TYR A 307 -0.22 29.94 7.16
CA TYR A 307 -1.62 29.56 7.26
C TYR A 307 -2.04 29.30 8.71
N SER A 308 -1.09 29.24 9.63
CA SER A 308 -1.43 29.15 11.05
C SER A 308 -1.69 30.54 11.67
N ARG A 309 -1.38 31.59 10.90
CA ARG A 309 -1.65 32.98 11.28
C ARG A 309 -2.93 33.66 10.74
N ARG A 310 -3.82 32.94 10.06
CA ARG A 310 -4.92 33.62 9.35
C ARG A 310 -6.29 33.59 10.02
N ILE A 311 -7.05 34.66 9.81
CA ILE A 311 -8.44 34.78 10.26
C ILE A 311 -9.38 33.77 9.58
N SER A 312 -10.35 33.27 10.35
CA SER A 312 -11.33 32.33 9.80
C SER A 312 -12.76 32.53 10.31
N THR A 313 -13.69 31.88 9.62
CA THR A 313 -15.10 31.85 9.97
C THR A 313 -15.38 31.00 11.21
N SER A 323 -28.59 27.29 18.26
CA SER A 323 -29.57 26.21 18.25
C SER A 323 -28.89 24.85 17.96
N THR A 324 -28.75 24.04 19.00
CA THR A 324 -28.08 22.75 18.88
C THR A 324 -28.82 21.64 19.64
N LYS A 325 -29.11 20.54 18.95
CA LYS A 325 -29.89 19.44 19.52
C LYS A 325 -29.17 18.10 19.48
N SER A 326 -29.35 17.30 20.53
CA SER A 326 -28.74 15.99 20.64
C SER A 326 -29.35 15.01 19.67
N LEU A 327 -28.51 14.12 19.13
CA LEU A 327 -28.98 13.09 18.22
C LEU A 327 -30.03 12.20 18.88
N TRP A 328 -29.88 11.99 20.19
CA TRP A 328 -30.74 11.03 20.91
C TRP A 328 -32.15 11.56 21.23
N VAL A 329 -32.37 12.87 21.14
CA VAL A 329 -33.71 13.39 21.37
C VAL A 329 -34.53 13.39 20.08
N ILE A 330 -33.89 13.05 18.96
CA ILE A 330 -34.61 13.13 17.70
C ILE A 330 -35.42 11.86 17.51
N ASN A 331 -36.74 11.98 17.53
CA ASN A 331 -37.53 10.77 17.42
C ASN A 331 -38.04 10.71 15.98
N SER A 332 -37.35 9.89 15.19
CA SER A 332 -37.69 9.68 13.79
C SER A 332 -36.99 8.42 13.26
N ALA A 333 -37.50 7.83 12.19
CA ALA A 333 -36.75 6.82 11.43
C ALA A 333 -35.77 7.51 10.51
N LEU A 334 -34.73 6.81 10.10
CA LEU A 334 -33.82 7.36 9.12
C LEU A 334 -34.47 7.46 7.73
N ARG A 335 -34.33 8.65 7.15
CA ARG A 335 -34.99 9.01 5.90
C ARG A 335 -34.01 9.74 5.00
N ILE A 336 -33.77 9.23 3.79
CA ILE A 336 -32.89 9.97 2.87
C ILE A 336 -33.51 10.09 1.48
N LYS A 337 -33.26 11.22 0.82
CA LYS A 337 -33.87 11.51 -0.46
C LYS A 337 -32.85 11.45 -1.62
N ILE A 338 -33.13 10.62 -2.61
CA ILE A 338 -32.36 10.60 -3.85
C ILE A 338 -33.08 11.52 -4.83
N LEU A 339 -32.43 12.61 -5.25
CA LEU A 339 -33.08 13.54 -6.15
C LEU A 339 -32.81 13.17 -7.58
N CYS A 340 -31.59 13.39 -8.06
CA CYS A 340 -31.27 13.09 -9.45
C CYS A 340 -29.78 12.92 -9.65
N ALA A 341 -29.41 12.25 -10.75
CA ALA A 341 -28.02 12.15 -11.17
C ALA A 341 -27.87 12.91 -12.47
N THR A 342 -26.70 13.50 -12.69
CA THR A 342 -26.53 14.36 -13.86
C THR A 342 -26.53 13.56 -15.14
N TYR A 343 -25.70 12.51 -15.18
CA TYR A 343 -25.56 11.64 -16.34
C TYR A 343 -25.06 10.26 -15.93
N VAL A 344 -25.16 9.28 -16.82
CA VAL A 344 -24.40 8.04 -16.67
C VAL A 344 -23.86 7.64 -18.02
N ASN A 345 -22.82 6.81 -18.06
CA ASN A 345 -22.43 6.29 -19.35
C ASN A 345 -22.93 4.87 -19.51
N VAL A 346 -23.96 4.74 -20.33
CA VAL A 346 -24.62 3.45 -20.51
C VAL A 346 -25.00 3.37 -21.95
N ASN A 347 -25.00 2.16 -22.47
CA ASN A 347 -25.47 1.94 -23.82
C ASN A 347 -26.95 1.64 -23.74
N ILE A 348 -27.76 2.56 -24.24
CA ILE A 348 -29.20 2.55 -24.06
C ILE A 348 -29.86 1.26 -24.55
N ARG A 349 -29.24 0.69 -25.58
CA ARG A 349 -29.73 -0.55 -26.19
C ARG A 349 -29.35 -1.79 -25.39
N ASP A 350 -28.28 -1.72 -24.61
CA ASP A 350 -27.88 -2.89 -23.82
C ASP A 350 -28.43 -2.96 -22.38
N ILE A 351 -29.03 -1.88 -21.88
CA ILE A 351 -29.57 -1.96 -20.53
C ILE A 351 -31.01 -1.43 -20.54
N ASP A 352 -31.81 -1.94 -19.59
CA ASP A 352 -33.22 -1.62 -19.54
C ASP A 352 -33.52 -0.37 -18.72
N LYS A 353 -33.24 -0.42 -17.42
CA LYS A 353 -33.42 0.74 -16.52
C LYS A 353 -32.23 0.94 -15.56
N ILE A 354 -32.14 2.15 -14.98
CA ILE A 354 -31.12 2.39 -13.94
C ILE A 354 -31.72 2.86 -12.62
N TYR A 355 -30.97 2.66 -11.56
CA TYR A 355 -31.48 3.00 -10.24
C TYR A 355 -30.35 3.24 -9.25
N VAL A 356 -30.69 3.64 -8.03
CA VAL A 356 -29.66 3.93 -7.05
C VAL A 356 -29.79 3.00 -5.86
N ARG A 357 -28.73 2.20 -5.63
CA ARG A 357 -28.68 1.32 -4.46
C ARG A 357 -28.14 2.12 -3.28
N THR A 358 -28.65 1.85 -2.08
CA THR A 358 -28.11 2.49 -0.88
C THR A 358 -27.99 1.49 0.26
N GLY A 359 -27.23 1.86 1.28
CA GLY A 359 -27.15 1.05 2.47
C GLY A 359 -26.57 1.89 3.56
N ILE A 360 -26.86 1.51 4.78
CA ILE A 360 -26.30 2.19 5.93
C ILE A 360 -25.30 1.21 6.55
N TYR A 361 -24.03 1.62 6.61
CA TYR A 361 -22.97 0.70 7.03
C TYR A 361 -22.18 1.23 8.21
N HIS A 362 -21.82 0.30 9.09
CA HIS A 362 -20.81 0.51 10.09
C HIS A 362 -19.68 -0.44 9.73
N GLY A 363 -18.57 0.08 9.22
CA GLY A 363 -17.54 -0.78 8.70
C GLY A 363 -18.06 -1.52 7.49
N GLY A 364 -17.82 -2.82 7.42
CA GLY A 364 -18.28 -3.61 6.30
C GLY A 364 -19.70 -4.13 6.43
N GLU A 365 -20.31 -3.94 7.61
CA GLU A 365 -21.62 -4.51 7.93
C GLU A 365 -22.79 -3.52 7.81
N PRO A 366 -23.86 -3.90 7.07
CA PRO A 366 -25.09 -3.08 7.02
C PRO A 366 -25.77 -2.99 8.38
N LEU A 367 -26.28 -1.81 8.75
CA LEU A 367 -26.94 -1.60 10.04
C LEU A 367 -28.43 -1.85 9.95
N CYS A 368 -28.89 -1.96 8.71
CA CYS A 368 -30.23 -2.38 8.36
C CYS A 368 -30.09 -2.89 6.94
N ASP A 369 -31.16 -3.45 6.37
CA ASP A 369 -31.00 -3.97 5.02
C ASP A 369 -31.01 -2.83 4.03
N ASN A 370 -30.43 -3.08 2.86
CA ASN A 370 -30.26 -2.09 1.81
C ASN A 370 -31.58 -1.66 1.20
N VAL A 371 -31.57 -0.50 0.56
CA VAL A 371 -32.77 0.07 -0.03
C VAL A 371 -32.47 0.67 -1.39
N ASN A 372 -33.21 0.22 -2.41
CA ASN A 372 -33.13 0.78 -3.74
C ASN A 372 -34.19 1.83 -3.98
N THR A 373 -33.85 2.85 -4.76
CA THR A 373 -34.86 3.71 -5.33
C THR A 373 -35.59 2.92 -6.42
N GLN A 374 -36.59 3.54 -7.05
CA GLN A 374 -37.25 2.89 -8.17
C GLN A 374 -36.34 2.92 -9.41
N ARG A 375 -36.64 2.03 -10.37
CA ARG A 375 -35.96 1.98 -11.67
C ARG A 375 -36.53 3.00 -12.65
N VAL A 376 -35.65 3.73 -13.32
CA VAL A 376 -36.06 4.77 -14.28
C VAL A 376 -35.24 4.59 -15.56
N PRO A 377 -35.67 5.22 -16.68
CA PRO A 377 -34.91 5.04 -17.93
C PRO A 377 -33.51 5.63 -17.86
N CYS A 378 -32.54 5.02 -18.57
CA CYS A 378 -31.14 5.48 -18.60
C CYS A 378 -31.05 6.96 -18.93
N SER A 379 -31.86 7.34 -19.90
CA SER A 379 -31.76 8.65 -20.50
C SER A 379 -32.24 9.77 -19.59
N ASN A 380 -32.87 9.39 -18.47
CA ASN A 380 -33.46 10.36 -17.56
C ASN A 380 -33.31 10.00 -16.08
N PRO A 381 -32.10 10.16 -15.53
CA PRO A 381 -31.80 9.70 -14.17
C PRO A 381 -32.39 10.61 -13.11
N ARG A 382 -33.68 10.41 -12.84
CA ARG A 382 -34.37 11.23 -11.86
C ARG A 382 -35.30 10.38 -10.99
N TRP A 383 -35.32 10.68 -9.71
CA TRP A 383 -36.05 9.85 -8.75
C TRP A 383 -36.98 10.70 -7.92
N ASN A 384 -36.42 11.64 -7.16
CA ASN A 384 -37.14 12.43 -6.16
C ASN A 384 -37.85 11.52 -5.16
N GLU A 385 -37.11 10.54 -4.66
CA GLU A 385 -37.64 9.49 -3.81
C GLU A 385 -37.07 9.63 -2.40
N TRP A 386 -37.94 9.69 -1.41
CA TRP A 386 -37.51 9.53 -0.02
C TRP A 386 -37.37 8.04 0.27
N LEU A 387 -36.17 7.60 0.65
CA LEU A 387 -35.95 6.21 1.04
C LEU A 387 -35.98 6.07 2.54
N ASN A 388 -36.77 5.10 3.01
CA ASN A 388 -36.86 4.86 4.44
C ASN A 388 -36.00 3.68 4.82
N TYR A 389 -35.27 3.82 5.91
CA TYR A 389 -34.36 2.79 6.34
C TYR A 389 -34.90 2.26 7.63
N ASP A 390 -34.62 1.00 7.96
CA ASP A 390 -35.20 0.59 9.19
C ASP A 390 -34.10 0.70 10.21
N ILE A 391 -34.07 1.88 10.83
CA ILE A 391 -33.26 2.18 11.99
C ILE A 391 -33.81 3.49 12.58
N TYR A 392 -33.56 3.70 13.86
CA TYR A 392 -34.02 4.87 14.59
C TYR A 392 -32.84 5.83 14.66
N ILE A 393 -33.05 7.09 14.28
CA ILE A 393 -31.94 8.05 14.27
C ILE A 393 -31.10 8.03 15.56
N PRO A 394 -31.73 7.95 16.75
CA PRO A 394 -30.90 7.80 17.95
C PRO A 394 -30.05 6.54 17.98
N ASP A 395 -30.39 5.55 17.17
CA ASP A 395 -29.68 4.27 17.22
C ASP A 395 -28.46 4.26 16.28
N LEU A 396 -28.30 5.33 15.51
CA LEU A 396 -27.14 5.50 14.64
C LEU A 396 -25.84 5.58 15.42
N PRO A 397 -24.89 4.68 15.11
CA PRO A 397 -23.57 4.70 15.74
C PRO A 397 -22.71 5.80 15.12
N ARG A 398 -21.73 6.29 15.88
CA ARG A 398 -20.90 7.43 15.48
C ARG A 398 -20.19 7.25 14.11
N ALA A 399 -19.88 6.01 13.74
CA ALA A 399 -19.17 5.74 12.48
C ALA A 399 -20.09 5.44 11.28
N ALA A 400 -21.40 5.55 11.45
CA ALA A 400 -22.36 5.23 10.41
C ALA A 400 -22.05 5.92 9.08
N ARG A 401 -22.05 5.15 8.00
CA ARG A 401 -21.87 5.74 6.68
C ARG A 401 -23.05 5.44 5.77
N LEU A 402 -23.23 6.32 4.79
CA LEU A 402 -24.15 6.06 3.68
C LEU A 402 -23.35 5.54 2.50
N CYS A 403 -23.71 4.36 2.01
CA CYS A 403 -23.01 3.77 0.87
C CYS A 403 -23.95 3.61 -0.29
N LEU A 404 -23.63 4.23 -1.42
CA LEU A 404 -24.56 4.16 -2.53
C LEU A 404 -23.87 3.86 -3.87
N SER A 405 -24.68 3.49 -4.84
CA SER A 405 -24.22 3.35 -6.21
C SER A 405 -25.36 3.59 -7.16
N ILE A 406 -25.04 4.15 -8.32
CA ILE A 406 -25.94 4.08 -9.45
C ILE A 406 -25.70 2.74 -10.15
N CYS A 407 -26.74 1.92 -10.28
CA CYS A 407 -26.63 0.64 -10.98
C CYS A 407 -27.52 0.52 -12.24
N SER A 408 -27.07 -0.29 -13.19
CA SER A 408 -27.82 -0.60 -14.40
C SER A 408 -28.46 -1.96 -14.25
N VAL A 409 -29.63 -2.17 -14.85
CA VAL A 409 -30.26 -3.49 -14.83
C VAL A 409 -30.80 -3.88 -16.18
N LYS A 410 -30.45 -5.10 -16.57
CA LYS A 410 -30.70 -5.71 -17.86
C LYS A 410 -31.54 -6.96 -17.61
N GLY A 411 -32.76 -6.97 -18.14
CA GLY A 411 -33.74 -8.03 -17.88
C GLY A 411 -33.99 -9.10 -18.94
N ARG A 412 -33.02 -9.32 -19.82
CA ARG A 412 -33.29 -10.01 -21.08
C ARG A 412 -33.55 -11.52 -21.02
N LYS A 413 -32.84 -12.26 -20.18
CA LYS A 413 -32.90 -13.73 -20.28
C LYS A 413 -33.83 -14.32 -19.22
N GLY A 414 -34.97 -14.83 -19.67
CA GLY A 414 -35.99 -15.33 -18.78
C GLY A 414 -36.30 -14.32 -17.69
N ALA A 415 -36.38 -14.81 -16.46
CA ALA A 415 -36.62 -13.95 -15.32
C ALA A 415 -35.30 -13.49 -14.72
N LYS A 416 -34.19 -13.88 -15.35
CA LYS A 416 -32.87 -13.56 -14.83
C LYS A 416 -32.43 -12.14 -15.22
N GLU A 417 -31.88 -11.42 -14.24
CA GLU A 417 -31.42 -10.06 -14.48
C GLU A 417 -29.93 -9.88 -14.23
N GLU A 418 -29.33 -8.89 -14.89
CA GLU A 418 -27.95 -8.54 -14.63
C GLU A 418 -27.81 -7.11 -14.07
N HIS A 419 -27.37 -7.02 -12.82
CA HIS A 419 -27.21 -5.73 -12.15
C HIS A 419 -25.75 -5.34 -12.11
N CYS A 420 -25.39 -4.22 -12.72
CA CYS A 420 -24.00 -3.81 -12.64
C CYS A 420 -23.91 -2.39 -12.08
N PRO A 421 -22.94 -2.17 -11.18
CA PRO A 421 -22.65 -0.81 -10.69
C PRO A 421 -21.92 0.02 -11.75
N LEU A 422 -22.42 1.21 -12.03
CA LEU A 422 -21.80 2.23 -12.87
C LEU A 422 -20.82 3.17 -12.14
N ALA A 423 -21.24 3.60 -10.96
CA ALA A 423 -20.46 4.51 -10.16
C ALA A 423 -20.92 4.39 -8.71
N TRP A 424 -20.05 4.76 -7.78
CA TRP A 424 -20.33 4.56 -6.39
C TRP A 424 -19.87 5.80 -5.58
N GLY A 425 -20.39 5.98 -4.37
CA GLY A 425 -19.85 6.99 -3.47
C GLY A 425 -20.20 6.70 -2.01
N ASN A 426 -19.35 7.15 -1.10
CA ASN A 426 -19.67 6.97 0.31
C ASN A 426 -19.66 8.28 1.08
N ILE A 427 -20.54 8.36 2.07
CA ILE A 427 -20.74 9.58 2.84
C ILE A 427 -20.76 9.30 4.35
N ASN A 428 -20.02 10.08 5.12
CA ASN A 428 -20.15 10.03 6.59
C ASN A 428 -21.47 10.64 7.04
N LEU A 429 -22.28 9.90 7.80
CA LEU A 429 -23.55 10.43 8.33
C LEU A 429 -23.33 11.54 9.37
N PHE A 430 -22.15 11.56 10.01
CA PHE A 430 -21.74 12.69 10.86
C PHE A 430 -20.42 13.23 10.33
N ASP A 431 -20.20 14.54 10.44
CA ASP A 431 -18.95 15.11 9.95
C ASP A 431 -17.93 15.14 11.09
N TYR A 432 -16.78 15.78 10.89
CA TYR A 432 -15.73 15.63 11.90
C TYR A 432 -16.00 16.42 13.17
N THR A 433 -17.02 17.30 13.17
CA THR A 433 -17.44 18.06 14.36
C THR A 433 -18.57 17.34 15.12
N ASP A 434 -18.86 16.12 14.68
CA ASP A 434 -19.96 15.26 15.16
C ASP A 434 -21.35 15.78 14.79
N THR A 435 -21.42 16.63 13.77
CA THR A 435 -22.69 17.12 13.27
C THR A 435 -23.39 16.08 12.40
N LEU A 436 -24.66 15.81 12.68
CA LEU A 436 -25.43 14.94 11.79
C LEU A 436 -25.67 15.72 10.50
N VAL A 437 -25.42 15.08 9.37
CA VAL A 437 -25.52 15.77 8.10
C VAL A 437 -26.98 16.07 7.80
N SER A 438 -27.24 17.23 7.20
CA SER A 438 -28.60 17.55 6.79
C SER A 438 -28.61 18.49 5.59
N GLY A 439 -29.73 18.55 4.89
CA GLY A 439 -29.86 19.47 3.80
C GLY A 439 -29.44 18.81 2.51
N LYS A 440 -29.46 19.57 1.42
CA LYS A 440 -29.05 19.05 0.13
C LYS A 440 -27.55 18.81 0.11
N MET A 441 -27.13 17.81 -0.64
CA MET A 441 -25.71 17.46 -0.79
C MET A 441 -25.47 16.96 -2.22
N ALA A 442 -24.37 17.41 -2.83
CA ALA A 442 -24.05 17.00 -4.20
C ALA A 442 -22.78 16.13 -4.25
N LEU A 443 -22.91 14.89 -4.74
CA LEU A 443 -21.80 13.92 -4.72
C LEU A 443 -21.34 13.47 -6.11
N ASN A 444 -20.14 13.87 -6.49
CA ASN A 444 -19.51 13.39 -7.71
C ASN A 444 -18.97 11.99 -7.42
N LEU A 445 -19.31 11.03 -8.29
CA LEU A 445 -19.11 9.63 -7.95
C LEU A 445 -17.80 9.11 -8.50
N TRP A 446 -17.52 7.85 -8.18
CA TRP A 446 -16.23 7.23 -8.47
C TRP A 446 -16.43 6.04 -9.38
N PRO A 447 -15.47 5.81 -10.29
CA PRO A 447 -15.37 4.58 -11.12
C PRO A 447 -15.33 3.34 -10.26
N VAL A 448 -15.98 2.26 -10.70
CA VAL A 448 -15.91 1.02 -9.93
C VAL A 448 -14.51 0.41 -10.08
N PRO A 449 -13.91 0.04 -8.94
CA PRO A 449 -12.58 -0.59 -8.87
C PRO A 449 -12.53 -1.81 -9.74
N HIS A 450 -11.41 -2.07 -10.41
CA HIS A 450 -11.33 -3.22 -11.30
C HIS A 450 -11.51 -4.53 -10.53
N GLY A 451 -12.42 -5.38 -11.01
CA GLY A 451 -12.66 -6.66 -10.36
C GLY A 451 -13.78 -6.65 -9.33
N LEU A 452 -14.28 -5.48 -8.96
CA LEU A 452 -15.31 -5.43 -7.92
C LEU A 452 -16.69 -5.64 -8.52
N GLU A 453 -17.31 -6.75 -8.15
CA GLU A 453 -18.64 -7.11 -8.64
C GLU A 453 -19.83 -6.75 -7.75
N ASP A 454 -19.59 -6.32 -6.52
CA ASP A 454 -20.67 -6.00 -5.60
C ASP A 454 -21.33 -4.67 -5.94
N LEU A 455 -22.60 -4.53 -5.66
CA LEU A 455 -23.29 -3.32 -6.10
C LEU A 455 -22.89 -2.09 -5.26
N LEU A 456 -22.32 -2.31 -4.08
CA LEU A 456 -21.75 -1.17 -3.35
C LEU A 456 -20.28 -1.42 -3.04
N ASN A 457 -19.66 -0.41 -2.45
CA ASN A 457 -18.25 -0.45 -2.16
C ASN A 457 -17.99 0.24 -0.82
N PRO A 458 -18.50 -0.37 0.27
CA PRO A 458 -18.38 0.21 1.62
C PRO A 458 -16.94 0.34 2.09
N ILE A 459 -16.04 -0.44 1.52
CA ILE A 459 -14.63 -0.34 1.88
C ILE A 459 -14.10 0.97 1.32
N GLY A 460 -14.65 1.41 0.19
CA GLY A 460 -14.14 2.58 -0.50
C GLY A 460 -14.16 3.82 0.34
N VAL A 461 -13.34 4.81 -0.02
CA VAL A 461 -13.23 6.06 0.75
C VAL A 461 -14.48 6.90 0.71
N THR A 462 -14.67 7.67 1.76
CA THR A 462 -15.75 8.65 1.81
C THR A 462 -15.38 9.92 1.09
N GLY A 463 -16.39 10.68 0.66
CA GLY A 463 -16.14 11.95 0.01
C GLY A 463 -16.41 12.03 -1.49
N SER A 464 -16.67 13.24 -1.93
CA SER A 464 -16.93 13.51 -3.32
C SER A 464 -15.63 13.46 -4.15
N ASN A 465 -15.72 12.76 -5.27
CA ASN A 465 -14.66 12.70 -6.27
C ASN A 465 -14.29 14.11 -6.72
N PRO A 466 -13.01 14.47 -6.55
CA PRO A 466 -12.54 15.82 -6.87
C PRO A 466 -12.68 16.13 -8.35
N ASN A 467 -12.64 15.12 -9.23
CA ASN A 467 -12.88 15.38 -10.65
C ASN A 467 -14.34 15.72 -10.82
N LYS A 468 -14.61 16.90 -11.36
CA LYS A 468 -15.99 17.34 -11.46
C LYS A 468 -16.61 17.04 -12.82
N GLU A 469 -15.89 16.42 -13.76
CA GLU A 469 -16.68 15.82 -14.81
C GLU A 469 -16.74 14.34 -14.49
N THR A 470 -17.80 14.00 -13.77
CA THR A 470 -18.10 12.67 -13.28
C THR A 470 -19.62 12.64 -13.09
N PRO A 471 -20.24 11.45 -13.06
CA PRO A 471 -21.65 11.47 -12.65
C PRO A 471 -21.83 12.19 -11.32
N CYS A 472 -22.77 13.13 -11.26
CA CYS A 472 -23.06 13.84 -10.01
C CYS A 472 -24.46 13.53 -9.46
N LEU A 473 -24.50 12.96 -8.27
CA LEU A 473 -25.74 12.55 -7.63
C LEU A 473 -26.20 13.55 -6.54
N GLU A 474 -27.33 14.23 -6.76
CA GLU A 474 -27.91 15.12 -5.76
C GLU A 474 -28.67 14.36 -4.69
N LEU A 475 -28.44 14.71 -3.43
CA LEU A 475 -29.15 14.11 -2.30
C LEU A 475 -29.73 15.20 -1.44
N GLU A 476 -30.64 14.81 -0.57
CA GLU A 476 -31.12 15.68 0.50
C GLU A 476 -31.33 14.87 1.77
N PHE A 477 -30.72 15.28 2.88
CA PHE A 477 -31.01 14.58 4.12
C PHE A 477 -32.06 15.35 4.89
N ASP A 478 -32.53 14.77 5.98
CA ASP A 478 -33.64 15.39 6.67
C ASP A 478 -33.15 16.51 7.57
N TRP A 479 -34.05 17.45 7.84
CA TRP A 479 -33.75 18.59 8.68
C TRP A 479 -34.68 18.60 9.88
N PHE A 480 -34.08 18.69 11.05
CA PHE A 480 -34.78 18.69 12.34
C PHE A 480 -35.01 20.10 12.92
N SER A 481 -34.74 21.11 12.09
CA SER A 481 -34.91 22.52 12.42
C SER A 481 -33.92 22.93 13.49
N SER A 482 -32.83 22.18 13.57
CA SER A 482 -31.74 22.49 14.47
C SER A 482 -30.49 21.82 13.94
N VAL A 483 -29.34 22.27 14.41
CA VAL A 483 -28.11 21.58 14.15
C VAL A 483 -28.00 20.41 15.13
N VAL A 484 -27.89 19.20 14.60
CA VAL A 484 -27.87 18.01 15.46
C VAL A 484 -26.46 17.42 15.65
N LYS A 485 -26.07 17.25 16.92
CA LYS A 485 -24.77 16.71 17.26
C LYS A 485 -24.88 15.38 17.97
N PHE A 486 -23.82 14.58 17.85
CA PHE A 486 -23.70 13.31 18.52
C PHE A 486 -23.53 13.58 20.01
N PRO A 487 -24.26 12.85 20.85
CA PRO A 487 -24.23 13.08 22.29
C PRO A 487 -22.82 12.97 22.83
N ASP A 488 -22.48 13.77 23.84
CA ASP A 488 -21.12 13.77 24.36
C ASP A 488 -20.87 12.54 25.21
N MET A 489 -19.63 12.39 25.66
CA MET A 489 -19.23 11.14 26.28
C MET A 489 -19.82 10.99 27.67
N SER A 490 -19.94 12.11 28.36
CA SER A 490 -20.59 12.15 29.67
C SER A 490 -21.98 11.54 29.58
N VAL A 491 -22.72 11.92 28.54
CA VAL A 491 -24.09 11.45 28.37
C VAL A 491 -24.14 9.97 28.13
N ILE A 492 -23.27 9.54 27.22
CA ILE A 492 -23.19 8.14 26.79
C ILE A 492 -22.79 7.25 27.96
N GLU A 493 -21.75 7.69 28.66
CA GLU A 493 -21.23 7.01 29.85
C GLU A 493 -22.34 6.75 30.87
N GLU A 494 -23.21 7.76 31.06
CA GLU A 494 -24.33 7.67 31.98
C GLU A 494 -25.38 6.66 31.54
N HIS A 495 -25.75 6.69 30.26
CA HIS A 495 -26.77 5.79 29.72
C HIS A 495 -26.43 4.31 29.94
N ALA A 496 -25.14 3.98 29.99
CA ALA A 496 -24.72 2.61 30.26
C ALA A 496 -25.07 2.19 31.69
N ASN A 497 -24.87 3.10 32.64
CA ASN A 497 -25.25 2.89 34.04
C ASN A 497 -26.77 2.95 34.21
N TRP A 498 -27.46 3.34 33.15
CA TRP A 498 -28.92 3.43 33.15
C TRP A 498 -29.56 2.13 32.66
N SER A 499 -28.74 1.14 32.35
CA SER A 499 -29.24 -0.18 31.93
C SER A 499 -29.66 -0.98 33.16
N VAL A 500 -28.66 -1.32 33.98
CA VAL A 500 -28.86 -2.01 35.25
C VAL A 500 -30.16 -1.63 35.98
N LEU A 523 -21.64 -23.46 35.67
CA LEU A 523 -21.55 -22.55 34.53
C LEU A 523 -20.14 -22.04 34.32
N ARG A 524 -19.58 -21.46 35.37
CA ARG A 524 -18.43 -20.57 35.26
C ARG A 524 -17.11 -21.20 34.79
N GLU A 525 -16.87 -22.48 35.06
CA GLU A 525 -15.68 -23.15 34.50
C GLU A 525 -15.90 -23.61 33.06
N ASN A 526 -17.11 -24.08 32.76
CA ASN A 526 -17.47 -24.43 31.38
C ASN A 526 -17.44 -23.19 30.50
N ASP A 527 -17.92 -22.08 31.04
CA ASP A 527 -17.94 -20.82 30.33
C ASP A 527 -16.53 -20.28 30.11
N LYS A 528 -15.71 -20.28 31.16
CA LYS A 528 -14.35 -19.76 31.08
C LYS A 528 -13.55 -20.42 29.96
N GLU A 529 -13.67 -21.74 29.84
CA GLU A 529 -12.92 -22.46 28.81
C GLU A 529 -13.38 -22.11 27.40
N GLN A 530 -14.70 -22.06 27.18
CA GLN A 530 -15.23 -21.70 25.86
C GLN A 530 -14.79 -20.28 25.45
N LEU A 531 -14.82 -19.35 26.42
CA LEU A 531 -14.40 -17.98 26.18
C LEU A 531 -12.97 -17.90 25.67
N LYS A 532 -12.04 -18.53 26.39
CA LYS A 532 -10.65 -18.68 25.93
C LYS A 532 -10.59 -19.28 24.53
N ALA A 533 -11.30 -20.39 24.35
CA ALA A 533 -11.30 -21.16 23.10
C ALA A 533 -11.76 -20.34 21.90
N ILE A 534 -12.70 -19.43 22.12
CA ILE A 534 -13.12 -18.50 21.08
C ILE A 534 -12.02 -17.48 20.80
N SER A 535 -11.29 -17.10 21.84
CA SER A 535 -10.25 -16.07 21.73
C SER A 535 -8.97 -16.57 21.06
N THR A 536 -8.83 -17.89 20.94
CA THR A 536 -7.66 -18.49 20.31
C THR A 536 -7.85 -18.67 18.80
N ARG A 537 -8.97 -18.22 18.27
CA ARG A 537 -9.16 -18.44 16.85
C ARG A 537 -8.67 -17.24 16.09
N ASP A 538 -8.66 -17.34 14.77
CA ASP A 538 -8.14 -16.28 13.92
C ASP A 538 -9.24 -15.24 13.72
N PRO A 539 -8.87 -14.04 13.24
CA PRO A 539 -9.82 -12.94 13.01
C PRO A 539 -11.00 -13.28 12.10
N LEU A 540 -10.73 -14.05 11.07
CA LEU A 540 -11.72 -14.35 10.03
C LEU A 540 -12.44 -15.65 10.31
N SER A 541 -12.18 -16.23 11.48
CA SER A 541 -12.95 -17.38 11.95
C SER A 541 -14.44 -17.05 11.97
N GLU A 542 -15.28 -18.00 11.57
CA GLU A 542 -16.74 -17.79 11.63
C GLU A 542 -17.21 -17.72 13.07
N ILE A 543 -17.95 -16.67 13.41
CA ILE A 543 -18.53 -16.59 14.74
C ILE A 543 -20.03 -16.73 14.63
N THR A 544 -20.59 -17.75 15.30
CA THR A 544 -22.02 -18.03 15.23
C THR A 544 -22.82 -17.02 16.07
N GLU A 545 -24.11 -16.92 15.76
CA GLU A 545 -25.04 -16.09 16.54
C GLU A 545 -25.10 -16.57 18.00
N GLN A 546 -24.98 -17.87 18.20
CA GLN A 546 -24.93 -18.40 19.55
C GLN A 546 -23.78 -17.78 20.29
N GLU A 547 -22.64 -17.72 19.62
CA GLU A 547 -21.43 -17.29 20.27
C GLU A 547 -21.43 -15.80 20.52
N LYS A 548 -22.08 -15.02 19.64
CA LYS A 548 -22.18 -13.58 19.85
C LYS A 548 -22.97 -13.29 21.12
N ASP A 549 -24.15 -13.90 21.24
CA ASP A 549 -24.96 -13.76 22.45
C ASP A 549 -24.17 -14.25 23.66
N PHE A 550 -23.51 -15.39 23.52
CA PHE A 550 -22.68 -15.90 24.60
C PHE A 550 -21.61 -14.90 25.01
N LEU A 551 -20.90 -14.36 24.01
CA LEU A 551 -19.90 -13.34 24.26
C LEU A 551 -20.51 -12.11 24.90
N TRP A 552 -21.57 -11.59 24.31
CA TRP A 552 -22.18 -10.37 24.82
C TRP A 552 -22.70 -10.53 26.25
N SER A 553 -23.27 -11.68 26.56
CA SER A 553 -23.81 -11.96 27.90
C SER A 553 -22.71 -11.97 28.97
N HIS A 554 -21.58 -12.56 28.63
CA HIS A 554 -20.44 -12.72 29.52
C HIS A 554 -19.42 -11.59 29.39
N ARG A 555 -19.80 -10.55 28.64
CA ARG A 555 -18.90 -9.45 28.31
C ARG A 555 -18.10 -8.90 29.51
N HIS A 556 -18.70 -8.83 30.69
CA HIS A 556 -17.97 -8.30 31.85
C HIS A 556 -16.82 -9.22 32.25
N TYR A 557 -17.05 -10.53 32.26
CA TYR A 557 -15.95 -11.46 32.55
C TYR A 557 -14.92 -11.46 31.41
N CYS A 558 -15.33 -11.04 30.22
CA CYS A 558 -14.43 -11.05 29.05
C CYS A 558 -13.12 -10.29 29.31
N VAL A 559 -13.18 -9.26 30.14
CA VAL A 559 -12.00 -8.47 30.49
C VAL A 559 -10.85 -9.33 31.06
N THR A 560 -11.18 -10.48 31.62
CA THR A 560 -10.20 -11.43 32.16
C THR A 560 -9.29 -12.02 31.08
N ILE A 561 -9.79 -12.03 29.85
CA ILE A 561 -9.04 -12.46 28.68
C ILE A 561 -9.10 -11.31 27.68
N PRO A 562 -8.24 -10.30 27.88
CA PRO A 562 -8.41 -9.03 27.16
C PRO A 562 -8.34 -9.15 25.64
N GLU A 563 -7.68 -10.18 25.13
CA GLU A 563 -7.45 -10.29 23.69
C GLU A 563 -8.66 -10.84 22.97
N ILE A 564 -9.71 -11.16 23.70
CA ILE A 564 -10.96 -11.55 23.04
C ILE A 564 -11.67 -10.35 22.44
N LEU A 565 -11.16 -9.16 22.73
CA LEU A 565 -11.85 -7.91 22.38
C LEU A 565 -12.40 -7.81 20.94
N PRO A 566 -11.58 -8.14 19.92
CA PRO A 566 -12.12 -7.99 18.56
C PRO A 566 -13.35 -8.84 18.37
N LYS A 567 -13.35 -9.99 19.00
CA LYS A 567 -14.47 -10.89 18.87
C LYS A 567 -15.69 -10.38 19.65
N LEU A 568 -15.47 -9.82 20.83
CA LEU A 568 -16.57 -9.21 21.59
C LEU A 568 -17.16 -8.01 20.84
N LEU A 569 -16.29 -7.21 20.23
CA LEU A 569 -16.74 -6.04 19.48
C LEU A 569 -17.65 -6.44 18.32
N LEU A 570 -17.34 -7.57 17.67
CA LEU A 570 -18.14 -8.03 16.54
C LEU A 570 -19.47 -8.65 16.98
N SER A 571 -19.57 -9.02 18.25
CA SER A 571 -20.82 -9.54 18.80
C SER A 571 -21.80 -8.43 19.17
N VAL A 572 -21.28 -7.22 19.32
CA VAL A 572 -22.08 -6.05 19.66
C VAL A 572 -23.06 -5.78 18.54
N LYS A 573 -24.26 -5.32 18.90
CA LYS A 573 -25.22 -4.83 17.92
C LYS A 573 -25.06 -3.32 17.79
N TRP A 574 -24.47 -2.87 16.68
CA TRP A 574 -24.00 -1.49 16.56
C TRP A 574 -25.12 -0.60 16.07
N ASN A 575 -26.28 -1.19 15.81
CA ASN A 575 -27.45 -0.39 15.49
C ASN A 575 -28.34 -0.12 16.70
N SER A 576 -27.88 -0.53 17.87
CA SER A 576 -28.57 -0.18 19.11
C SER A 576 -27.68 0.66 20.01
N ARG A 577 -28.14 1.89 20.30
CA ARG A 577 -27.40 2.81 21.15
C ARG A 577 -27.22 2.22 22.55
N ASP A 578 -28.12 1.31 22.92
CA ASP A 578 -28.07 0.71 24.25
C ASP A 578 -26.84 -0.14 24.42
N GLU A 579 -26.54 -0.96 23.41
CA GLU A 579 -25.41 -1.89 23.48
C GLU A 579 -24.07 -1.19 23.26
N VAL A 580 -24.07 -0.21 22.36
CA VAL A 580 -22.84 0.52 22.07
C VAL A 580 -22.38 1.28 23.31
N ALA A 581 -23.31 2.03 23.90
CA ALA A 581 -23.02 2.82 25.08
C ALA A 581 -22.38 1.94 26.14
N GLN A 582 -22.88 0.72 26.24
CA GLN A 582 -22.33 -0.22 27.18
C GLN A 582 -20.93 -0.66 26.76
N MET A 583 -20.71 -0.88 25.47
CA MET A 583 -19.41 -1.32 24.97
C MET A 583 -18.35 -0.25 25.10
N TYR A 584 -18.75 1.01 24.93
CA TYR A 584 -17.85 2.14 25.20
C TYR A 584 -17.28 2.14 26.62
N CYS A 585 -18.08 1.74 27.60
CA CYS A 585 -17.64 1.82 28.99
C CYS A 585 -16.64 0.72 29.26
N LEU A 586 -16.79 -0.39 28.54
CA LEU A 586 -15.86 -1.51 28.62
C LEU A 586 -14.48 -1.13 28.05
N VAL A 587 -14.51 -0.44 26.90
CA VAL A 587 -13.29 -0.07 26.18
C VAL A 587 -12.44 0.88 26.99
N LYS A 588 -13.11 1.84 27.61
CA LYS A 588 -12.45 2.85 28.42
C LYS A 588 -11.50 2.19 29.40
N ASP A 589 -11.98 1.15 30.07
CA ASP A 589 -11.22 0.43 31.09
C ASP A 589 -10.52 -0.85 30.61
N TRP A 590 -10.60 -1.15 29.32
CA TRP A 590 -9.97 -2.35 28.78
C TRP A 590 -8.45 -2.32 28.87
N PRO A 591 -7.84 -3.42 29.34
CA PRO A 591 -6.40 -3.65 29.40
C PRO A 591 -5.79 -3.69 28.00
N PRO A 592 -4.60 -3.13 27.81
CA PRO A 592 -4.06 -3.11 26.45
C PRO A 592 -3.77 -4.52 25.97
N ILE A 593 -3.66 -4.68 24.66
CA ILE A 593 -3.38 -5.97 24.08
C ILE A 593 -2.18 -5.82 23.16
N LYS A 594 -1.64 -6.95 22.73
CA LYS A 594 -0.49 -7.00 21.83
C LYS A 594 -0.73 -6.22 20.55
N PRO A 595 0.26 -5.45 20.10
CA PRO A 595 0.14 -4.68 18.86
C PRO A 595 -0.32 -5.53 17.70
N GLU A 596 0.25 -6.72 17.58
CA GLU A 596 -0.13 -7.65 16.53
C GLU A 596 -1.63 -7.90 16.60
N GLN A 597 -2.19 -7.89 17.80
CA GLN A 597 -3.65 -7.98 17.94
C GLN A 597 -4.36 -6.62 17.76
N ALA A 598 -3.80 -5.58 18.36
CA ALA A 598 -4.38 -4.25 18.29
C ALA A 598 -4.57 -3.77 16.86
N MET A 599 -3.71 -4.22 15.96
CA MET A 599 -3.75 -3.79 14.57
C MET A 599 -5.02 -4.23 13.86
N GLU A 600 -5.64 -5.32 14.31
CA GLU A 600 -6.86 -5.76 13.66
C GLU A 600 -7.88 -4.65 13.83
N LEU A 601 -7.86 -4.03 15.01
CA LEU A 601 -8.81 -2.96 15.35
C LEU A 601 -8.64 -1.71 14.49
N LEU A 602 -7.54 -1.64 13.73
CA LEU A 602 -7.40 -0.56 12.78
C LEU A 602 -7.87 -0.94 11.37
N ASP A 603 -8.33 -2.17 11.15
CA ASP A 603 -8.74 -2.53 9.78
C ASP A 603 -10.16 -1.98 9.50
N CYS A 604 -10.64 -2.24 8.28
CA CYS A 604 -11.91 -1.71 7.76
C CYS A 604 -13.14 -2.26 8.48
N ASN A 605 -12.94 -3.22 9.36
CA ASN A 605 -14.06 -3.80 10.11
C ASN A 605 -14.33 -3.12 11.45
N TYR A 606 -13.46 -2.19 11.84
CA TYR A 606 -13.62 -1.49 13.12
C TYR A 606 -13.47 0.01 12.95
N PRO A 607 -14.53 0.67 12.43
CA PRO A 607 -14.65 2.11 12.18
C PRO A 607 -14.79 3.00 13.43
N ASP A 608 -15.23 2.42 14.55
CA ASP A 608 -15.54 3.25 15.72
C ASP A 608 -14.34 3.96 16.34
N PRO A 609 -14.48 5.29 16.54
CA PRO A 609 -13.41 6.18 17.02
C PRO A 609 -12.87 5.88 18.41
N MET A 610 -13.67 5.30 19.31
CA MET A 610 -13.11 4.84 20.60
C MET A 610 -12.23 3.63 20.37
N VAL A 611 -12.80 2.64 19.69
CA VAL A 611 -12.12 1.40 19.37
C VAL A 611 -10.77 1.65 18.69
N ARG A 612 -10.74 2.52 17.69
CA ARG A 612 -9.50 2.82 16.99
C ARG A 612 -8.54 3.53 17.92
N GLY A 613 -9.09 4.46 18.71
CA GLY A 613 -8.31 5.16 19.72
C GLY A 613 -7.61 4.20 20.64
N PHE A 614 -8.36 3.19 21.12
CA PHE A 614 -7.80 2.18 22.00
C PHE A 614 -6.66 1.47 21.30
N ALA A 615 -6.90 1.08 20.06
CA ALA A 615 -5.90 0.37 19.29
C ALA A 615 -4.62 1.19 19.18
N VAL A 616 -4.78 2.49 18.97
CA VAL A 616 -3.63 3.38 18.80
C VAL A 616 -2.88 3.59 20.12
N ARG A 617 -3.59 3.55 21.24
N ARG A 617 -3.63 3.58 21.22
CA ARG A 617 -2.89 3.73 22.51
CA ARG A 617 -3.06 3.65 22.57
C ARG A 617 -2.05 2.48 22.86
C ARG A 617 -2.07 2.51 22.79
N CYS A 618 -2.45 1.33 22.32
CA CYS A 618 -1.63 0.12 22.43
C CYS A 618 -0.34 0.25 21.66
N LEU A 619 -0.44 0.80 20.45
CA LEU A 619 0.73 0.97 19.62
C LEU A 619 1.67 1.95 20.29
N GLU A 620 1.09 2.96 20.93
CA GLU A 620 1.88 3.94 21.65
C GLU A 620 2.66 3.28 22.77
N LYS A 621 1.99 2.43 23.53
CA LYS A 621 2.69 1.81 24.65
C LYS A 621 3.63 0.65 24.26
N TYR A 622 3.12 -0.31 23.48
CA TYR A 622 3.84 -1.55 23.15
C TYR A 622 4.50 -1.73 21.76
N LEU A 623 4.46 -0.76 20.85
CA LEU A 623 5.00 -1.03 19.50
C LEU A 623 6.40 -0.47 19.34
N THR A 624 7.38 -1.37 19.26
CA THR A 624 8.75 -0.96 19.01
C THR A 624 8.93 -0.32 17.65
N ASP A 625 9.94 0.53 17.53
CA ASP A 625 10.18 1.16 16.23
C ASP A 625 10.49 0.10 15.19
N ASP A 626 11.10 -0.99 15.65
CA ASP A 626 11.41 -2.12 14.78
C ASP A 626 10.16 -2.69 14.13
N LYS A 627 9.15 -2.99 14.95
CA LYS A 627 7.88 -3.50 14.43
C LYS A 627 7.16 -2.45 13.61
N LEU A 628 7.29 -1.18 13.97
CA LEU A 628 6.60 -0.12 13.23
C LEU A 628 7.15 0.00 11.79
N SER A 629 8.47 -0.09 11.66
CA SER A 629 9.11 -0.17 10.35
C SER A 629 8.67 -1.40 9.57
N GLN A 630 8.62 -2.52 10.27
CA GLN A 630 8.24 -3.78 9.66
C GLN A 630 6.81 -3.73 9.09
N TYR A 631 5.89 -3.13 9.83
CA TYR A 631 4.47 -3.05 9.44
C TYR A 631 4.06 -1.70 8.81
N LEU A 632 5.01 -0.82 8.57
CA LEU A 632 4.67 0.50 8.07
C LEU A 632 3.73 0.47 6.84
N ILE A 633 3.99 -0.41 5.88
CA ILE A 633 3.14 -0.49 4.68
C ILE A 633 1.65 -0.53 5.05
N GLN A 634 1.30 -1.43 5.97
CA GLN A 634 -0.10 -1.59 6.36
C GLN A 634 -0.64 -0.39 7.14
N LEU A 635 0.16 0.17 8.06
CA LEU A 635 -0.33 1.24 8.92
C LEU A 635 -0.68 2.47 8.12
N VAL A 636 0.16 2.82 7.16
CA VAL A 636 -0.19 3.82 6.17
C VAL A 636 -1.49 3.50 5.40
N GLN A 637 -1.64 2.24 4.98
CA GLN A 637 -2.85 1.85 4.21
C GLN A 637 -4.14 2.02 4.99
N VAL A 638 -4.17 1.61 6.26
CA VAL A 638 -5.42 1.76 6.99
C VAL A 638 -5.77 3.22 7.21
N LEU A 639 -4.85 4.13 6.96
CA LEU A 639 -5.19 5.56 6.97
C LEU A 639 -6.27 5.88 5.94
N LYS A 640 -6.42 5.02 4.94
CA LYS A 640 -7.43 5.26 3.92
C LYS A 640 -8.82 4.99 4.51
N TYR A 641 -8.89 4.15 5.52
CA TYR A 641 -10.15 3.78 6.16
C TYR A 641 -10.62 4.79 7.20
N GLU A 642 -9.77 5.73 7.57
CA GLU A 642 -10.19 6.74 8.53
C GLU A 642 -11.33 7.59 7.95
N GLN A 643 -12.42 7.74 8.70
CA GLN A 643 -13.50 8.63 8.32
C GLN A 643 -13.10 10.09 8.10
N TYR A 644 -12.12 10.57 8.87
CA TYR A 644 -11.72 11.98 8.85
C TYR A 644 -10.21 12.15 8.68
N LEU A 645 -9.82 13.33 8.26
CA LEU A 645 -8.41 13.62 8.07
C LEU A 645 -7.70 13.53 9.39
N ASP A 646 -8.29 14.16 10.42
CA ASP A 646 -7.66 14.29 11.73
C ASP A 646 -8.12 13.18 12.68
N ASN A 647 -7.16 12.36 13.09
CA ASN A 647 -7.48 11.24 13.95
C ASN A 647 -6.24 10.80 14.70
N LEU A 648 -6.47 10.00 15.73
CA LEU A 648 -5.40 9.53 16.56
C LEU A 648 -4.34 8.79 15.76
N LEU A 649 -4.75 7.92 14.83
CA LEU A 649 -3.77 7.12 14.09
C LEU A 649 -2.83 7.99 13.27
N VAL A 650 -3.37 9.03 12.62
CA VAL A 650 -2.50 9.80 11.74
C VAL A 650 -1.51 10.61 12.55
N ARG A 651 -1.94 11.09 13.73
CA ARG A 651 -1.09 11.88 14.60
C ARG A 651 0.04 11.02 15.13
N PHE A 652 -0.27 9.80 15.55
CA PHE A 652 0.73 8.88 16.05
C PHE A 652 1.79 8.62 14.98
N LEU A 653 1.36 8.23 13.77
CA LEU A 653 2.31 7.93 12.68
C LEU A 653 3.20 9.13 12.31
N LEU A 654 2.59 10.30 12.17
CA LEU A 654 3.32 11.50 11.79
C LEU A 654 4.37 11.80 12.84
N LYS A 655 3.97 11.64 14.10
CA LYS A 655 4.85 11.89 15.23
C LYS A 655 6.02 10.95 15.17
N LYS A 656 5.74 9.66 14.97
CA LYS A 656 6.81 8.67 14.86
C LYS A 656 7.71 9.02 13.69
N ALA A 657 7.10 9.39 12.58
CA ALA A 657 7.87 9.71 11.39
C ALA A 657 8.79 10.89 11.62
N LEU A 658 8.37 11.83 12.46
CA LEU A 658 9.19 13.01 12.70
C LEU A 658 10.13 12.86 13.89
N THR A 659 10.00 11.81 14.68
CA THR A 659 11.08 11.56 15.65
C THR A 659 12.09 10.45 15.26
N ASN A 660 11.83 9.76 14.16
CA ASN A 660 12.75 8.74 13.65
C ASN A 660 12.87 8.88 12.15
N GLN A 661 14.07 9.15 11.64
CA GLN A 661 14.21 9.43 10.21
C GLN A 661 14.22 8.19 9.31
N ARG A 662 14.40 7.01 9.88
CA ARG A 662 14.33 5.80 9.06
C ARG A 662 12.85 5.49 8.84
N ILE A 663 12.04 5.78 9.85
CA ILE A 663 10.61 5.66 9.70
C ILE A 663 10.14 6.80 8.81
N GLY A 664 10.75 7.96 8.97
CA GLY A 664 10.36 9.12 8.20
C GLY A 664 10.53 8.86 6.72
N HIS A 665 11.67 8.30 6.36
CA HIS A 665 12.00 8.00 4.96
C HIS A 665 10.92 7.17 4.28
N PHE A 666 10.55 6.06 4.90
CA PHE A 666 9.59 5.17 4.23
C PHE A 666 8.17 5.67 4.36
N PHE A 667 7.93 6.41 5.43
CA PHE A 667 6.68 7.12 5.61
C PHE A 667 6.46 7.99 4.39
N PHE A 668 7.48 8.75 4.01
CA PHE A 668 7.35 9.66 2.89
C PHE A 668 7.12 8.90 1.57
N TRP A 669 7.92 7.87 1.31
CA TRP A 669 7.92 7.22 -0.02
C TRP A 669 6.67 6.39 -0.24
N HIS A 670 6.13 5.78 0.82
CA HIS A 670 4.85 5.08 0.69
C HIS A 670 3.67 6.03 0.39
N LEU A 671 3.64 7.20 1.04
CA LEU A 671 2.64 8.22 0.74
C LEU A 671 2.80 8.85 -0.66
N LYS A 672 4.03 9.24 -0.99
CA LYS A 672 4.33 9.86 -2.28
C LYS A 672 4.05 8.90 -3.45
N SER A 673 4.27 7.61 -3.24
CA SER A 673 4.13 6.67 -4.33
C SER A 673 2.67 6.56 -4.79
N GLU A 674 1.74 6.93 -3.90
CA GLU A 674 0.31 6.92 -4.22
C GLU A 674 -0.32 8.26 -4.61
N MET A 675 0.47 9.31 -4.72
CA MET A 675 -0.10 10.64 -4.95
C MET A 675 -0.84 10.84 -6.28
N HIS A 676 -0.67 9.89 -7.20
CA HIS A 676 -1.29 9.89 -8.54
C HIS A 676 -2.73 9.42 -8.45
N ASN A 677 -3.00 8.66 -7.40
CA ASN A 677 -4.33 8.10 -7.12
C ASN A 677 -5.25 9.16 -6.47
N LYS A 678 -6.35 9.51 -7.13
CA LYS A 678 -7.14 10.66 -6.68
C LYS A 678 -8.02 10.35 -5.47
N THR A 679 -8.25 9.07 -5.19
CA THR A 679 -9.00 8.72 -3.99
C THR A 679 -8.29 9.21 -2.70
N VAL A 680 -6.99 8.94 -2.62
CA VAL A 680 -6.21 9.35 -1.46
C VAL A 680 -5.37 10.63 -1.61
N SER A 681 -5.30 11.26 -2.79
CA SER A 681 -4.24 12.26 -2.94
C SER A 681 -4.44 13.54 -2.13
N GLN A 682 -5.68 13.86 -1.76
CA GLN A 682 -5.86 15.05 -0.95
C GLN A 682 -5.38 14.71 0.45
N ARG A 683 -5.77 13.55 0.94
CA ARG A 683 -5.37 13.16 2.27
C ARG A 683 -3.85 13.08 2.36
N PHE A 684 -3.25 12.27 1.50
CA PHE A 684 -1.82 12.02 1.56
C PHE A 684 -1.00 13.30 1.33
N GLY A 685 -1.52 14.19 0.50
CA GLY A 685 -0.77 15.41 0.18
C GLY A 685 -0.73 16.34 1.38
N LEU A 686 -1.85 16.41 2.12
CA LEU A 686 -1.91 17.17 3.38
C LEU A 686 -0.99 16.57 4.41
N LEU A 687 -0.89 15.25 4.43
CA LEU A 687 -0.02 14.56 5.38
C LEU A 687 1.43 14.75 4.98
N LEU A 688 1.69 14.65 3.69
CA LEU A 688 3.04 14.90 3.18
C LEU A 688 3.48 16.35 3.42
N GLU A 689 2.55 17.31 3.37
CA GLU A 689 2.94 18.71 3.52
C GLU A 689 3.45 18.96 4.95
N SER A 690 2.67 18.55 5.94
CA SER A 690 3.06 18.75 7.33
C SER A 690 4.39 18.06 7.61
N TYR A 691 4.53 16.83 7.10
CA TYR A 691 5.77 16.07 7.29
C TYR A 691 6.96 16.81 6.69
N CYS A 692 6.80 17.35 5.48
CA CYS A 692 7.91 18.07 4.86
C CYS A 692 8.23 19.40 5.56
N ARG A 693 7.24 20.02 6.19
CA ARG A 693 7.48 21.21 6.99
C ARG A 693 8.34 20.92 8.20
N ALA A 694 8.02 19.87 8.94
CA ALA A 694 8.72 19.56 10.18
C ALA A 694 9.91 18.59 10.10
N CYS A 695 10.14 17.93 8.95
CA CYS A 695 11.13 16.86 8.92
C CYS A 695 12.58 17.39 8.97
N GLY A 696 12.75 18.68 8.71
CA GLY A 696 14.08 19.27 8.78
C GLY A 696 14.90 19.11 7.53
N MET A 697 16.20 18.91 7.70
CA MET A 697 17.11 18.89 6.56
C MET A 697 16.93 17.67 5.68
N TYR A 698 16.24 16.66 6.20
CA TYR A 698 16.03 15.47 5.39
C TYR A 698 15.28 15.86 4.10
N LEU A 699 14.49 16.94 4.14
CA LEU A 699 13.77 17.41 2.96
C LEU A 699 14.71 17.69 1.78
N LYS A 700 15.92 18.16 2.06
CA LYS A 700 16.90 18.42 1.02
C LYS A 700 17.36 17.12 0.40
N HIS A 701 17.45 16.08 1.23
CA HIS A 701 17.89 14.77 0.75
C HIS A 701 16.78 14.07 -0.01
N LEU A 702 15.55 14.18 0.48
CA LEU A 702 14.40 13.60 -0.23
C LEU A 702 14.24 14.23 -1.60
N ASN A 703 14.43 15.54 -1.69
CA ASN A 703 14.32 16.22 -2.98
C ASN A 703 15.39 15.80 -3.95
N ARG A 704 16.55 15.43 -3.45
N ARG A 704 16.55 15.43 -3.43
CA ARG A 704 17.61 14.95 -4.33
CA ARG A 704 17.64 14.94 -4.28
C ARG A 704 17.23 13.57 -4.86
C ARG A 704 17.29 13.57 -4.83
N GLN A 705 16.59 12.77 -4.02
CA GLN A 705 16.14 11.45 -4.44
C GLN A 705 15.03 11.59 -5.49
N VAL A 706 14.05 12.43 -5.18
CA VAL A 706 12.96 12.64 -6.09
C VAL A 706 13.47 13.19 -7.43
N GLU A 707 14.44 14.10 -7.40
CA GLU A 707 14.93 14.66 -8.64
C GLU A 707 15.61 13.54 -9.44
N ALA A 708 16.36 12.65 -8.76
CA ALA A 708 17.04 11.55 -9.44
C ALA A 708 16.04 10.58 -10.08
N MET A 709 14.94 10.28 -9.40
CA MET A 709 13.93 9.39 -9.95
C MET A 709 13.24 10.01 -11.15
N GLU A 710 13.05 11.32 -11.11
CA GLU A 710 12.37 11.99 -12.20
C GLU A 710 13.19 11.98 -13.50
N LYS A 711 14.52 12.03 -13.39
CA LYS A 711 15.36 11.88 -14.58
C LYS A 711 15.32 10.45 -15.11
N LEU A 712 15.17 9.48 -14.22
CA LEU A 712 15.08 8.07 -14.61
C LEU A 712 13.72 7.79 -15.29
N ILE A 713 12.66 8.40 -14.77
CA ILE A 713 11.34 8.30 -15.40
C ILE A 713 11.33 8.94 -16.79
N ASN A 714 11.86 10.14 -16.93
CA ASN A 714 11.95 10.76 -18.24
C ASN A 714 12.77 9.91 -19.22
N LEU A 715 13.96 9.48 -18.79
CA LEU A 715 14.87 8.69 -19.62
C LEU A 715 14.19 7.41 -20.09
N THR A 716 13.62 6.62 -19.17
CA THR A 716 12.92 5.43 -19.60
C THR A 716 11.64 5.70 -20.38
N ASP A 717 11.05 6.90 -20.26
CA ASP A 717 9.87 7.19 -21.09
C ASP A 717 10.29 7.43 -22.55
N ILE A 718 11.45 8.05 -22.77
CA ILE A 718 11.93 8.21 -24.13
C ILE A 718 12.15 6.84 -24.78
N LEU A 719 12.88 5.98 -24.08
CA LEU A 719 13.09 4.60 -24.52
C LEU A 719 11.78 3.86 -24.85
N LYS A 720 10.75 3.99 -24.02
CA LYS A 720 9.52 3.23 -24.22
C LYS A 720 8.53 3.91 -25.17
N GLN A 721 8.76 5.18 -25.51
CA GLN A 721 7.82 5.89 -26.37
C GLN A 721 8.39 6.25 -27.74
N GLU A 722 9.34 7.19 -27.83
CA GLU A 722 9.90 7.54 -29.15
C GLU A 722 10.86 6.51 -29.70
N LYS A 723 11.64 5.90 -28.82
CA LYS A 723 12.65 4.91 -29.21
C LYS A 723 12.12 3.48 -29.23
N LYS A 724 10.82 3.31 -28.99
CA LYS A 724 10.25 1.97 -28.84
C LYS A 724 10.53 1.08 -30.03
N ASP A 725 10.53 1.58 -31.28
CA ASP A 725 11.11 0.70 -32.29
C ASP A 725 12.49 1.19 -32.61
N GLU A 726 13.45 0.56 -31.96
CA GLU A 726 14.85 0.72 -32.28
C GLU A 726 15.62 -0.45 -31.67
N THR A 727 16.80 -0.72 -32.20
CA THR A 727 17.58 -1.82 -31.71
C THR A 727 18.16 -1.50 -30.34
N GLN A 728 18.53 -2.53 -29.61
CA GLN A 728 19.26 -2.37 -28.36
C GLN A 728 20.52 -1.53 -28.55
N LYS A 729 21.24 -1.74 -29.64
CA LYS A 729 22.52 -1.06 -29.83
C LYS A 729 22.33 0.46 -29.95
N VAL A 730 21.34 0.87 -30.74
CA VAL A 730 21.03 2.28 -30.90
C VAL A 730 20.55 2.87 -29.57
N GLN A 731 19.65 2.16 -28.90
CA GLN A 731 19.18 2.55 -27.59
C GLN A 731 20.32 2.60 -26.56
N MET A 732 21.30 1.73 -26.68
CA MET A 732 22.40 1.75 -25.72
C MET A 732 23.31 2.94 -26.00
N LYS A 733 23.46 3.31 -27.27
CA LYS A 733 24.21 4.51 -27.59
C LYS A 733 23.51 5.76 -27.00
N PHE A 734 22.17 5.82 -27.08
CA PHE A 734 21.43 6.97 -26.58
C PHE A 734 21.46 7.05 -25.06
N LEU A 735 21.43 5.89 -24.39
CA LEU A 735 21.47 5.88 -22.92
C LEU A 735 22.81 6.40 -22.42
N VAL A 736 23.89 5.98 -23.05
CA VAL A 736 25.23 6.42 -22.70
C VAL A 736 25.41 7.93 -22.85
N GLU A 737 25.00 8.47 -24.00
CA GLU A 737 25.21 9.88 -24.32
C GLU A 737 24.45 10.78 -23.37
N GLN A 738 23.31 10.30 -22.90
CA GLN A 738 22.49 11.07 -21.98
C GLN A 738 23.06 11.04 -20.57
N MET A 739 23.66 9.93 -20.17
CA MET A 739 24.08 9.76 -18.78
C MET A 739 25.35 10.55 -18.48
N ARG A 740 26.09 10.89 -19.53
CA ARG A 740 27.28 11.72 -19.42
C ARG A 740 26.92 13.19 -19.32
N ARG A 741 25.68 13.51 -19.65
CA ARG A 741 25.23 14.90 -19.61
C ARG A 741 25.41 15.50 -18.21
N PRO A 742 25.90 16.74 -18.14
CA PRO A 742 26.15 17.35 -16.83
C PRO A 742 24.91 17.44 -15.94
N ASP A 743 23.76 17.80 -16.50
CA ASP A 743 22.57 17.92 -15.68
C ASP A 743 22.13 16.55 -15.19
N PHE A 744 22.47 15.51 -15.93
CA PHE A 744 22.14 14.14 -15.54
C PHE A 744 23.10 13.60 -14.47
N MET A 745 24.40 13.81 -14.68
CA MET A 745 25.38 13.50 -13.66
C MET A 745 25.06 14.18 -12.30
N ASP A 746 24.74 15.47 -12.31
CA ASP A 746 24.40 16.20 -11.09
C ASP A 746 23.30 15.52 -10.32
N ALA A 747 22.29 15.11 -11.06
CA ALA A 747 21.08 14.58 -10.45
C ALA A 747 21.23 13.13 -10.03
N LEU A 748 22.01 12.34 -10.76
CA LEU A 748 22.08 10.93 -10.42
C LEU A 748 23.28 10.54 -9.58
N GLN A 749 24.08 11.53 -9.19
CA GLN A 749 25.23 11.24 -8.37
C GLN A 749 25.12 11.96 -7.05
N GLY A 750 25.62 11.32 -6.00
CA GLY A 750 25.63 11.93 -4.69
C GLY A 750 24.27 12.15 -4.03
N PHE A 751 23.49 11.08 -3.88
CA PHE A 751 22.25 11.09 -3.08
C PHE A 751 22.12 9.75 -2.32
N LEU A 752 21.15 9.69 -1.42
CA LEU A 752 20.85 8.47 -0.69
C LEU A 752 19.87 7.57 -1.44
N SER A 753 20.10 6.27 -1.34
CA SER A 753 19.25 5.26 -1.96
C SER A 753 17.89 5.17 -1.32
N PRO A 754 16.81 5.37 -2.10
CA PRO A 754 15.48 5.21 -1.50
C PRO A 754 15.18 3.82 -0.95
N LEU A 755 15.92 2.81 -1.36
CA LEU A 755 15.71 1.44 -0.86
C LEU A 755 16.26 1.28 0.57
N ASN A 756 17.48 1.77 0.78
CA ASN A 756 18.06 1.91 2.12
C ASN A 756 18.81 3.23 2.29
N PRO A 757 18.14 4.26 2.82
CA PRO A 757 18.75 5.60 2.94
C PRO A 757 20.12 5.58 3.68
N ALA A 758 20.43 4.52 4.40
CA ALA A 758 21.79 4.32 4.94
C ALA A 758 22.83 4.01 3.85
N HIS A 759 22.39 3.74 2.63
CA HIS A 759 23.34 3.55 1.55
C HIS A 759 23.47 4.80 0.74
N GLN A 760 24.68 5.36 0.74
CA GLN A 760 24.98 6.53 -0.05
C GLN A 760 25.32 6.16 -1.48
N LEU A 761 24.66 6.79 -2.43
CA LEU A 761 24.96 6.58 -3.83
C LEU A 761 25.86 7.71 -4.32
N GLY A 762 27.08 7.34 -4.67
CA GLY A 762 28.12 8.26 -5.10
C GLY A 762 28.15 8.39 -6.61
N ASN A 763 29.33 8.51 -7.19
CA ASN A 763 29.45 8.49 -8.63
C ASN A 763 28.91 7.21 -9.29
N LEU A 764 28.23 7.42 -10.42
CA LEU A 764 27.81 6.36 -11.31
C LEU A 764 28.99 5.58 -11.83
N ARG A 765 28.85 4.26 -11.96
CA ARG A 765 29.85 3.55 -12.74
C ARG A 765 29.16 3.39 -14.07
N LEU A 766 29.57 4.21 -15.02
CA LEU A 766 28.78 4.35 -16.24
C LEU A 766 28.91 3.09 -17.09
N GLU A 767 30.04 2.41 -16.95
CA GLU A 767 30.36 1.24 -17.75
C GLU A 767 29.51 0.05 -17.35
N GLU A 768 29.02 0.05 -16.12
CA GLU A 768 28.17 -1.06 -15.70
C GLU A 768 26.68 -0.76 -15.85
N CYS A 769 26.33 0.43 -16.33
CA CYS A 769 24.91 0.79 -16.49
C CYS A 769 24.40 0.38 -17.86
N ARG A 770 23.20 -0.21 -17.87
N ARG A 770 23.20 -0.20 -17.86
CA ARG A 770 22.68 -0.76 -19.12
CA ARG A 770 22.67 -0.78 -19.09
C ARG A 770 21.18 -0.93 -19.06
C ARG A 770 21.15 -0.89 -19.05
N ILE A 771 20.55 -1.04 -20.23
CA ILE A 771 19.15 -1.38 -20.36
C ILE A 771 19.02 -2.90 -20.41
N MET A 772 18.30 -3.48 -19.46
CA MET A 772 18.06 -4.91 -19.48
C MET A 772 17.10 -5.34 -20.61
N SER A 773 17.21 -6.60 -21.01
CA SER A 773 16.51 -7.12 -22.21
C SER A 773 15.00 -7.39 -22.02
N SER A 774 14.54 -7.25 -20.79
CA SER A 774 13.15 -7.49 -20.41
C SER A 774 12.23 -6.45 -21.05
N ALA A 775 10.93 -6.74 -21.06
CA ALA A 775 9.99 -6.03 -21.92
C ALA A 775 9.77 -4.55 -21.62
N LYS A 776 9.80 -4.18 -20.34
CA LYS A 776 9.50 -2.80 -19.97
C LYS A 776 10.74 -1.92 -20.02
N ARG A 777 11.84 -2.50 -20.49
CA ARG A 777 13.13 -1.81 -20.66
C ARG A 777 13.69 -1.27 -19.33
N PRO A 778 13.89 -2.17 -18.35
CA PRO A 778 14.42 -1.76 -17.04
C PRO A 778 15.87 -1.30 -17.14
N LEU A 779 16.32 -0.50 -16.17
CA LEU A 779 17.71 -0.04 -16.18
C LEU A 779 18.46 -0.66 -15.03
N TRP A 780 19.65 -1.14 -15.34
CA TRP A 780 20.55 -1.72 -14.39
C TRP A 780 21.52 -0.63 -14.07
N LEU A 781 21.56 -0.20 -12.81
CA LEU A 781 22.39 0.91 -12.40
C LEU A 781 23.40 0.54 -11.34
N ASN A 782 24.58 1.15 -11.39
CA ASN A 782 25.58 0.95 -10.37
C ASN A 782 26.23 2.25 -9.91
N TRP A 783 26.47 2.34 -8.61
CA TRP A 783 27.07 3.51 -7.98
C TRP A 783 28.24 3.11 -7.10
N GLU A 784 29.30 3.92 -7.11
CA GLU A 784 30.35 3.86 -6.08
C GLU A 784 29.75 4.06 -4.70
N ASN A 785 30.27 3.32 -3.72
CA ASN A 785 29.99 3.60 -2.33
C ASN A 785 31.12 4.50 -1.85
N PRO A 786 30.80 5.76 -1.60
CA PRO A 786 31.71 6.82 -1.16
C PRO A 786 32.24 6.57 0.25
N ASP A 787 31.63 5.63 0.99
CA ASP A 787 32.13 5.21 2.29
C ASP A 787 33.61 4.82 2.18
N ILE A 788 34.39 5.28 3.15
CA ILE A 788 35.83 5.06 3.15
C ILE A 788 36.17 3.57 3.38
N MET A 789 35.29 2.88 4.11
CA MET A 789 35.40 1.47 4.46
C MET A 789 34.66 0.52 3.51
N SER A 790 34.17 1.03 2.39
CA SER A 790 33.28 0.27 1.50
C SER A 790 33.78 -1.12 1.05
N GLU A 791 35.09 -1.35 1.06
CA GLU A 791 35.63 -2.67 0.67
C GLU A 791 35.20 -3.80 1.60
N LEU A 792 34.98 -3.46 2.88
CA LEU A 792 34.59 -4.48 3.87
C LEU A 792 33.19 -5.01 3.65
N LEU A 793 32.27 -4.12 3.30
CA LEU A 793 30.91 -4.50 2.97
C LEU A 793 30.32 -3.41 2.06
N PHE A 794 29.35 -3.77 1.23
CA PHE A 794 28.67 -2.82 0.33
C PHE A 794 29.62 -2.05 -0.61
N GLN A 795 30.46 -2.74 -1.36
CA GLN A 795 31.30 -2.06 -2.34
C GLN A 795 30.50 -1.67 -3.59
N ASN A 796 29.48 -2.46 -3.92
CA ASN A 796 28.60 -2.13 -5.04
C ASN A 796 27.22 -1.77 -4.56
N ASN A 797 26.65 -0.72 -5.13
CA ASN A 797 25.23 -0.53 -5.00
C ASN A 797 24.61 -0.73 -6.35
N GLU A 798 23.91 -1.84 -6.54
CA GLU A 798 23.32 -2.15 -7.86
C GLU A 798 21.81 -2.21 -7.74
N ILE A 799 21.17 -1.40 -8.57
CA ILE A 799 19.74 -1.19 -8.47
C ILE A 799 19.11 -1.28 -9.84
N ILE A 800 17.97 -1.95 -9.89
CA ILE A 800 17.18 -1.98 -11.10
C ILE A 800 16.07 -0.97 -10.96
N PHE A 801 16.06 0.00 -11.87
CA PHE A 801 14.97 0.95 -11.96
C PHE A 801 13.96 0.47 -13.01
N LYS A 802 12.69 0.34 -12.61
CA LYS A 802 11.70 -0.21 -13.52
C LYS A 802 10.48 0.68 -13.63
N ASN A 803 10.17 1.09 -14.86
CA ASN A 803 9.04 1.94 -15.16
C ASN A 803 8.03 1.16 -16.02
N GLY A 804 6.78 1.09 -15.59
CA GLY A 804 5.76 0.33 -16.28
C GLY A 804 5.17 -0.91 -15.64
N ASP A 805 5.77 -1.45 -14.59
CA ASP A 805 5.08 -2.50 -13.84
C ASP A 805 4.68 -2.05 -12.44
N ASP A 806 3.54 -2.54 -11.97
CA ASP A 806 3.06 -2.21 -10.64
C ASP A 806 3.81 -3.10 -9.70
N LEU A 807 4.60 -2.49 -8.82
CA LEU A 807 5.47 -3.23 -7.91
C LEU A 807 4.88 -3.41 -6.53
N ARG A 808 3.65 -2.94 -6.32
CA ARG A 808 3.05 -3.00 -5.00
C ARG A 808 2.85 -4.42 -4.50
N GLN A 809 2.51 -5.33 -5.40
CA GLN A 809 2.27 -6.72 -5.02
C GLN A 809 3.55 -7.44 -4.65
N ASP A 810 4.61 -7.26 -5.45
CA ASP A 810 5.93 -7.80 -5.10
C ASP A 810 6.37 -7.27 -3.75
N MET A 811 6.33 -5.95 -3.62
CA MET A 811 6.74 -5.28 -2.38
C MET A 811 6.05 -5.88 -1.14
N LEU A 812 4.76 -6.14 -1.23
CA LEU A 812 4.04 -6.76 -0.10
C LEU A 812 4.56 -8.16 0.17
N THR A 813 4.61 -8.95 -0.90
CA THR A 813 5.11 -10.32 -0.83
C THR A 813 6.50 -10.38 -0.19
N LEU A 814 7.40 -9.54 -0.66
CA LEU A 814 8.74 -9.52 -0.08
C LEU A 814 8.68 -9.18 1.40
N GLN A 815 7.75 -8.29 1.76
CA GLN A 815 7.64 -7.90 3.15
C GLN A 815 7.16 -9.05 4.02
N ILE A 816 6.21 -9.81 3.48
CA ILE A 816 5.67 -10.97 4.16
C ILE A 816 6.72 -12.07 4.32
N ILE A 817 7.58 -12.18 3.33
CA ILE A 817 8.68 -13.14 3.39
C ILE A 817 9.63 -12.74 4.53
N ARG A 818 9.95 -11.44 4.63
CA ARG A 818 10.81 -10.94 5.72
C ARG A 818 10.21 -11.20 7.10
N ILE A 819 8.92 -10.92 7.26
CA ILE A 819 8.22 -11.17 8.52
C ILE A 819 8.21 -12.67 8.85
N MET A 820 8.12 -13.51 7.82
CA MET A 820 8.22 -14.97 8.00
C MET A 820 9.62 -15.39 8.48
N GLU A 821 10.65 -14.95 7.75
CA GLU A 821 12.02 -15.21 8.16
C GLU A 821 12.26 -14.80 9.62
N ASN A 822 11.76 -13.64 10.00
CA ASN A 822 11.93 -13.19 11.38
C ASN A 822 11.24 -14.14 12.36
N ILE A 823 9.99 -14.52 12.08
CA ILE A 823 9.29 -15.48 12.93
C ILE A 823 10.13 -16.74 13.15
N TRP A 824 10.69 -17.27 12.06
CA TRP A 824 11.48 -18.50 12.12
C TRP A 824 12.78 -18.37 12.93
N GLN A 825 13.54 -17.31 12.68
CA GLN A 825 14.71 -17.02 13.48
C GLN A 825 14.37 -17.02 14.96
N ASN A 826 13.28 -16.34 15.31
CA ASN A 826 12.96 -16.19 16.74
C ASN A 826 12.56 -17.51 17.37
N GLN A 827 12.21 -18.49 16.53
CA GLN A 827 11.93 -19.84 16.99
C GLN A 827 13.16 -20.74 16.93
N GLY A 828 14.30 -20.19 16.56
CA GLY A 828 15.50 -20.97 16.39
C GLY A 828 15.58 -21.76 15.08
N LEU A 829 14.69 -21.45 14.15
CA LEU A 829 14.73 -22.08 12.83
C LEU A 829 15.56 -21.27 11.85
N ASP A 830 16.70 -21.76 11.40
CA ASP A 830 17.46 -20.88 10.52
C ASP A 830 17.13 -21.31 9.10
N LEU A 831 16.25 -20.54 8.51
CA LEU A 831 15.82 -20.72 7.15
C LEU A 831 16.13 -19.42 6.48
N ARG A 832 17.08 -19.42 5.58
CA ARG A 832 17.54 -18.15 5.11
C ARG A 832 16.73 -17.76 3.90
N MET A 833 15.95 -16.70 4.09
CA MET A 833 15.16 -16.17 3.00
C MET A 833 15.98 -15.08 2.35
N LEU A 834 15.49 -14.51 1.26
CA LEU A 834 16.19 -13.37 0.69
C LEU A 834 15.15 -12.37 0.18
N PRO A 835 14.56 -11.62 1.12
CA PRO A 835 13.63 -10.56 0.78
C PRO A 835 14.40 -9.35 0.27
N TYR A 836 14.77 -9.34 -1.01
CA TYR A 836 15.56 -8.24 -1.56
C TYR A 836 14.77 -6.96 -1.53
N GLY A 837 15.48 -5.83 -1.51
CA GLY A 837 14.82 -4.55 -1.57
C GLY A 837 13.89 -4.39 -2.76
N CYS A 838 12.64 -4.04 -2.46
CA CYS A 838 11.69 -3.67 -3.48
C CYS A 838 10.87 -2.49 -3.01
N LEU A 839 10.85 -1.44 -3.81
CA LEU A 839 10.14 -0.23 -3.40
C LEU A 839 9.32 0.39 -4.51
N SER A 840 8.02 0.55 -4.30
CA SER A 840 7.20 1.27 -5.27
C SER A 840 7.30 2.78 -4.96
N ILE A 841 7.81 3.55 -5.91
CA ILE A 841 7.88 5.00 -5.80
C ILE A 841 6.84 5.83 -6.56
N GLY A 842 5.96 5.18 -7.29
CA GLY A 842 5.03 5.99 -8.04
C GLY A 842 4.03 5.13 -8.75
N ASP A 843 3.35 5.67 -9.75
CA ASP A 843 2.37 4.82 -10.42
C ASP A 843 3.16 3.90 -11.35
N CYS A 844 3.08 2.60 -11.05
CA CYS A 844 3.80 1.57 -11.82
C CYS A 844 5.26 1.92 -12.08
N VAL A 845 5.95 2.44 -11.07
CA VAL A 845 7.39 2.69 -11.19
C VAL A 845 8.09 2.35 -9.89
N GLY A 846 9.28 1.77 -10.00
CA GLY A 846 9.91 1.19 -8.82
C GLY A 846 11.39 0.86 -8.91
N LEU A 847 11.92 0.48 -7.76
CA LEU A 847 13.31 0.10 -7.60
C LEU A 847 13.35 -1.31 -7.06
N ILE A 848 14.25 -2.12 -7.61
CA ILE A 848 14.55 -3.43 -7.09
C ILE A 848 16.03 -3.51 -6.73
N GLU A 849 16.33 -3.98 -5.53
CA GLU A 849 17.71 -4.21 -5.16
C GLU A 849 18.24 -5.50 -5.81
N VAL A 850 19.32 -5.35 -6.58
CA VAL A 850 20.04 -6.44 -7.21
C VAL A 850 20.79 -7.36 -6.19
N VAL A 851 20.55 -8.66 -6.27
CA VAL A 851 21.32 -9.62 -5.47
C VAL A 851 22.56 -10.04 -6.23
N ARG A 852 23.70 -9.88 -5.58
CA ARG A 852 25.00 -10.13 -6.20
C ARG A 852 25.33 -11.61 -6.28
N ASN A 853 26.12 -11.97 -7.30
CA ASN A 853 26.60 -13.34 -7.45
C ASN A 853 25.49 -14.40 -7.40
N SER A 854 24.46 -14.17 -8.21
CA SER A 854 23.32 -15.07 -8.25
C SER A 854 22.78 -15.11 -9.67
N HIS A 855 22.27 -16.28 -10.06
CA HIS A 855 21.82 -16.53 -11.42
C HIS A 855 20.58 -17.37 -11.36
N THR A 856 19.78 -17.31 -12.43
CA THR A 856 18.61 -18.16 -12.50
C THR A 856 19.02 -19.58 -12.82
N ILE A 857 18.18 -20.52 -12.42
CA ILE A 857 18.31 -21.91 -12.80
C ILE A 857 18.48 -22.06 -14.32
N MET A 858 17.67 -21.32 -15.09
CA MET A 858 17.79 -21.35 -16.54
C MET A 858 19.15 -20.87 -17.03
N GLN A 859 19.66 -19.79 -16.44
CA GLN A 859 21.01 -19.36 -16.75
C GLN A 859 22.00 -20.48 -16.42
N ILE A 860 21.81 -21.14 -15.28
CA ILE A 860 22.73 -22.19 -14.89
C ILE A 860 22.70 -23.35 -15.89
N GLN A 861 21.51 -23.84 -16.19
CA GLN A 861 21.35 -24.94 -17.14
C GLN A 861 21.97 -24.62 -18.50
N CYS A 862 22.06 -23.33 -18.82
CA CYS A 862 22.54 -22.87 -20.10
C CYS A 862 24.05 -22.69 -20.16
N LYS A 863 24.73 -22.97 -19.05
CA LYS A 863 26.17 -23.12 -19.14
C LYS A 863 26.62 -24.44 -18.50
N GLY A 864 27.12 -25.36 -19.31
CA GLY A 864 27.57 -26.65 -18.80
C GLY A 864 26.46 -27.70 -18.81
N GLN A 871 22.72 -29.14 -23.30
CA GLN A 871 23.47 -30.23 -22.67
C GLN A 871 23.09 -30.50 -21.22
N PHE A 872 22.05 -29.86 -20.71
CA PHE A 872 21.79 -29.99 -19.29
C PHE A 872 20.89 -31.21 -18.97
N ASN A 873 21.38 -32.08 -18.11
CA ASN A 873 20.51 -33.06 -17.46
C ASN A 873 20.09 -32.56 -16.07
N SER A 874 19.41 -33.42 -15.32
CA SER A 874 18.93 -33.04 -14.00
C SER A 874 20.07 -32.76 -13.03
N HIS A 875 21.28 -33.23 -13.38
CA HIS A 875 22.44 -33.13 -12.51
C HIS A 875 23.29 -31.87 -12.72
N THR A 876 22.93 -31.08 -13.72
CA THR A 876 23.67 -29.85 -14.04
C THR A 876 23.79 -28.89 -12.86
N LEU A 877 22.68 -28.69 -12.13
CA LEU A 877 22.64 -27.74 -11.02
C LEU A 877 23.58 -28.12 -9.89
N HIS A 878 23.53 -29.40 -9.49
CA HIS A 878 24.39 -29.89 -8.43
C HIS A 878 25.86 -29.83 -8.86
N GLN A 879 26.11 -30.06 -10.14
CA GLN A 879 27.47 -29.96 -10.66
C GLN A 879 27.95 -28.50 -10.60
N TRP A 880 27.11 -27.59 -11.05
CA TRP A 880 27.39 -26.16 -10.95
C TRP A 880 27.73 -25.75 -9.52
N LEU A 881 26.89 -26.16 -8.57
CA LEU A 881 27.08 -25.78 -7.19
C LEU A 881 28.35 -26.41 -6.61
N LYS A 882 28.71 -27.60 -7.12
CA LYS A 882 29.98 -28.26 -6.76
C LYS A 882 31.18 -27.46 -7.21
N ASP A 883 31.18 -27.07 -8.48
CA ASP A 883 32.29 -26.31 -9.06
C ASP A 883 32.50 -24.99 -8.34
N LYS A 884 31.41 -24.40 -7.87
CA LYS A 884 31.48 -23.13 -7.16
C LYS A 884 31.94 -23.27 -5.71
N ASN A 885 31.58 -24.39 -5.07
CA ASN A 885 32.15 -24.69 -3.74
C ASN A 885 32.92 -26.01 -3.71
N LYS A 886 34.24 -25.92 -3.59
CA LYS A 886 35.10 -27.11 -3.65
C LYS A 886 35.69 -27.35 -2.26
N GLY A 887 35.93 -28.62 -1.95
CA GLY A 887 36.56 -28.98 -0.69
C GLY A 887 35.68 -28.81 0.53
N GLU A 888 36.27 -28.29 1.61
CA GLU A 888 35.63 -28.17 2.90
C GLU A 888 34.35 -27.34 2.93
N ILE A 889 34.23 -26.41 1.99
CA ILE A 889 33.10 -25.50 2.01
C ILE A 889 31.89 -26.08 1.27
N TYR A 890 32.07 -27.25 0.66
CA TYR A 890 31.00 -27.91 -0.08
C TYR A 890 29.78 -28.18 0.79
N ASP A 891 29.98 -28.77 1.96
CA ASP A 891 28.87 -29.13 2.83
C ASP A 891 28.00 -27.91 3.17
N ALA A 892 28.64 -26.80 3.50
CA ALA A 892 27.94 -25.57 3.89
C ALA A 892 26.98 -25.05 2.80
N ALA A 893 27.45 -25.13 1.56
CA ALA A 893 26.67 -24.74 0.40
C ALA A 893 25.43 -25.62 0.26
N ILE A 894 25.58 -26.92 0.53
CA ILE A 894 24.43 -27.81 0.48
C ILE A 894 23.46 -27.44 1.60
N ASP A 895 24.00 -27.19 2.78
CA ASP A 895 23.19 -26.85 3.95
C ASP A 895 22.41 -25.58 3.70
N LEU A 896 23.07 -24.59 3.08
CA LEU A 896 22.42 -23.31 2.81
C LEU A 896 21.31 -23.47 1.77
N PHE A 897 21.60 -24.19 0.68
CA PHE A 897 20.60 -24.49 -0.36
C PHE A 897 19.42 -25.29 0.22
N THR A 898 19.67 -26.19 1.14
CA THR A 898 18.58 -26.95 1.73
C THR A 898 17.66 -26.05 2.57
N ARG A 899 18.24 -25.27 3.47
CA ARG A 899 17.44 -24.41 4.34
C ARG A 899 16.65 -23.37 3.55
N SER A 900 17.33 -22.75 2.57
CA SER A 900 16.69 -21.74 1.74
C SER A 900 15.51 -22.37 1.05
N CYS A 901 15.79 -23.51 0.45
CA CYS A 901 14.78 -24.31 -0.24
C CYS A 901 13.56 -24.54 0.62
N ALA A 902 13.79 -24.98 1.86
CA ALA A 902 12.70 -25.32 2.74
C ALA A 902 11.79 -24.13 2.93
N GLY A 903 12.42 -22.98 3.16
CA GLY A 903 11.71 -21.76 3.48
C GLY A 903 10.81 -21.28 2.38
N TYR A 904 11.34 -21.35 1.15
CA TYR A 904 10.57 -20.89 0.01
C TYR A 904 9.52 -21.93 -0.35
N CYS A 905 9.79 -23.19 -0.09
CA CYS A 905 8.81 -24.23 -0.35
C CYS A 905 7.59 -23.98 0.54
N VAL A 906 7.83 -23.83 1.83
CA VAL A 906 6.76 -23.49 2.76
C VAL A 906 6.07 -22.14 2.47
N ALA A 907 6.82 -21.06 2.21
CA ALA A 907 6.19 -19.74 2.08
C ALA A 907 5.32 -19.63 0.83
N THR A 908 5.87 -20.06 -0.30
CA THR A 908 5.14 -20.00 -1.53
C THR A 908 3.90 -20.91 -1.48
N PHE A 909 3.95 -21.97 -0.68
CA PHE A 909 2.74 -22.78 -0.51
C PHE A 909 1.67 -21.93 0.15
N ILE A 910 2.05 -21.36 1.29
CA ILE A 910 1.11 -20.64 2.14
C ILE A 910 0.50 -19.45 1.42
N LEU A 911 1.33 -18.68 0.72
CA LEU A 911 0.88 -17.44 0.07
C LEU A 911 0.27 -17.69 -1.30
N GLY A 912 0.49 -18.89 -1.85
CA GLY A 912 -0.02 -19.21 -3.17
C GLY A 912 0.54 -18.34 -4.28
N ILE A 913 1.86 -18.23 -4.30
CA ILE A 913 2.62 -17.44 -5.27
C ILE A 913 2.38 -17.99 -6.68
N GLY A 914 2.53 -17.15 -7.69
CA GLY A 914 2.50 -17.61 -9.06
C GLY A 914 3.52 -18.73 -9.28
N ASP A 915 3.18 -19.63 -10.18
CA ASP A 915 3.95 -20.86 -10.38
C ASP A 915 5.42 -20.57 -10.70
N ARG A 916 6.29 -21.31 -10.03
CA ARG A 916 7.74 -21.17 -10.24
C ARG A 916 8.23 -21.89 -11.49
N HIS A 917 9.34 -21.39 -12.04
CA HIS A 917 10.03 -22.07 -13.12
C HIS A 917 11.51 -21.66 -13.10
N ASN A 918 12.28 -22.08 -14.10
CA ASN A 918 13.72 -21.87 -14.05
C ASN A 918 14.12 -20.38 -14.20
N SER A 919 13.22 -19.58 -14.76
CA SER A 919 13.43 -18.15 -14.94
C SER A 919 13.17 -17.28 -13.70
N ASN A 920 12.17 -17.65 -12.90
CA ASN A 920 11.87 -16.90 -11.67
C ASN A 920 12.46 -17.47 -10.37
N ILE A 921 13.31 -18.50 -10.45
CA ILE A 921 14.06 -19.03 -9.30
C ILE A 921 15.57 -18.78 -9.43
N MET A 922 16.20 -18.23 -8.39
CA MET A 922 17.63 -17.92 -8.47
C MET A 922 18.43 -18.61 -7.40
N VAL A 923 19.73 -18.70 -7.65
CA VAL A 923 20.67 -19.35 -6.74
C VAL A 923 21.96 -18.54 -6.69
N LYS A 924 22.39 -18.24 -5.47
CA LYS A 924 23.68 -17.62 -5.21
C LYS A 924 24.79 -18.66 -5.32
N ASP A 925 26.00 -18.22 -5.64
CA ASP A 925 27.15 -19.10 -5.81
C ASP A 925 27.42 -19.93 -4.57
N ASP A 926 27.13 -19.37 -3.39
CA ASP A 926 27.33 -20.10 -2.14
C ASP A 926 26.12 -20.98 -1.81
N GLY A 927 25.15 -21.01 -2.71
CA GLY A 927 24.07 -21.96 -2.59
C GLY A 927 22.73 -21.47 -2.09
N GLN A 928 22.64 -20.22 -1.65
CA GLN A 928 21.35 -19.71 -1.20
C GLN A 928 20.36 -19.66 -2.35
N LEU A 929 19.18 -20.23 -2.13
CA LEU A 929 18.16 -20.22 -3.15
C LEU A 929 17.08 -19.23 -2.74
N PHE A 930 16.52 -18.52 -3.72
CA PHE A 930 15.43 -17.58 -3.48
C PHE A 930 14.64 -17.39 -4.77
N HIS A 931 13.46 -16.79 -4.64
CA HIS A 931 12.52 -16.60 -5.70
C HIS A 931 12.48 -15.13 -6.08
N ILE A 932 12.15 -14.84 -7.33
CA ILE A 932 12.00 -13.46 -7.79
C ILE A 932 10.73 -13.34 -8.57
N ASP A 933 10.28 -12.12 -8.80
CA ASP A 933 9.13 -11.92 -9.69
C ASP A 933 7.91 -12.69 -9.22
N PHE A 934 7.28 -12.21 -8.15
CA PHE A 934 6.12 -12.91 -7.58
C PHE A 934 4.83 -12.58 -8.34
N GLY A 935 4.31 -11.36 -8.16
CA GLY A 935 3.40 -10.76 -9.13
C GLY A 935 2.00 -11.35 -9.29
N HIS A 936 1.74 -12.46 -8.60
CA HIS A 936 0.40 -13.02 -8.39
C HIS A 936 0.42 -13.69 -7.03
N PHE A 937 -0.67 -13.64 -6.27
CA PHE A 937 -0.80 -14.60 -5.16
C PHE A 937 -2.25 -14.92 -4.73
N LEU A 938 -2.37 -15.67 -3.63
CA LEU A 938 -3.68 -16.09 -3.12
C LEU A 938 -4.57 -16.81 -4.17
N ASP A 939 -5.81 -16.35 -4.30
CA ASP A 939 -6.87 -17.05 -5.04
C ASP A 939 -6.99 -16.67 -6.52
N HIS A 940 -6.01 -15.91 -7.02
N HIS A 940 -6.03 -15.89 -7.05
CA HIS A 940 -6.00 -15.37 -8.38
CA HIS A 940 -6.18 -15.36 -8.41
C HIS A 940 -6.36 -16.39 -9.48
C HIS A 940 -6.41 -16.41 -9.50
N LYS A 941 -5.82 -17.60 -9.36
CA LYS A 941 -6.04 -18.67 -10.34
C LYS A 941 -7.47 -19.24 -10.32
N LYS A 942 -8.06 -19.32 -9.12
CA LYS A 942 -9.40 -19.84 -8.95
C LYS A 942 -10.45 -18.94 -9.61
N LYS A 943 -10.17 -17.65 -9.63
CA LYS A 943 -11.13 -16.72 -10.22
C LYS A 943 -11.30 -16.97 -11.72
N LYS A 944 -10.22 -17.01 -12.49
CA LYS A 944 -10.34 -17.30 -13.92
C LYS A 944 -10.39 -18.77 -14.40
N PHE A 945 -9.87 -19.75 -13.66
CA PHE A 945 -10.09 -21.16 -14.07
C PHE A 945 -11.18 -21.94 -13.34
N GLY A 946 -11.75 -21.38 -12.28
CA GLY A 946 -12.81 -22.05 -11.51
C GLY A 946 -12.48 -23.37 -10.83
N TYR A 947 -11.21 -23.77 -10.82
CA TYR A 947 -10.83 -25.00 -10.14
C TYR A 947 -10.64 -24.71 -8.65
N LYS A 948 -11.26 -25.53 -7.80
CA LYS A 948 -11.04 -25.35 -6.36
C LYS A 948 -9.91 -26.28 -5.92
N ARG A 949 -8.76 -25.68 -5.63
CA ARG A 949 -7.56 -26.42 -5.27
C ARG A 949 -6.58 -25.51 -4.52
N GLU A 950 -5.62 -26.10 -3.81
CA GLU A 950 -4.44 -25.36 -3.37
C GLU A 950 -3.24 -25.86 -4.15
N ARG A 951 -2.59 -24.96 -4.86
CA ARG A 951 -1.46 -25.35 -5.67
C ARG A 951 -0.26 -25.52 -4.78
N VAL A 952 0.68 -26.36 -5.21
CA VAL A 952 2.02 -26.24 -4.67
C VAL A 952 2.81 -25.55 -5.78
N PRO A 953 3.08 -24.25 -5.60
CA PRO A 953 3.74 -23.38 -6.59
C PRO A 953 5.17 -23.78 -6.81
N PHE A 954 5.80 -24.24 -5.74
CA PHE A 954 7.21 -24.59 -5.82
C PHE A 954 7.32 -26.10 -5.63
N VAL A 955 7.57 -26.78 -6.74
CA VAL A 955 7.60 -28.23 -6.72
C VAL A 955 9.03 -28.63 -6.93
N LEU A 956 9.53 -29.50 -6.07
CA LEU A 956 10.97 -29.66 -6.06
C LEU A 956 11.27 -30.72 -7.06
N THR A 957 11.87 -30.26 -8.15
CA THR A 957 12.17 -31.13 -9.26
C THR A 957 13.35 -31.98 -8.84
N GLN A 958 13.56 -33.06 -9.58
CA GLN A 958 14.66 -33.94 -9.32
C GLN A 958 15.94 -33.11 -9.13
N ASP A 959 16.13 -32.10 -9.97
CA ASP A 959 17.30 -31.22 -9.88
C ASP A 959 17.58 -30.72 -8.45
N PHE A 960 16.53 -30.29 -7.74
CA PHE A 960 16.68 -29.77 -6.38
C PHE A 960 16.90 -30.90 -5.39
N LEU A 961 16.15 -31.98 -5.55
CA LEU A 961 16.32 -33.17 -4.70
C LEU A 961 17.73 -33.74 -4.80
N ILE A 962 18.29 -33.71 -5.99
CA ILE A 962 19.65 -34.16 -6.20
C ILE A 962 20.58 -33.30 -5.36
N VAL A 963 20.41 -31.98 -5.44
CA VAL A 963 21.31 -31.08 -4.72
C VAL A 963 21.21 -31.35 -3.23
N ILE A 964 19.98 -31.32 -2.74
CA ILE A 964 19.72 -31.58 -1.32
C ILE A 964 20.31 -32.92 -0.86
N SER A 965 20.25 -33.94 -1.71
CA SER A 965 20.70 -35.29 -1.33
C SER A 965 22.19 -35.51 -1.58
N LYS A 966 22.88 -34.46 -2.02
CA LYS A 966 24.31 -34.53 -2.31
C LYS A 966 24.62 -35.55 -3.40
N GLY A 967 23.67 -35.71 -4.32
CA GLY A 967 23.84 -36.55 -5.50
C GLY A 967 23.45 -38.00 -5.33
N ALA A 968 22.67 -38.30 -4.29
CA ALA A 968 22.29 -39.68 -4.00
C ALA A 968 21.46 -40.22 -5.14
N GLN A 969 21.41 -41.55 -5.30
CA GLN A 969 20.63 -42.10 -6.40
C GLN A 969 19.14 -41.99 -6.07
N GLU A 970 18.78 -42.39 -4.86
CA GLU A 970 17.39 -42.29 -4.44
C GLU A 970 17.27 -41.19 -3.40
N CYS A 971 16.70 -40.09 -3.84
CA CYS A 971 16.87 -38.82 -3.13
C CYS A 971 15.96 -38.65 -1.91
N THR A 972 14.74 -39.19 -1.96
CA THR A 972 13.79 -39.03 -0.87
C THR A 972 14.08 -39.95 0.32
N LYS A 973 14.95 -40.93 0.11
CA LYS A 973 15.28 -41.88 1.17
C LYS A 973 16.47 -41.48 2.05
N THR A 974 17.16 -40.39 1.69
CA THR A 974 18.35 -39.98 2.42
C THR A 974 17.98 -39.28 3.72
N ARG A 975 18.91 -39.26 4.67
CA ARG A 975 18.64 -38.59 5.93
C ARG A 975 18.63 -37.10 5.69
N GLU A 976 19.40 -36.66 4.71
CA GLU A 976 19.34 -35.25 4.30
C GLU A 976 17.90 -34.85 4.00
N PHE A 977 17.21 -35.66 3.20
CA PHE A 977 15.85 -35.31 2.82
C PHE A 977 14.87 -35.37 4.00
N GLU A 978 15.12 -36.26 4.97
CA GLU A 978 14.28 -36.28 6.16
C GLU A 978 14.43 -34.96 6.88
N ARG A 979 15.68 -34.49 6.93
CA ARG A 979 16.05 -33.29 7.63
C ARG A 979 15.33 -32.10 7.01
N PHE A 980 15.35 -32.07 5.68
CA PHE A 980 14.66 -31.02 4.93
C PHE A 980 13.14 -31.04 5.18
N GLN A 981 12.54 -32.24 5.17
CA GLN A 981 11.13 -32.37 5.53
C GLN A 981 10.82 -31.75 6.91
N GLU A 982 11.61 -32.08 7.92
CA GLU A 982 11.31 -31.61 9.27
C GLU A 982 11.42 -30.09 9.33
N MET A 983 12.37 -29.54 8.58
CA MET A 983 12.49 -28.10 8.43
C MET A 983 11.17 -27.50 7.93
N CYS A 984 10.71 -28.00 6.78
CA CYS A 984 9.43 -27.60 6.18
C CYS A 984 8.26 -27.68 7.17
N TYR A 985 8.16 -28.83 7.85
CA TYR A 985 7.11 -29.05 8.85
C TYR A 985 7.17 -28.01 9.95
N LYS A 986 8.39 -27.76 10.45
CA LYS A 986 8.57 -26.81 11.54
C LYS A 986 8.16 -25.43 11.06
N ALA A 987 8.62 -25.07 9.88
CA ALA A 987 8.39 -23.77 9.30
C ALA A 987 6.90 -23.50 9.11
N TYR A 988 6.19 -24.52 8.65
CA TYR A 988 4.77 -24.42 8.40
C TYR A 988 4.01 -24.13 9.70
N LEU A 989 4.31 -24.89 10.75
CA LEU A 989 3.53 -24.76 11.98
C LEU A 989 3.84 -23.46 12.71
N ALA A 990 5.05 -22.94 12.50
CA ALA A 990 5.43 -21.67 13.10
C ALA A 990 4.55 -20.56 12.53
N ILE A 991 4.43 -20.51 11.21
CA ILE A 991 3.58 -19.51 10.57
C ILE A 991 2.12 -19.72 10.93
N ARG A 992 1.70 -20.97 10.96
CA ARG A 992 0.32 -21.25 11.35
C ARG A 992 0.04 -20.72 12.77
N GLN A 993 1.00 -20.85 13.66
CA GLN A 993 0.85 -20.36 15.02
C GLN A 993 0.69 -18.85 15.09
N HIS A 994 1.24 -18.19 14.10
CA HIS A 994 1.18 -16.75 13.93
C HIS A 994 0.09 -16.27 12.99
N ALA A 995 -0.80 -17.17 12.59
CA ALA A 995 -1.83 -16.86 11.57
C ALA A 995 -2.54 -15.52 11.77
N ASN A 996 -2.83 -15.17 13.01
CA ASN A 996 -3.40 -13.86 13.34
C ASN A 996 -2.65 -12.71 12.68
N LEU A 997 -1.33 -12.71 12.87
CA LEU A 997 -0.49 -11.64 12.36
C LEU A 997 -0.69 -11.48 10.87
N PHE A 998 -0.46 -12.56 10.13
CA PHE A 998 -0.51 -12.52 8.67
C PHE A 998 -1.90 -12.14 8.17
N ILE A 999 -2.91 -12.80 8.72
CA ILE A 999 -4.27 -12.47 8.33
C ILE A 999 -4.55 -10.98 8.58
N ASN A 1000 -4.10 -10.47 9.72
CA ASN A 1000 -4.32 -9.07 10.04
C ASN A 1000 -3.65 -8.17 9.02
N LEU A 1001 -2.41 -8.51 8.70
CA LEU A 1001 -1.61 -7.72 7.76
C LEU A 1001 -2.27 -7.67 6.40
N PHE A 1002 -2.88 -8.77 6.00
CA PHE A 1002 -3.56 -8.82 4.71
C PHE A 1002 -4.86 -8.02 4.80
N SER A 1003 -5.59 -8.15 5.91
CA SER A 1003 -6.85 -7.42 6.06
C SER A 1003 -6.67 -5.92 5.92
N MET A 1004 -5.53 -5.42 6.38
CA MET A 1004 -5.26 -3.99 6.32
C MET A 1004 -4.95 -3.47 4.91
N MET A 1005 -4.79 -4.40 3.97
CA MET A 1005 -4.50 -4.03 2.59
C MET A 1005 -5.74 -3.99 1.72
N LEU A 1006 -6.91 -4.32 2.27
CA LEU A 1006 -8.14 -4.47 1.45
C LEU A 1006 -8.54 -3.24 0.64
N GLY A 1007 -8.32 -2.05 1.18
CA GLY A 1007 -8.69 -0.85 0.47
C GLY A 1007 -7.55 -0.30 -0.36
N SER A 1008 -6.56 -1.14 -0.64
CA SER A 1008 -5.29 -0.63 -1.13
C SER A 1008 -5.24 -0.48 -2.64
N GLY A 1009 -6.23 -1.03 -3.33
CA GLY A 1009 -6.20 -0.98 -4.79
C GLY A 1009 -5.55 -2.17 -5.47
N MET A 1010 -5.10 -3.14 -4.69
CA MET A 1010 -4.50 -4.33 -5.29
C MET A 1010 -5.59 -5.29 -5.73
N PRO A 1011 -5.71 -5.50 -7.06
CA PRO A 1011 -6.83 -6.24 -7.65
C PRO A 1011 -6.89 -7.66 -7.07
N GLU A 1012 -5.73 -8.19 -6.73
CA GLU A 1012 -5.68 -9.54 -6.18
C GLU A 1012 -6.12 -9.60 -4.72
N LEU A 1013 -5.98 -8.51 -3.98
CA LEU A 1013 -6.66 -8.53 -2.69
C LEU A 1013 -7.74 -7.43 -2.57
N GLN A 1014 -8.98 -7.81 -2.90
CA GLN A 1014 -10.17 -6.94 -2.88
C GLN A 1014 -11.23 -7.09 -1.79
N SER A 1015 -11.17 -8.19 -1.05
CA SER A 1015 -12.16 -8.45 -0.01
C SER A 1015 -11.69 -9.64 0.84
N PHE A 1016 -12.45 -10.00 1.87
CA PHE A 1016 -11.99 -11.04 2.78
C PHE A 1016 -11.92 -12.41 2.11
N ASP A 1017 -12.57 -12.56 0.97
CA ASP A 1017 -12.54 -13.84 0.27
C ASP A 1017 -11.16 -14.13 -0.28
N ASP A 1018 -10.45 -13.08 -0.67
CA ASP A 1018 -9.08 -13.27 -1.16
C ASP A 1018 -8.18 -13.80 -0.02
N ILE A 1019 -8.38 -13.26 1.19
CA ILE A 1019 -7.66 -13.72 2.38
C ILE A 1019 -8.09 -15.14 2.81
N ALA A 1020 -9.25 -15.59 2.34
CA ALA A 1020 -9.75 -16.92 2.71
C ALA A 1020 -8.80 -18.00 2.25
N TYR A 1021 -8.06 -17.68 1.20
CA TYR A 1021 -7.07 -18.59 0.68
C TYR A 1021 -6.09 -19.01 1.77
N ILE A 1022 -5.46 -18.06 2.46
CA ILE A 1022 -4.43 -18.45 3.42
C ILE A 1022 -5.05 -19.17 4.62
N ARG A 1023 -6.36 -19.01 4.82
CA ARG A 1023 -7.04 -19.77 5.86
C ARG A 1023 -7.10 -21.23 5.42
N LYS A 1024 -7.15 -21.45 4.12
CA LYS A 1024 -7.18 -22.81 3.66
C LYS A 1024 -5.77 -23.43 3.70
N THR A 1025 -4.79 -22.72 3.16
CA THR A 1025 -3.44 -23.29 3.12
C THR A 1025 -2.84 -23.48 4.52
N LEU A 1026 -3.32 -22.70 5.49
CA LEU A 1026 -2.90 -22.83 6.88
C LEU A 1026 -3.87 -23.68 7.70
N ALA A 1027 -4.93 -24.16 7.05
CA ALA A 1027 -5.87 -25.10 7.64
C ALA A 1027 -6.42 -24.61 8.98
N LEU A 1028 -6.80 -23.34 9.03
CA LEU A 1028 -7.20 -22.70 10.28
C LEU A 1028 -8.44 -23.30 10.91
N ASP A 1029 -9.28 -23.92 10.08
CA ASP A 1029 -10.51 -24.51 10.57
C ASP A 1029 -10.26 -25.96 11.00
N LYS A 1030 -9.01 -26.41 10.97
CA LYS A 1030 -8.68 -27.74 11.47
C LYS A 1030 -7.83 -27.66 12.74
N THR A 1031 -7.54 -28.80 13.36
CA THR A 1031 -6.57 -28.84 14.46
C THR A 1031 -5.15 -28.75 13.90
N GLU A 1032 -4.20 -28.35 14.73
CA GLU A 1032 -2.82 -28.22 14.30
C GLU A 1032 -2.25 -29.53 13.72
N GLN A 1033 -2.54 -30.65 14.38
N GLN A 1033 -2.52 -30.66 14.35
CA GLN A 1033 -2.09 -31.96 13.91
CA GLN A 1033 -2.01 -31.93 13.83
C GLN A 1033 -2.73 -32.28 12.57
C GLN A 1033 -2.74 -32.32 12.55
N GLU A 1034 -4.00 -31.89 12.42
CA GLU A 1034 -4.73 -32.10 11.16
C GLU A 1034 -4.10 -31.25 10.07
N ALA A 1035 -3.75 -30.02 10.43
CA ALA A 1035 -3.11 -29.10 9.49
C ALA A 1035 -1.79 -29.64 8.92
N LEU A 1036 -0.97 -30.24 9.77
CA LEU A 1036 0.32 -30.79 9.34
C LEU A 1036 0.09 -31.95 8.39
N GLU A 1037 -0.87 -32.80 8.73
CA GLU A 1037 -1.25 -33.92 7.88
C GLU A 1037 -1.65 -33.41 6.49
N TYR A 1038 -2.45 -32.36 6.49
CA TYR A 1038 -2.86 -31.66 5.28
C TYR A 1038 -1.67 -31.13 4.49
N PHE A 1039 -0.70 -30.54 5.17
CA PHE A 1039 0.47 -29.99 4.46
C PHE A 1039 1.30 -31.10 3.83
N MET A 1040 1.46 -32.20 4.56
CA MET A 1040 2.16 -33.36 4.05
C MET A 1040 1.46 -33.89 2.81
N LYS A 1041 0.13 -34.02 2.90
CA LYS A 1041 -0.66 -34.52 1.79
C LYS A 1041 -0.50 -33.67 0.53
N GLN A 1042 -0.50 -32.35 0.70
CA GLN A 1042 -0.30 -31.44 -0.44
C GLN A 1042 1.06 -31.68 -1.10
N MET A 1043 2.08 -31.89 -0.29
CA MET A 1043 3.42 -32.11 -0.81
C MET A 1043 3.52 -33.43 -1.60
N ASN A 1044 2.87 -34.46 -1.09
CA ASN A 1044 2.84 -35.75 -1.75
C ASN A 1044 2.11 -35.68 -3.09
N ASP A 1045 0.88 -35.18 -3.07
CA ASP A 1045 0.10 -35.00 -4.29
C ASP A 1045 0.87 -34.23 -5.35
N ALA A 1046 1.63 -33.23 -4.93
CA ALA A 1046 2.43 -32.45 -5.88
C ALA A 1046 3.74 -33.14 -6.28
N HIS A 1047 4.39 -33.83 -5.37
CA HIS A 1047 5.67 -34.45 -5.71
C HIS A 1047 5.56 -35.94 -6.06
N HIS A 1048 4.33 -36.46 -6.11
CA HIS A 1048 4.09 -37.87 -6.44
C HIS A 1048 4.83 -38.80 -5.48
N GLY A 1049 4.58 -38.61 -4.19
CA GLY A 1049 5.11 -39.48 -3.15
C GLY A 1049 6.47 -39.02 -2.71
N GLY A 1050 6.94 -39.61 -1.61
CA GLY A 1050 8.23 -39.27 -1.06
C GLY A 1050 8.24 -38.39 0.18
N TRP A 1051 7.08 -37.97 0.67
CA TRP A 1051 7.05 -37.25 1.94
C TRP A 1051 6.52 -38.13 3.06
N THR A 1052 7.45 -38.55 3.93
CA THR A 1052 7.15 -39.50 4.99
C THR A 1052 7.02 -38.83 6.37
N THR A 1053 6.70 -39.65 7.37
CA THR A 1053 6.47 -39.16 8.71
C THR A 1053 7.31 -39.93 9.76
N LYS A 1054 7.92 -39.18 10.68
CA LYS A 1054 8.77 -39.71 11.76
C LYS A 1054 7.89 -40.05 12.95
N MET A 1055 6.59 -39.91 12.72
CA MET A 1055 5.55 -40.05 13.72
C MET A 1055 4.67 -41.24 13.36
N ASP A 1056 4.01 -41.79 14.38
CA ASP A 1056 2.90 -42.70 14.19
C ASP A 1056 1.66 -41.91 13.70
N TRP A 1057 0.71 -42.60 13.06
CA TRP A 1057 -0.47 -41.94 12.50
C TRP A 1057 -1.35 -41.38 13.62
N ILE A 1058 -1.44 -42.15 14.72
CA ILE A 1058 -2.40 -41.88 15.80
C ILE A 1058 -2.01 -40.68 16.68
N PHE A 1059 -0.89 -40.80 17.39
CA PHE A 1059 -0.48 -39.74 18.32
C PHE A 1059 0.53 -38.67 17.83
N HIS A 1060 1.11 -38.87 16.66
CA HIS A 1060 2.17 -38.00 16.12
C HIS A 1060 3.39 -37.91 17.06
N THR A 1061 3.81 -39.05 17.59
CA THR A 1061 4.95 -39.11 18.48
C THR A 1061 6.14 -39.76 17.80
N ILE A 1062 7.34 -39.39 18.22
CA ILE A 1062 8.55 -39.94 17.60
C ILE A 1062 8.60 -41.47 17.79
N LYS A 1063 8.69 -42.15 16.65
CA LYS A 1063 8.73 -43.61 16.59
C LYS A 1063 10.18 -43.96 16.29
N GLN A 1064 10.61 -43.48 15.12
CA GLN A 1064 11.92 -43.71 14.56
C GLN A 1064 13.05 -43.10 15.44
N HIS A 1065 14.26 -43.64 15.31
CA HIS A 1065 15.43 -43.25 16.10
C HIS A 1065 15.10 -43.31 17.59
N MET B 20 -37.23 -35.49 4.97
CA MET B 20 -36.73 -36.45 5.94
C MET B 20 -35.31 -36.86 5.60
N SER B 21 -35.14 -37.37 4.39
CA SER B 21 -33.80 -37.67 3.89
C SER B 21 -33.09 -36.34 3.91
N LEU B 22 -32.00 -36.28 4.65
CA LEU B 22 -31.29 -35.02 4.78
C LEU B 22 -30.44 -34.82 3.54
N GLN B 23 -29.96 -35.93 3.00
CA GLN B 23 -29.15 -35.88 1.79
C GLN B 23 -29.99 -35.34 0.63
N ASP B 24 -31.28 -35.67 0.64
CA ASP B 24 -32.18 -35.28 -0.43
C ASP B 24 -32.86 -33.94 -0.18
N ALA B 25 -32.58 -33.36 0.98
CA ALA B 25 -33.15 -32.07 1.35
C ALA B 25 -32.75 -31.00 0.34
N GLU B 26 -33.69 -30.10 0.05
CA GLU B 26 -33.53 -29.09 -0.98
C GLU B 26 -32.43 -28.09 -0.62
N TRP B 27 -32.42 -27.70 0.65
CA TRP B 27 -31.51 -26.67 1.17
C TRP B 27 -30.25 -27.25 1.81
N TYR B 28 -30.08 -28.58 1.77
CA TYR B 28 -28.84 -29.15 2.28
C TYR B 28 -27.84 -29.23 1.15
N TRP B 29 -26.81 -28.38 1.24
CA TRP B 29 -25.80 -28.24 0.20
C TRP B 29 -24.47 -28.94 0.47
N GLY B 30 -24.36 -29.63 1.59
CA GLY B 30 -23.13 -30.32 1.92
C GLY B 30 -21.93 -29.43 2.25
N ASP B 31 -20.82 -29.67 1.57
CA ASP B 31 -19.50 -29.16 1.99
C ASP B 31 -19.04 -27.84 1.36
N ILE B 32 -19.92 -27.16 0.64
CA ILE B 32 -19.57 -25.86 0.04
C ILE B 32 -19.03 -24.88 1.10
N SER B 33 -18.09 -24.02 0.71
CA SER B 33 -17.45 -23.11 1.65
C SER B 33 -18.37 -21.95 2.03
N ARG B 34 -18.05 -21.30 3.15
CA ARG B 34 -18.77 -20.12 3.61
C ARG B 34 -18.90 -19.08 2.49
N GLU B 35 -17.82 -18.87 1.77
CA GLU B 35 -17.76 -17.92 0.65
C GLU B 35 -18.83 -18.23 -0.41
N GLU B 36 -18.94 -19.50 -0.77
CA GLU B 36 -19.93 -19.95 -1.75
C GLU B 36 -21.32 -19.60 -1.28
N VAL B 37 -21.61 -19.86 -0.01
CA VAL B 37 -22.90 -19.49 0.57
C VAL B 37 -23.11 -17.98 0.51
N ASN B 38 -22.05 -17.20 0.80
CA ASN B 38 -22.14 -15.74 0.69
C ASN B 38 -22.59 -15.31 -0.70
N GLU B 39 -22.01 -15.91 -1.73
CA GLU B 39 -22.39 -15.59 -3.10
C GLU B 39 -23.88 -15.85 -3.35
N LYS B 40 -24.37 -16.98 -2.85
CA LYS B 40 -25.77 -17.35 -3.04
C LYS B 40 -26.72 -16.46 -2.25
N LEU B 41 -26.23 -15.93 -1.13
CA LEU B 41 -27.04 -15.08 -0.26
C LEU B 41 -26.85 -13.60 -0.57
N ARG B 42 -26.07 -13.31 -1.61
CA ARG B 42 -25.71 -11.94 -1.94
C ARG B 42 -26.94 -11.16 -2.34
N ASP B 43 -27.19 -10.08 -1.61
CA ASP B 43 -28.30 -9.16 -1.87
C ASP B 43 -29.70 -9.81 -1.87
N THR B 44 -29.83 -10.97 -1.25
CA THR B 44 -31.12 -11.67 -1.15
C THR B 44 -31.99 -11.15 -0.01
N ALA B 45 -33.29 -11.38 -0.12
CA ALA B 45 -34.27 -10.95 0.87
C ALA B 45 -34.19 -11.78 2.17
N ASP B 46 -34.60 -11.17 3.28
CA ASP B 46 -34.60 -11.84 4.59
C ASP B 46 -35.43 -13.12 4.53
N GLY B 47 -35.00 -14.14 5.26
CA GLY B 47 -35.68 -15.42 5.28
C GLY B 47 -35.02 -16.46 4.39
N THR B 48 -34.16 -16.00 3.48
CA THR B 48 -33.37 -16.89 2.63
C THR B 48 -32.36 -17.71 3.46
N PHE B 49 -32.42 -19.03 3.34
CA PHE B 49 -31.59 -19.88 4.19
C PHE B 49 -31.08 -21.10 3.44
N LEU B 50 -29.95 -21.62 3.92
CA LEU B 50 -29.48 -22.93 3.52
C LEU B 50 -28.66 -23.59 4.65
N VAL B 51 -28.52 -24.91 4.58
CA VAL B 51 -27.77 -25.67 5.58
C VAL B 51 -26.61 -26.39 4.90
N ARG B 52 -25.45 -26.38 5.56
CA ARG B 52 -24.23 -27.00 5.03
C ARG B 52 -23.42 -27.64 6.15
N ASP B 53 -22.41 -28.42 5.78
CA ASP B 53 -21.49 -28.97 6.76
C ASP B 53 -20.69 -27.86 7.45
N ALA B 54 -20.43 -28.02 8.75
CA ALA B 54 -19.60 -27.08 9.50
C ALA B 54 -18.23 -26.95 8.86
N SER B 55 -17.61 -25.78 9.02
CA SER B 55 -16.31 -25.55 8.40
C SER B 55 -15.25 -26.42 9.06
N THR B 56 -15.53 -26.85 10.28
CA THR B 56 -14.66 -27.76 11.00
C THR B 56 -14.56 -29.15 10.35
N LYS B 57 -15.56 -29.50 9.53
CA LYS B 57 -15.64 -30.80 8.83
C LYS B 57 -15.54 -32.01 9.78
N MET B 58 -16.28 -31.97 10.89
CA MET B 58 -16.13 -32.91 11.99
C MET B 58 -17.00 -34.18 11.89
N HIS B 59 -17.65 -34.38 10.74
CA HIS B 59 -18.56 -35.53 10.52
C HIS B 59 -19.81 -35.53 11.41
N GLY B 60 -20.80 -34.71 10.99
CA GLY B 60 -22.07 -34.65 11.70
C GLY B 60 -22.46 -33.34 12.36
N ASP B 61 -21.56 -32.37 12.37
CA ASP B 61 -21.98 -31.00 12.71
C ASP B 61 -22.38 -30.30 11.43
N TYR B 62 -23.49 -29.57 11.46
CA TYR B 62 -23.87 -28.76 10.30
C TYR B 62 -24.09 -27.32 10.72
N THR B 63 -23.93 -26.41 9.77
CA THR B 63 -24.11 -24.98 10.03
C THR B 63 -25.25 -24.41 9.20
N LEU B 64 -26.20 -23.76 9.86
CA LEU B 64 -27.30 -23.10 9.17
C LEU B 64 -26.93 -21.65 8.88
N THR B 65 -27.24 -21.19 7.68
CA THR B 65 -26.94 -19.81 7.34
C THR B 65 -28.20 -19.07 6.95
N LEU B 66 -28.59 -18.12 7.79
CA LEU B 66 -29.83 -17.39 7.62
C LEU B 66 -29.61 -15.93 7.22
N ARG B 67 -30.40 -15.47 6.25
CA ARG B 67 -30.32 -14.09 5.79
C ARG B 67 -31.25 -13.19 6.63
N LYS B 68 -30.65 -12.24 7.36
CA LYS B 68 -31.43 -11.31 8.17
C LYS B 68 -30.81 -9.91 8.15
N GLY B 69 -31.62 -8.93 7.76
CA GLY B 69 -31.24 -7.54 7.81
C GLY B 69 -29.98 -7.17 7.05
N GLY B 70 -29.83 -7.72 5.85
CA GLY B 70 -28.66 -7.43 5.03
C GLY B 70 -27.46 -8.28 5.39
N ASN B 71 -27.61 -9.10 6.43
CA ASN B 71 -26.51 -9.91 6.90
C ASN B 71 -26.80 -11.41 6.86
N ASN B 72 -25.75 -12.19 6.64
CA ASN B 72 -25.84 -13.63 6.75
C ASN B 72 -25.53 -14.03 8.20
N LYS B 73 -26.50 -14.63 8.86
CA LYS B 73 -26.27 -15.18 10.19
C LYS B 73 -25.68 -16.60 10.08
N LEU B 74 -24.86 -16.97 11.04
CA LEU B 74 -24.42 -18.35 11.12
C LEU B 74 -24.99 -18.95 12.40
N ILE B 75 -25.75 -20.03 12.23
CA ILE B 75 -26.37 -20.70 13.36
C ILE B 75 -25.92 -22.14 13.44
N LYS B 76 -25.14 -22.48 14.46
CA LYS B 76 -24.64 -23.85 14.58
C LYS B 76 -25.77 -24.84 14.90
N ILE B 77 -25.71 -26.01 14.29
CA ILE B 77 -26.69 -27.05 14.58
C ILE B 77 -26.00 -28.16 15.37
N PHE B 78 -26.37 -28.25 16.64
CA PHE B 78 -25.70 -29.11 17.59
C PHE B 78 -26.13 -30.57 17.47
N HIS B 79 -25.16 -31.44 17.26
CA HIS B 79 -25.41 -32.86 17.09
C HIS B 79 -24.83 -33.64 18.26
N ARG B 80 -25.71 -34.18 19.11
CA ARG B 80 -25.29 -35.09 20.17
C ARG B 80 -26.35 -36.15 20.39
N ASP B 81 -25.92 -37.33 20.83
CA ASP B 81 -26.74 -38.54 20.97
C ASP B 81 -27.62 -38.74 19.74
N GLY B 82 -28.93 -38.77 19.96
CA GLY B 82 -29.87 -39.01 18.87
C GLY B 82 -30.49 -37.77 18.27
N LYS B 83 -30.34 -36.63 18.96
CA LYS B 83 -31.10 -35.42 18.62
C LYS B 83 -30.27 -34.21 18.15
N TYR B 84 -30.90 -33.35 17.34
CA TYR B 84 -30.26 -32.14 16.83
C TYR B 84 -30.97 -30.88 17.34
N GLY B 85 -30.26 -29.75 17.39
CA GLY B 85 -30.87 -28.50 17.81
C GLY B 85 -29.99 -27.26 17.86
N PHE B 86 -30.62 -26.10 18.06
CA PHE B 86 -29.91 -24.84 18.29
C PHE B 86 -29.48 -24.71 19.74
N SER B 87 -30.48 -24.63 20.62
CA SER B 87 -30.32 -24.31 22.04
C SER B 87 -30.03 -25.53 22.90
N ASP B 88 -30.14 -25.38 24.21
CA ASP B 88 -29.76 -26.46 25.12
C ASP B 88 -30.64 -27.74 25.01
N PRO B 89 -31.98 -27.62 24.89
CA PRO B 89 -32.78 -28.84 24.95
C PRO B 89 -32.90 -29.52 23.58
N LEU B 90 -31.95 -30.38 23.17
CA LEU B 90 -32.05 -30.93 21.82
C LEU B 90 -33.45 -31.55 21.68
N THR B 91 -34.29 -30.89 20.88
CA THR B 91 -35.73 -31.20 20.85
C THR B 91 -36.11 -31.92 19.56
N PHE B 92 -35.15 -32.03 18.65
CA PHE B 92 -35.41 -32.57 17.32
C PHE B 92 -34.54 -33.78 17.03
N SER B 93 -35.15 -34.81 16.47
CA SER B 93 -34.43 -36.05 16.25
C SER B 93 -33.73 -36.09 14.88
N SER B 94 -34.05 -35.17 13.98
CA SER B 94 -33.34 -35.13 12.70
C SER B 94 -33.21 -33.69 12.20
N VAL B 95 -32.28 -33.45 11.27
CA VAL B 95 -32.02 -32.10 10.80
C VAL B 95 -33.22 -31.55 10.04
N VAL B 96 -33.79 -32.38 9.16
CA VAL B 96 -34.96 -32.00 8.38
C VAL B 96 -36.15 -31.67 9.28
N GLU B 97 -36.26 -32.35 10.41
CA GLU B 97 -37.27 -32.00 11.40
C GLU B 97 -37.16 -30.52 11.80
N LEU B 98 -35.97 -30.11 12.22
CA LEU B 98 -35.71 -28.74 12.68
C LEU B 98 -36.05 -27.68 11.64
N ILE B 99 -35.53 -27.83 10.43
CA ILE B 99 -35.71 -26.83 9.38
C ILE B 99 -37.17 -26.64 8.96
N ASN B 100 -37.89 -27.76 8.79
CA ASN B 100 -39.32 -27.71 8.50
C ASN B 100 -40.11 -27.17 9.68
N HIS B 101 -39.59 -27.38 10.88
CA HIS B 101 -40.26 -26.85 12.05
C HIS B 101 -39.73 -25.47 12.33
N TYR B 102 -38.72 -24.99 11.61
CA TYR B 102 -38.56 -23.55 11.59
C TYR B 102 -39.08 -22.93 10.28
N ARG B 103 -39.54 -23.76 9.34
CA ARG B 103 -40.02 -23.22 8.06
C ARG B 103 -41.46 -22.74 8.13
N ASN B 104 -42.24 -23.22 9.10
CA ASN B 104 -43.64 -22.80 9.26
C ASN B 104 -43.89 -21.64 10.25
N GLU B 105 -42.86 -21.31 11.03
CA GLU B 105 -43.03 -20.53 12.24
C GLU B 105 -41.90 -19.53 12.35
N SER B 106 -41.88 -18.73 13.43
CA SER B 106 -40.81 -17.75 13.61
C SER B 106 -39.61 -18.38 14.35
N LEU B 107 -38.55 -17.59 14.49
CA LEU B 107 -37.31 -18.04 15.11
C LEU B 107 -37.25 -17.71 16.60
N ALA B 108 -38.38 -17.28 17.14
CA ALA B 108 -38.51 -16.83 18.53
C ALA B 108 -38.23 -17.88 19.61
N GLN B 109 -38.20 -19.17 19.26
CA GLN B 109 -37.95 -20.19 20.29
C GLN B 109 -36.49 -20.69 20.31
N TYR B 110 -35.67 -20.23 19.37
CA TYR B 110 -34.22 -20.36 19.55
C TYR B 110 -33.77 -19.24 20.48
N ASN B 111 -34.28 -18.04 20.19
CA ASN B 111 -33.93 -16.83 20.91
C ASN B 111 -35.21 -15.99 21.10
N PRO B 112 -35.41 -15.39 22.30
CA PRO B 112 -36.57 -14.54 22.61
C PRO B 112 -36.81 -13.47 21.53
N LYS B 113 -35.72 -12.90 21.06
CA LYS B 113 -35.64 -11.95 19.94
C LYS B 113 -35.68 -12.67 18.59
N LEU B 114 -35.20 -11.99 17.55
CA LEU B 114 -35.14 -12.55 16.20
C LEU B 114 -36.53 -12.76 15.59
N ASP B 115 -36.97 -14.01 15.43
CA ASP B 115 -38.30 -14.30 14.88
C ASP B 115 -38.43 -13.78 13.44
N VAL B 116 -37.43 -14.14 12.63
CA VAL B 116 -37.40 -13.89 11.18
C VAL B 116 -37.84 -15.15 10.41
N LYS B 117 -38.27 -16.16 11.17
CA LYS B 117 -38.71 -17.46 10.66
C LYS B 117 -37.67 -18.19 9.81
N LEU B 118 -38.14 -18.99 8.86
CA LEU B 118 -37.36 -19.46 7.71
C LEU B 118 -38.32 -19.49 6.53
N LEU B 119 -38.08 -18.67 5.52
CA LEU B 119 -39.07 -18.55 4.45
C LEU B 119 -38.59 -19.20 3.16
N TYR B 120 -37.73 -18.47 2.47
CA TYR B 120 -37.31 -18.85 1.14
C TYR B 120 -36.04 -19.67 1.24
N PRO B 121 -36.05 -20.90 0.69
CA PRO B 121 -34.78 -21.61 0.74
C PRO B 121 -33.95 -21.31 -0.49
N VAL B 122 -32.74 -21.86 -0.51
CA VAL B 122 -31.93 -21.88 -1.70
C VAL B 122 -31.95 -23.30 -2.23
N SER B 123 -32.61 -23.50 -3.37
CA SER B 123 -32.69 -24.82 -4.00
C SER B 123 -31.48 -25.10 -4.87
N LYS B 124 -31.08 -26.37 -4.93
CA LYS B 124 -30.00 -26.79 -5.83
C LYS B 124 -30.54 -27.23 -7.18
N TYR B 125 -31.86 -27.40 -7.24
CA TYR B 125 -32.53 -27.97 -8.40
C TYR B 125 -32.76 -26.96 -9.52
N GLN B 126 -33.05 -25.70 -9.18
CA GLN B 126 -33.15 -24.65 -10.20
C GLN B 126 -31.76 -24.35 -10.80
N GLN B 127 -30.72 -24.72 -10.06
CA GLN B 127 -29.34 -24.56 -10.51
C GLN B 127 -28.85 -25.70 -11.41
N ASP B 128 -29.37 -26.91 -11.21
CA ASP B 128 -29.03 -28.04 -12.09
C ASP B 128 -29.90 -27.96 -13.36
N GLN B 129 -30.86 -27.05 -13.34
CA GLN B 129 -31.64 -26.70 -14.54
C GLN B 129 -30.72 -26.26 -15.67
N VAL B 130 -29.75 -25.41 -15.32
CA VAL B 130 -28.96 -24.69 -16.31
C VAL B 130 -27.96 -25.56 -17.08
N VAL B 131 -27.62 -26.73 -16.55
CA VAL B 131 -26.90 -27.72 -17.34
C VAL B 131 -27.95 -28.67 -17.95
N LYS B 132 -28.16 -28.54 -19.25
CA LYS B 132 -29.20 -29.29 -19.94
C LYS B 132 -28.81 -30.75 -20.05
N GLU B 133 -27.58 -30.98 -20.50
CA GLU B 133 -27.16 -32.28 -21.00
C GLU B 133 -27.00 -33.32 -19.89
N ASP B 134 -27.34 -34.56 -20.23
CA ASP B 134 -27.19 -35.69 -19.31
C ASP B 134 -25.79 -36.29 -19.39
N ASN B 135 -25.33 -36.75 -20.55
CA ASN B 135 -24.03 -37.42 -20.60
C ASN B 135 -22.83 -36.50 -20.28
N ILE B 136 -21.70 -37.13 -19.94
CA ILE B 136 -20.48 -36.42 -19.58
C ILE B 136 -19.74 -35.85 -20.80
N GLU B 137 -20.05 -36.33 -22.00
CA GLU B 137 -19.39 -35.80 -23.18
C GLU B 137 -19.97 -34.47 -23.65
N ALA B 138 -21.30 -34.33 -23.63
CA ALA B 138 -21.92 -33.09 -24.07
C ALA B 138 -21.56 -31.96 -23.11
N VAL B 139 -21.56 -32.29 -21.81
CA VAL B 139 -21.22 -31.33 -20.77
C VAL B 139 -19.77 -30.90 -20.89
N GLY B 140 -18.89 -31.87 -21.16
CA GLY B 140 -17.49 -31.57 -21.37
C GLY B 140 -17.24 -30.71 -22.59
N LYS B 141 -18.08 -30.86 -23.61
CA LYS B 141 -17.89 -30.10 -24.83
C LYS B 141 -18.33 -28.65 -24.60
N LYS B 142 -19.46 -28.48 -23.92
CA LYS B 142 -19.97 -27.15 -23.61
C LYS B 142 -19.08 -26.41 -22.62
N LEU B 143 -18.50 -27.15 -21.66
CA LEU B 143 -17.59 -26.54 -20.73
C LEU B 143 -16.44 -25.90 -21.49
N HIS B 144 -15.86 -26.66 -22.41
CA HIS B 144 -14.83 -26.13 -23.31
C HIS B 144 -15.27 -24.85 -24.00
N GLU B 145 -16.50 -24.81 -24.50
CA GLU B 145 -16.94 -23.67 -25.29
C GLU B 145 -17.07 -22.44 -24.42
N TYR B 146 -17.80 -22.58 -23.33
CA TYR B 146 -17.93 -21.50 -22.37
C TYR B 146 -16.54 -21.01 -21.89
N ASN B 147 -15.68 -21.93 -21.51
CA ASN B 147 -14.38 -21.54 -20.96
C ASN B 147 -13.50 -20.88 -22.02
N THR B 148 -13.70 -21.28 -23.27
CA THR B 148 -13.00 -20.65 -24.37
C THR B 148 -13.51 -19.23 -24.54
N GLN B 149 -14.84 -19.07 -24.53
CA GLN B 149 -15.45 -17.76 -24.61
C GLN B 149 -15.05 -16.90 -23.41
N PHE B 150 -14.82 -17.55 -22.27
CA PHE B 150 -14.61 -16.78 -21.06
C PHE B 150 -13.25 -16.14 -21.06
N GLN B 151 -12.22 -16.92 -21.39
CA GLN B 151 -10.87 -16.37 -21.39
C GLN B 151 -10.79 -15.29 -22.48
N GLU B 152 -11.48 -15.48 -23.60
CA GLU B 152 -11.45 -14.48 -24.66
C GLU B 152 -12.09 -13.17 -24.22
N LYS B 153 -13.28 -13.26 -23.64
CA LYS B 153 -13.99 -12.06 -23.20
C LYS B 153 -13.25 -11.33 -22.05
N SER B 154 -12.71 -12.10 -21.12
CA SER B 154 -11.85 -11.55 -20.06
C SER B 154 -10.67 -10.75 -20.61
N ARG B 155 -9.97 -11.35 -21.56
CA ARG B 155 -8.85 -10.67 -22.20
C ARG B 155 -9.32 -9.34 -22.79
N GLU B 156 -10.48 -9.32 -23.44
CA GLU B 156 -10.95 -8.10 -24.09
C GLU B 156 -11.36 -7.04 -23.06
N TYR B 157 -12.01 -7.47 -21.99
CA TYR B 157 -12.40 -6.56 -20.91
C TYR B 157 -11.15 -5.96 -20.26
N ASP B 158 -10.09 -6.74 -20.15
CA ASP B 158 -8.84 -6.22 -19.58
C ASP B 158 -8.15 -5.24 -20.53
N ARG B 159 -8.28 -5.46 -21.82
CA ARG B 159 -7.66 -4.59 -22.80
C ARG B 159 -8.37 -3.26 -22.72
N LEU B 160 -9.68 -3.34 -22.57
CA LEU B 160 -10.54 -2.19 -22.49
C LEU B 160 -10.21 -1.37 -21.25
N TYR B 161 -9.95 -2.07 -20.15
CA TYR B 161 -9.67 -1.40 -18.88
C TYR B 161 -8.30 -0.73 -18.86
N GLU B 162 -7.34 -1.25 -19.62
CA GLU B 162 -6.09 -0.52 -19.76
C GLU B 162 -6.31 0.76 -20.58
N GLU B 163 -6.99 0.63 -21.72
CA GLU B 163 -7.30 1.80 -22.54
C GLU B 163 -8.04 2.84 -21.74
N TYR B 164 -8.99 2.38 -20.93
CA TYR B 164 -9.73 3.22 -20.02
C TYR B 164 -8.77 4.00 -19.12
N THR B 165 -7.83 3.27 -18.53
CA THR B 165 -6.87 3.81 -17.57
C THR B 165 -5.92 4.81 -18.20
N ARG B 166 -5.33 4.39 -19.32
CA ARG B 166 -4.45 5.25 -20.11
C ARG B 166 -5.17 6.56 -20.44
N THR B 167 -6.39 6.45 -20.94
CA THR B 167 -7.15 7.60 -21.40
C THR B 167 -7.49 8.57 -20.27
N SER B 168 -7.97 8.03 -19.16
CA SER B 168 -8.16 8.77 -17.94
C SER B 168 -6.94 9.61 -17.56
N GLN B 169 -5.76 9.01 -17.60
CA GLN B 169 -4.54 9.74 -17.29
C GLN B 169 -4.30 10.86 -18.30
N GLU B 170 -4.36 10.53 -19.59
CA GLU B 170 -4.11 11.51 -20.64
C GLU B 170 -5.08 12.68 -20.54
N ILE B 171 -6.30 12.43 -20.11
CA ILE B 171 -7.27 13.50 -19.97
C ILE B 171 -6.84 14.40 -18.82
N GLN B 172 -6.38 13.78 -17.75
CA GLN B 172 -5.90 14.53 -16.60
C GLN B 172 -4.70 15.42 -16.98
N MET B 173 -3.78 14.87 -17.77
CA MET B 173 -2.62 15.63 -18.23
C MET B 173 -3.03 16.88 -19.02
N LYS B 174 -3.93 16.66 -19.98
CA LYS B 174 -4.44 17.71 -20.86
C LYS B 174 -5.18 18.82 -20.11
N ARG B 175 -6.02 18.44 -19.15
CA ARG B 175 -6.68 19.41 -18.28
C ARG B 175 -5.65 20.29 -17.55
N THR B 176 -4.59 19.68 -17.03
CA THR B 176 -3.59 20.46 -16.36
C THR B 176 -2.94 21.39 -17.38
N ALA B 177 -2.74 20.87 -18.58
CA ALA B 177 -2.04 21.61 -19.60
C ALA B 177 -2.89 22.77 -20.14
N ILE B 178 -4.21 22.66 -20.09
CA ILE B 178 -5.07 23.76 -20.49
C ILE B 178 -5.01 24.88 -19.44
N GLU B 179 -4.98 24.48 -18.17
CA GLU B 179 -4.80 25.41 -17.08
C GLU B 179 -3.50 26.18 -17.26
N ALA B 180 -2.42 25.46 -17.54
CA ALA B 180 -1.13 26.07 -17.77
C ALA B 180 -1.20 27.05 -18.93
N PHE B 181 -2.01 26.74 -19.94
CA PHE B 181 -2.16 27.65 -21.06
C PHE B 181 -2.83 28.93 -20.59
N ASN B 182 -3.84 28.76 -19.74
CA ASN B 182 -4.57 29.88 -19.17
C ASN B 182 -3.63 30.83 -18.45
N GLU B 183 -2.83 30.31 -17.53
CA GLU B 183 -1.86 31.12 -16.80
C GLU B 183 -0.90 31.83 -17.76
N THR B 184 -0.45 31.10 -18.77
CA THR B 184 0.52 31.63 -19.73
C THR B 184 -0.06 32.82 -20.49
N ILE B 185 -1.29 32.66 -20.94
CA ILE B 185 -1.95 33.64 -21.78
C ILE B 185 -2.19 34.93 -21.01
N LYS B 186 -2.69 34.82 -19.79
CA LYS B 186 -2.81 35.98 -18.89
C LYS B 186 -1.51 36.76 -18.81
N ILE B 187 -0.40 36.06 -18.65
CA ILE B 187 0.89 36.70 -18.49
C ILE B 187 1.32 37.43 -19.76
N PHE B 188 1.02 36.88 -20.93
CA PHE B 188 1.35 37.59 -22.15
C PHE B 188 0.39 38.74 -22.40
N GLU B 189 -0.82 38.62 -21.89
CA GLU B 189 -1.76 39.69 -22.01
C GLU B 189 -1.35 40.83 -21.07
N GLU B 190 -0.90 40.51 -19.84
CA GLU B 190 -0.37 41.54 -18.94
C GLU B 190 0.82 42.26 -19.57
N GLN B 191 1.63 41.55 -20.38
CA GLN B 191 2.79 42.20 -21.02
C GLN B 191 2.34 43.25 -22.01
N CYS B 192 1.28 42.94 -22.76
CA CYS B 192 0.69 43.92 -23.66
C CYS B 192 0.31 45.17 -22.91
N GLN B 193 -0.43 44.96 -21.83
CA GLN B 193 -0.94 46.05 -21.02
C GLN B 193 0.21 46.86 -20.46
N THR B 194 1.23 46.18 -19.94
CA THR B 194 2.43 46.85 -19.46
C THR B 194 3.08 47.64 -20.59
N GLN B 195 3.20 47.06 -21.77
CA GLN B 195 3.80 47.80 -22.88
C GLN B 195 2.96 49.04 -23.22
N GLU B 196 1.64 48.88 -23.22
CA GLU B 196 0.71 49.97 -23.55
C GLU B 196 0.87 51.14 -22.62
N ARG B 197 1.02 50.87 -21.32
CA ARG B 197 1.22 51.91 -20.31
C ARG B 197 2.50 52.74 -20.49
N TYR B 198 3.63 52.06 -20.62
CA TYR B 198 4.89 52.77 -20.76
C TYR B 198 5.01 53.46 -22.11
N SER B 199 4.77 52.71 -23.18
CA SER B 199 5.06 53.19 -24.54
C SER B 199 4.17 54.35 -24.95
N LYS B 200 3.01 54.49 -24.31
CA LYS B 200 2.07 55.55 -24.65
C LYS B 200 2.75 56.93 -24.57
N GLU B 201 3.37 57.22 -23.44
CA GLU B 201 4.02 58.51 -23.25
C GLU B 201 5.29 58.64 -24.10
N TYR B 202 5.95 57.53 -24.40
CA TYR B 202 7.18 57.61 -25.18
C TYR B 202 6.92 57.91 -26.66
N ILE B 203 5.91 57.28 -27.26
CA ILE B 203 5.65 57.52 -28.68
C ILE B 203 5.11 58.93 -28.94
N GLU B 204 4.38 59.47 -27.97
CA GLU B 204 3.87 60.84 -28.07
C GLU B 204 5.06 61.77 -28.15
N LYS B 205 5.93 61.67 -27.15
CA LYS B 205 7.11 62.51 -27.05
C LYS B 205 8.06 62.25 -28.24
N PHE B 206 8.27 60.98 -28.58
CA PHE B 206 9.12 60.63 -29.72
C PHE B 206 8.71 61.30 -31.04
N LYS B 207 7.41 61.37 -31.28
CA LYS B 207 6.89 62.03 -32.48
C LYS B 207 7.35 63.48 -32.54
N ARG B 208 7.20 64.16 -31.39
CA ARG B 208 7.61 65.56 -31.20
C ARG B 208 9.10 65.77 -31.44
N GLU B 209 9.89 64.76 -31.10
CA GLU B 209 11.34 64.75 -31.32
C GLU B 209 11.70 64.14 -32.69
N GLY B 210 10.67 63.83 -33.48
CA GLY B 210 10.84 63.50 -34.89
C GLY B 210 11.54 62.21 -35.24
N ASN B 211 11.62 61.27 -34.29
CA ASN B 211 12.25 59.99 -34.58
C ASN B 211 11.20 58.97 -35.00
N GLU B 212 11.20 58.62 -36.30
CA GLU B 212 10.20 57.71 -36.82
C GLU B 212 10.53 56.22 -36.62
N LYS B 213 11.78 55.83 -36.87
CA LYS B 213 12.07 54.40 -36.88
C LYS B 213 12.22 53.83 -35.48
N GLU B 214 12.40 54.69 -34.49
CA GLU B 214 12.36 54.24 -33.10
C GLU B 214 10.93 53.86 -32.73
N ILE B 215 9.97 54.65 -33.21
CA ILE B 215 8.55 54.35 -33.06
C ILE B 215 8.23 53.00 -33.67
N GLN B 216 8.79 52.73 -34.85
CA GLN B 216 8.52 51.47 -35.53
C GLN B 216 9.08 50.27 -34.76
N ARG B 217 10.18 50.46 -34.03
CA ARG B 217 10.77 49.38 -33.24
C ARG B 217 9.86 49.01 -32.10
N ILE B 218 9.26 50.02 -31.48
CA ILE B 218 8.29 49.78 -30.42
C ILE B 218 7.06 49.08 -30.97
N MET B 219 6.54 49.58 -32.09
CA MET B 219 5.37 48.95 -32.71
C MET B 219 5.69 47.52 -33.16
N HIS B 220 6.90 47.33 -33.68
CA HIS B 220 7.37 46.01 -34.15
C HIS B 220 7.40 44.99 -32.99
N ASN B 221 7.98 45.38 -31.84
CA ASN B 221 7.93 44.52 -30.66
C ASN B 221 6.50 44.25 -30.21
N TYR B 222 5.63 45.24 -30.37
CA TYR B 222 4.25 45.08 -29.96
C TYR B 222 3.52 44.12 -30.89
N ASP B 223 3.83 44.21 -32.18
CA ASP B 223 3.31 43.24 -33.14
C ASP B 223 3.83 41.84 -32.79
N LYS B 224 5.09 41.76 -32.38
CA LYS B 224 5.68 40.46 -32.07
C LYS B 224 4.97 39.83 -30.87
N LEU B 225 4.66 40.66 -29.90
CA LEU B 225 4.03 40.21 -28.68
C LEU B 225 2.63 39.72 -28.99
N LYS B 226 1.86 40.52 -29.74
CA LYS B 226 0.49 40.18 -30.05
C LYS B 226 0.35 38.93 -30.92
N SER B 227 1.31 38.68 -31.80
CA SER B 227 1.20 37.51 -32.67
C SER B 227 1.59 36.27 -31.85
N ARG B 228 2.55 36.44 -30.95
CA ARG B 228 2.85 35.40 -29.98
C ARG B 228 1.57 34.99 -29.22
N ILE B 229 0.84 35.97 -28.74
CA ILE B 229 -0.41 35.70 -28.02
C ILE B 229 -1.38 34.91 -28.87
N SER B 230 -1.47 35.27 -30.15
CA SER B 230 -2.35 34.57 -31.07
C SER B 230 -1.94 33.09 -31.21
N GLU B 231 -0.65 32.82 -31.36
CA GLU B 231 -0.15 31.45 -31.37
C GLU B 231 -0.58 30.68 -30.13
N ILE B 232 -0.25 31.19 -28.96
CA ILE B 232 -0.55 30.49 -27.71
C ILE B 232 -2.06 30.22 -27.57
N ILE B 233 -2.88 31.19 -27.95
CA ILE B 233 -4.33 31.02 -27.83
C ILE B 233 -4.83 29.93 -28.79
N ASP B 234 -4.30 29.91 -30.00
CA ASP B 234 -4.71 28.91 -30.97
C ASP B 234 -4.21 27.51 -30.58
N SER B 235 -3.00 27.44 -30.02
CA SER B 235 -2.50 26.18 -29.51
C SER B 235 -3.36 25.63 -28.37
N ARG B 236 -3.80 26.52 -27.47
CA ARG B 236 -4.76 26.12 -26.46
C ARG B 236 -6.08 25.65 -27.09
N ARG B 237 -6.55 26.43 -28.06
CA ARG B 237 -7.77 26.12 -28.80
C ARG B 237 -7.72 24.69 -29.33
N ARG B 238 -6.60 24.32 -29.95
CA ARG B 238 -6.42 22.98 -30.47
C ARG B 238 -6.48 21.94 -29.36
N LEU B 239 -5.80 22.20 -28.24
CA LEU B 239 -5.80 21.24 -27.15
C LEU B 239 -7.21 21.10 -26.55
N GLU B 240 -7.96 22.20 -26.52
CA GLU B 240 -9.37 22.14 -26.10
C GLU B 240 -10.16 21.19 -27.00
N GLU B 241 -9.90 21.23 -28.31
CA GLU B 241 -10.50 20.29 -29.26
C GLU B 241 -10.14 18.84 -28.95
N ASP B 242 -8.84 18.56 -28.78
CA ASP B 242 -8.37 17.20 -28.50
C ASP B 242 -8.98 16.62 -27.25
N LEU B 243 -9.25 17.50 -26.28
CA LEU B 243 -9.78 17.05 -25.02
C LEU B 243 -11.21 16.60 -25.23
N LYS B 244 -11.96 17.35 -26.03
CA LYS B 244 -13.37 17.05 -26.28
C LYS B 244 -13.50 15.68 -26.92
N LYS B 245 -12.69 15.47 -27.97
CA LYS B 245 -12.59 14.17 -28.62
C LYS B 245 -12.30 13.05 -27.62
N GLN B 246 -11.26 13.21 -26.80
CA GLN B 246 -10.87 12.13 -25.90
C GLN B 246 -11.92 11.89 -24.82
N ALA B 247 -12.56 12.97 -24.39
CA ALA B 247 -13.59 12.89 -23.37
C ALA B 247 -14.73 12.04 -23.89
N ALA B 248 -15.03 12.20 -25.18
CA ALA B 248 -15.98 11.36 -25.88
C ALA B 248 -15.52 9.90 -25.97
N GLU B 249 -14.25 9.66 -26.31
CA GLU B 249 -13.77 8.28 -26.39
C GLU B 249 -13.77 7.64 -25.01
N TYR B 250 -13.48 8.42 -23.98
CA TYR B 250 -13.42 7.85 -22.64
C TYR B 250 -14.80 7.37 -22.25
N ARG B 251 -15.83 8.16 -22.55
CA ARG B 251 -17.18 7.76 -22.19
C ARG B 251 -17.62 6.53 -23.01
N GLU B 252 -17.11 6.41 -24.23
CA GLU B 252 -17.44 5.29 -25.09
C GLU B 252 -16.77 3.99 -24.63
N ILE B 253 -15.60 4.14 -24.04
CA ILE B 253 -14.90 2.99 -23.48
C ILE B 253 -15.62 2.57 -22.21
N ASP B 254 -16.19 3.55 -21.49
CA ASP B 254 -16.97 3.30 -20.28
C ASP B 254 -18.27 2.59 -20.64
N LYS B 255 -18.91 3.02 -21.72
CA LYS B 255 -20.11 2.34 -22.21
C LYS B 255 -19.78 0.87 -22.47
N ARG B 256 -18.77 0.64 -23.31
CA ARG B 256 -18.40 -0.72 -23.72
C ARG B 256 -18.12 -1.61 -22.53
N MET B 257 -17.44 -1.07 -21.53
CA MET B 257 -17.12 -1.85 -20.34
C MET B 257 -18.38 -2.20 -19.55
N ASN B 258 -19.36 -1.30 -19.56
CA ASN B 258 -20.59 -1.55 -18.81
C ASN B 258 -21.50 -2.59 -19.48
N SER B 259 -21.38 -2.73 -20.80
CA SER B 259 -22.11 -3.80 -21.47
C SER B 259 -21.43 -5.15 -21.19
N ILE B 260 -20.11 -5.18 -21.35
CA ILE B 260 -19.36 -6.43 -21.26
C ILE B 260 -19.44 -6.99 -19.83
N LYS B 261 -19.27 -6.13 -18.84
CA LYS B 261 -19.12 -6.55 -17.44
C LYS B 261 -20.22 -7.52 -16.95
N PRO B 262 -21.51 -7.13 -17.05
CA PRO B 262 -22.52 -8.08 -16.57
C PRO B 262 -22.53 -9.41 -17.34
N ASP B 263 -22.21 -9.36 -18.63
CA ASP B 263 -22.24 -10.57 -19.45
C ASP B 263 -21.09 -11.49 -19.07
N LEU B 264 -20.01 -10.85 -18.62
CA LEU B 264 -18.79 -11.56 -18.24
C LEU B 264 -19.02 -12.31 -16.93
N ILE B 265 -19.65 -11.64 -15.96
CA ILE B 265 -19.98 -12.26 -14.68
C ILE B 265 -20.87 -13.48 -14.89
N GLN B 266 -21.92 -13.30 -15.69
CA GLN B 266 -22.83 -14.42 -15.93
C GLN B 266 -22.09 -15.53 -16.69
N LEU B 267 -21.14 -15.17 -17.54
CA LEU B 267 -20.45 -16.19 -18.31
C LEU B 267 -19.61 -17.07 -17.40
N ARG B 268 -18.96 -16.44 -16.43
CA ARG B 268 -18.12 -17.13 -15.47
C ARG B 268 -18.94 -18.04 -14.59
N LYS B 269 -20.13 -17.58 -14.22
CA LYS B 269 -20.99 -18.34 -13.32
C LYS B 269 -21.51 -19.58 -14.01
N THR B 270 -21.78 -19.46 -15.30
CA THR B 270 -22.15 -20.61 -16.10
C THR B 270 -20.98 -21.60 -16.19
N ARG B 271 -19.81 -21.11 -16.60
CA ARG B 271 -18.66 -22.00 -16.70
C ARG B 271 -18.44 -22.67 -15.37
N ASP B 272 -18.51 -21.88 -14.29
CA ASP B 272 -18.16 -22.40 -12.98
C ASP B 272 -19.10 -23.53 -12.58
N GLN B 273 -20.35 -23.51 -13.01
CA GLN B 273 -21.18 -24.65 -12.64
C GLN B 273 -21.17 -25.79 -13.68
N TYR B 274 -20.64 -25.57 -14.87
CA TYR B 274 -20.50 -26.71 -15.76
C TYR B 274 -19.35 -27.54 -15.22
N LEU B 275 -18.36 -26.84 -14.70
CA LEU B 275 -17.23 -27.48 -14.08
C LEU B 275 -17.70 -28.25 -12.86
N MET B 276 -18.60 -27.66 -12.09
CA MET B 276 -19.15 -28.33 -10.92
C MET B 276 -19.95 -29.55 -11.37
N TRP B 277 -20.75 -29.39 -12.42
CA TRP B 277 -21.56 -30.48 -12.94
C TRP B 277 -20.67 -31.62 -13.41
N LEU B 278 -19.60 -31.27 -14.12
CA LEU B 278 -18.64 -32.25 -14.65
C LEU B 278 -18.01 -33.05 -13.53
N THR B 279 -17.65 -32.34 -12.46
CA THR B 279 -17.18 -32.98 -11.24
C THR B 279 -18.25 -33.88 -10.67
N GLN B 280 -19.50 -33.42 -10.69
CA GLN B 280 -20.57 -34.14 -10.02
C GLN B 280 -20.80 -35.55 -10.55
N LYS B 281 -21.02 -35.73 -11.85
CA LYS B 281 -20.97 -37.10 -12.36
C LYS B 281 -19.60 -37.30 -13.00
N GLY B 282 -18.76 -37.97 -12.24
CA GLY B 282 -17.37 -38.13 -12.54
C GLY B 282 -16.85 -38.77 -11.28
N VAL B 283 -15.72 -39.46 -11.38
CA VAL B 283 -15.29 -40.29 -10.28
C VAL B 283 -14.86 -39.40 -9.11
N ARG B 284 -15.40 -39.70 -7.93
CA ARG B 284 -15.09 -38.99 -6.68
C ARG B 284 -14.37 -39.89 -5.66
N GLN B 285 -13.53 -39.29 -4.82
CA GLN B 285 -12.81 -40.00 -3.77
C GLN B 285 -13.73 -40.82 -2.85
#